data_3IU3
#
_entry.id   3IU3
#
_cell.length_a   137.051
_cell.length_b   137.051
_cell.length_c   459.095
_cell.angle_alpha   90.00
_cell.angle_beta   90.00
_cell.angle_gamma   120.00
#
_symmetry.space_group_name_H-M   'P 65 2 2'
#
loop_
_entity.id
_entity.type
_entity.pdbx_description
1 polymer 'Heavy chain of Fab fragment of Basiliximab'
2 polymer 'Light chain of Fab fragment of Basiliximab'
3 polymer 'Interleukin-2 receptor alpha chain'
4 branched beta-D-mannopyranose-(1-4)-2-acetamido-2-deoxy-beta-D-glucopyranose-(1-4)-2-acetamido-2-deoxy-beta-D-glucopyranose
#
loop_
_entity_poly.entity_id
_entity_poly.type
_entity_poly.pdbx_seq_one_letter_code
_entity_poly.pdbx_strand_id
1 'polypeptide(L)'
;QLQQSGTVLARPGASVKMSCKASGYSFTRYWMHWIKQRPGQGLEWIGAIYPGNSDTSYNQKFEGKAKLTAVTSASTAYME
LSSLTHEDSAVYYCSRDYGYYFDFWGQGTTLTVSSASTKGPSVFPLAPSSKSTSGGTAALGCLVKDYFPEPVTVSWNSGA
LTSGVHTFPAVLQSSGLYSLSSVVTVPSSSLGTQTYICNVNHKPSNTKVDKRVEP
;
A,C,H
2 'polypeptide(L)'
;QIVSTQSPAIMSASPGEKVTMTCSASSSRSYMQWYQQKPGTSPKRWIYDTSKLASGVPARFSGSGSGTSYSLTISSMEAE
DAATYYCHQRSSYTFGGGTKLEIKRTVAAPSVFIFPPSDEQLKSGTASVVCLLNNFYPREAKVQWKVDNALQSGNSQESV
TEQDSKDSTYSLSSTLTLSKADYEKHKVYACEVTHQGLSSPVTKSFNRGE
;
B,D,L
3 'polypeptide(L)'
;ELCDDDPPEIPHATFKAMAYKEGTMLNCECKRGFRRIKSGSLYMLCTGNSSHSSWDNQCQCTSSATRNTTKQVTPQPEEQ
KERKTTEMQSPMQPVDQASLPGHCREPPPWENEATERIYHFVVGQMVYYQCVQGYRALHRGPAESVCKMTHGKTRWTQPQ
LICTGEMETSQFPGEEKPQASPEGRPESETSCLVTTTDFQIQTEMAATMETSIFTTEHHHHHH
;
I,J,K
#
# COMPACT_ATOMS: atom_id res chain seq x y z
N GLN A 1 14.78 46.13 -14.92
CA GLN A 1 13.29 46.17 -14.97
C GLN A 1 12.70 46.42 -13.59
N LEU A 2 12.81 45.43 -12.70
CA LEU A 2 12.24 45.52 -11.36
C LEU A 2 13.30 45.28 -10.28
N GLN A 3 13.76 46.39 -9.70
CA GLN A 3 14.86 46.39 -8.75
C GLN A 3 14.36 46.72 -7.35
N GLN A 4 14.48 45.77 -6.44
CA GLN A 4 14.04 45.93 -5.07
C GLN A 4 15.21 46.27 -4.15
N SER A 5 14.89 46.86 -3.00
CA SER A 5 15.90 47.23 -2.02
C SER A 5 16.50 46.01 -1.30
N GLY A 6 17.71 46.19 -0.77
CA GLY A 6 18.47 45.10 -0.15
C GLY A 6 17.92 44.57 1.16
N THR A 7 18.58 43.54 1.68
CA THR A 7 18.19 42.82 2.89
C THR A 7 17.99 43.77 4.07
N VAL A 8 16.84 43.65 4.74
CA VAL A 8 16.52 44.47 5.91
C VAL A 8 16.52 43.65 7.20
N LEU A 9 16.93 44.30 8.29
CA LEU A 9 16.85 43.76 9.65
C LEU A 9 15.89 44.63 10.47
N ALA A 10 15.15 44.03 11.38
CA ALA A 10 14.18 44.77 12.21
C ALA A 10 13.91 44.09 13.55
N ARG A 11 13.49 44.88 14.54
CA ARG A 11 13.15 44.36 15.87
C ARG A 11 11.63 44.27 16.03
N PRO A 12 11.15 43.38 16.92
CA PRO A 12 9.70 43.20 17.11
C PRO A 12 9.00 44.48 17.56
N GLY A 13 8.05 44.94 16.76
CA GLY A 13 7.29 46.14 17.07
C GLY A 13 7.59 47.25 16.11
N ALA A 14 8.76 47.20 15.50
CA ALA A 14 9.20 48.25 14.58
C ALA A 14 8.38 48.26 13.29
N SER A 15 8.71 49.21 12.41
CA SER A 15 8.15 49.27 11.07
C SER A 15 9.29 49.17 10.07
N VAL A 16 8.95 48.94 8.80
CA VAL A 16 9.94 48.88 7.74
C VAL A 16 9.33 49.23 6.39
N LYS A 17 10.05 50.01 5.60
CA LYS A 17 9.62 50.43 4.28
C LYS A 17 10.60 49.92 3.23
N MET A 18 10.12 49.06 2.34
CA MET A 18 10.94 48.57 1.24
C MET A 18 10.47 49.12 -0.10
N SER A 19 11.37 49.16 -1.08
CA SER A 19 11.09 49.77 -2.37
C SER A 19 11.22 48.78 -3.53
N CYS A 20 10.71 49.20 -4.70
CA CYS A 20 10.71 48.39 -5.89
C CYS A 20 10.72 49.31 -7.10
N LYS A 21 11.91 49.62 -7.61
CA LYS A 21 12.07 50.60 -8.67
C LYS A 21 11.85 50.00 -10.06
N ALA A 22 10.79 50.49 -10.72
CA ALA A 22 10.47 50.09 -12.08
C ALA A 22 11.28 50.87 -13.10
N SER A 23 11.61 50.21 -14.22
CA SER A 23 12.36 50.84 -15.30
C SER A 23 12.18 50.13 -16.63
N GLY A 24 12.04 50.89 -17.70
CA GLY A 24 11.94 50.34 -19.04
C GLY A 24 10.52 50.11 -19.51
N TYR A 25 9.57 50.78 -18.86
CA TYR A 25 8.15 50.71 -19.22
C TYR A 25 7.37 51.77 -18.43
N SER A 26 6.19 52.12 -18.93
CA SER A 26 5.36 53.15 -18.30
C SER A 26 4.81 52.69 -16.95
N PHE A 27 5.43 53.21 -15.89
CA PHE A 27 5.10 52.89 -14.50
C PHE A 27 3.61 53.13 -14.15
N THR A 28 2.99 54.06 -14.87
CA THR A 28 1.63 54.52 -14.61
C THR A 28 0.55 53.52 -15.01
N ARG A 29 0.82 52.73 -16.05
CA ARG A 29 -0.20 51.95 -16.73
C ARG A 29 -0.40 50.49 -16.26
N TYR A 30 0.34 50.09 -15.23
CA TYR A 30 0.37 48.69 -14.80
C TYR A 30 0.10 48.53 -13.32
N TRP A 31 -0.59 47.46 -12.96
CA TRP A 31 -0.81 47.11 -11.56
C TRP A 31 0.45 46.47 -10.97
N MET A 32 0.79 46.87 -9.76
CA MET A 32 1.99 46.39 -9.07
C MET A 32 1.59 45.56 -7.85
N HIS A 33 1.95 44.27 -7.88
CA HIS A 33 1.58 43.34 -6.81
C HIS A 33 2.73 43.04 -5.85
N TRP A 34 2.40 42.80 -4.58
CA TRP A 34 3.39 42.42 -3.57
C TRP A 34 3.07 41.05 -3.00
N ILE A 35 4.08 40.20 -2.87
CA ILE A 35 3.88 38.80 -2.51
C ILE A 35 4.88 38.35 -1.45
N LYS A 36 4.35 37.79 -0.36
CA LYS A 36 5.14 37.32 0.77
C LYS A 36 5.47 35.83 0.59
N GLN A 37 6.65 35.41 1.05
CA GLN A 37 7.00 34.00 1.08
C GLN A 37 7.86 33.68 2.29
N ARG A 38 7.25 33.09 3.31
CA ARG A 38 7.97 32.70 4.53
C ARG A 38 8.90 31.52 4.26
N PRO A 39 10.08 31.50 4.91
CA PRO A 39 11.06 30.42 4.75
C PRO A 39 10.38 29.06 4.78
N GLY A 40 10.59 28.26 3.74
CA GLY A 40 10.00 26.93 3.64
C GLY A 40 8.61 26.91 3.03
N GLN A 41 7.71 27.75 3.54
CA GLN A 41 6.30 27.79 3.10
C GLN A 41 6.06 28.33 1.68
N GLY A 42 4.79 28.67 1.41
CA GLY A 42 4.36 29.07 0.07
C GLY A 42 4.24 30.56 -0.15
N LEU A 43 3.54 30.93 -1.23
CA LEU A 43 3.36 32.33 -1.61
C LEU A 43 2.08 32.90 -1.03
N GLU A 44 2.13 34.16 -0.58
CA GLU A 44 0.95 34.87 -0.09
C GLU A 44 0.82 36.20 -0.78
N TRP A 45 -0.37 36.48 -1.30
CA TRP A 45 -0.66 37.77 -1.90
C TRP A 45 -0.86 38.82 -0.82
N ILE A 46 -0.10 39.91 -0.90
CA ILE A 46 -0.21 40.99 0.07
C ILE A 46 -1.26 42.01 -0.38
N GLY A 47 -1.14 42.44 -1.64
CA GLY A 47 -2.04 43.42 -2.22
C GLY A 47 -1.52 43.94 -3.55
N ALA A 48 -2.22 44.93 -4.11
CA ALA A 48 -1.82 45.56 -5.36
C ALA A 48 -2.06 47.06 -5.32
N ILE A 49 -1.45 47.78 -6.26
CA ILE A 49 -1.58 49.24 -6.37
C ILE A 49 -1.47 49.70 -7.82
N TYR A 50 -2.31 50.64 -8.21
CA TYR A 50 -2.24 51.26 -9.53
C TYR A 50 -1.62 52.64 -9.34
N PRO A 51 -0.36 52.82 -9.76
CA PRO A 51 0.38 54.05 -9.54
C PRO A 51 -0.15 55.25 -10.33
N GLY A 52 -1.12 55.01 -11.22
CA GLY A 52 -1.76 56.08 -11.97
C GLY A 52 -2.68 56.94 -11.13
N ASN A 53 -3.28 56.34 -10.12
CA ASN A 53 -4.23 57.03 -9.25
C ASN A 53 -4.14 56.55 -7.80
N SER A 54 -3.13 55.74 -7.52
CA SER A 54 -2.89 55.15 -6.20
C SER A 54 -4.07 54.35 -5.63
N ASP A 55 -4.86 53.76 -6.53
CA ASP A 55 -5.92 52.82 -6.15
C ASP A 55 -5.29 51.52 -5.64
N THR A 56 -5.44 51.26 -4.35
CA THR A 56 -4.86 50.07 -3.75
C THR A 56 -5.93 49.04 -3.38
N SER A 57 -5.51 47.78 -3.28
CA SER A 57 -6.37 46.68 -2.82
C SER A 57 -5.53 45.73 -1.99
N TYR A 58 -6.11 45.18 -0.93
CA TYR A 58 -5.37 44.35 0.02
C TYR A 58 -5.99 43.00 0.27
N ASN A 59 -5.14 42.03 0.58
CA ASN A 59 -5.56 40.79 1.18
C ASN A 59 -6.06 41.12 2.58
N GLN A 60 -7.12 40.45 3.02
CA GLN A 60 -7.73 40.75 4.32
C GLN A 60 -6.77 40.54 5.51
N LYS A 61 -5.81 39.63 5.36
CA LYS A 61 -4.83 39.32 6.41
C LYS A 61 -3.88 40.49 6.69
N PHE A 62 -3.72 41.39 5.72
CA PHE A 62 -2.70 42.43 5.77
C PHE A 62 -3.26 43.85 5.77
N GLU A 63 -4.57 44.00 5.99
CA GLU A 63 -5.24 45.30 5.95
C GLU A 63 -4.49 46.38 6.74
N GLY A 64 -4.19 46.09 8.00
CA GLY A 64 -3.51 47.05 8.88
C GLY A 64 -2.03 46.82 9.06
N LYS A 65 -1.50 45.77 8.42
CA LYS A 65 -0.06 45.50 8.51
C LYS A 65 0.74 46.11 7.36
N ALA A 66 0.19 45.99 6.15
CA ALA A 66 0.87 46.54 4.97
C ALA A 66 0.24 47.83 4.49
N LYS A 67 1.10 48.75 4.04
CA LYS A 67 0.67 50.00 3.43
C LYS A 67 1.39 50.16 2.10
N LEU A 68 0.61 50.24 1.02
CA LEU A 68 1.16 50.33 -0.33
C LEU A 68 1.06 51.74 -0.89
N THR A 69 2.21 52.29 -1.30
CA THR A 69 2.29 53.64 -1.87
C THR A 69 3.19 53.64 -3.11
N ALA A 70 3.14 54.71 -3.88
CA ALA A 70 3.98 54.85 -5.08
C ALA A 70 4.35 56.31 -5.31
N VAL A 71 5.54 56.53 -5.87
CA VAL A 71 6.01 57.87 -6.23
C VAL A 71 6.28 57.89 -7.73
N THR A 72 5.31 58.37 -8.49
CA THR A 72 5.34 58.34 -9.96
C THR A 72 6.60 58.96 -10.53
N SER A 73 7.07 60.03 -9.89
CA SER A 73 8.26 60.77 -10.34
C SER A 73 9.57 59.99 -10.16
N ALA A 74 9.55 58.97 -9.30
CA ALA A 74 10.71 58.12 -9.08
C ALA A 74 10.61 56.77 -9.81
N SER A 75 9.40 56.44 -10.28
CA SER A 75 9.07 55.12 -10.86
C SER A 75 9.28 54.00 -9.84
N THR A 76 8.92 54.26 -8.59
CA THR A 76 9.19 53.34 -7.49
C THR A 76 7.93 53.07 -6.67
N ALA A 77 7.63 51.79 -6.48
CA ALA A 77 6.56 51.38 -5.59
C ALA A 77 7.14 51.07 -4.21
N TYR A 78 6.38 51.42 -3.17
CA TYR A 78 6.83 51.21 -1.80
C TYR A 78 5.83 50.36 -1.04
N MET A 79 6.34 49.67 -0.02
CA MET A 79 5.51 48.95 0.93
C MET A 79 6.05 49.12 2.34
N GLU A 80 5.23 49.71 3.20
CA GLU A 80 5.56 49.86 4.60
C GLU A 80 4.85 48.77 5.40
N LEU A 81 5.55 48.23 6.40
CA LEU A 81 5.10 47.04 7.10
C LEU A 81 5.21 47.26 8.62
N SER A 82 4.06 47.30 9.29
CA SER A 82 4.00 47.81 10.67
C SER A 82 3.94 46.75 11.77
N SER A 83 4.30 47.17 12.98
CA SER A 83 4.36 46.31 14.18
C SER A 83 4.80 44.89 13.84
N LEU A 84 6.05 44.78 13.41
CA LEU A 84 6.62 43.54 12.89
C LEU A 84 6.80 42.47 13.96
N THR A 85 6.41 41.24 13.61
CA THR A 85 6.65 40.07 14.43
C THR A 85 7.55 39.09 13.69
N HIS A 86 7.84 37.97 14.34
CA HIS A 86 8.65 36.90 13.76
C HIS A 86 8.04 36.32 12.48
N GLU A 87 6.71 36.38 12.38
CA GLU A 87 5.99 35.81 11.25
C GLU A 87 6.03 36.70 10.00
N ASP A 88 6.75 37.83 10.11
CA ASP A 88 6.93 38.74 9.00
C ASP A 88 8.27 38.53 8.33
N SER A 89 9.16 37.81 9.02
CA SER A 89 10.43 37.40 8.46
C SER A 89 10.16 36.51 7.25
N ALA A 90 10.40 37.06 6.06
CA ALA A 90 10.10 36.37 4.82
C ALA A 90 10.87 37.01 3.67
N VAL A 91 10.54 36.58 2.45
CA VAL A 91 11.06 37.18 1.23
C VAL A 91 9.89 37.84 0.50
N TYR A 92 10.05 39.12 0.18
CA TYR A 92 8.97 39.92 -0.40
C TYR A 92 9.26 40.27 -1.85
N TYR A 93 8.32 39.88 -2.73
CA TYR A 93 8.45 40.08 -4.16
C TYR A 93 7.46 41.12 -4.66
N CYS A 94 7.93 42.06 -5.48
CA CYS A 94 7.03 42.90 -6.27
C CYS A 94 7.03 42.40 -7.71
N SER A 95 5.87 42.45 -8.36
CA SER A 95 5.75 41.98 -9.73
C SER A 95 4.75 42.80 -10.53
N ARG A 96 5.00 42.92 -11.83
CA ARG A 96 4.11 43.63 -12.74
C ARG A 96 2.99 42.69 -13.18
N ASP A 97 1.80 43.24 -13.40
CA ASP A 97 0.64 42.45 -13.79
C ASP A 97 0.33 42.64 -15.28
N TYR A 98 0.37 41.53 -16.02
CA TYR A 98 0.15 41.52 -17.47
C TYR A 98 -1.27 41.04 -17.77
N GLY A 99 -2.12 41.04 -16.74
CA GLY A 99 -3.51 40.62 -16.87
C GLY A 99 -3.62 39.12 -16.88
N TYR A 100 -3.07 38.51 -17.94
CA TYR A 100 -2.96 37.06 -18.07
C TYR A 100 -2.24 36.43 -16.88
N TYR A 101 -1.15 37.07 -16.45
CA TYR A 101 -0.29 36.58 -15.39
C TYR A 101 0.64 37.68 -14.92
N PHE A 102 1.39 37.42 -13.84
CA PHE A 102 2.46 38.34 -13.45
C PHE A 102 3.71 38.02 -14.27
N ASP A 103 4.10 38.93 -15.15
CA ASP A 103 5.13 38.63 -16.14
C ASP A 103 6.57 38.97 -15.75
N PHE A 104 6.75 39.91 -14.83
CA PHE A 104 8.08 40.26 -14.32
C PHE A 104 8.08 40.40 -12.80
N TRP A 105 9.12 39.87 -12.17
CA TRP A 105 9.23 39.91 -10.72
C TRP A 105 10.57 40.52 -10.31
N GLY A 106 10.61 41.11 -9.12
CA GLY A 106 11.87 41.57 -8.55
C GLY A 106 12.66 40.40 -8.00
N GLN A 107 13.91 40.64 -7.62
CA GLN A 107 14.76 39.61 -7.01
C GLN A 107 14.35 39.32 -5.58
N GLY A 108 13.49 40.16 -5.02
CA GLY A 108 12.99 39.96 -3.68
C GLY A 108 13.77 40.68 -2.61
N THR A 109 13.12 40.89 -1.47
CA THR A 109 13.73 41.52 -0.32
C THR A 109 13.53 40.62 0.88
N THR A 110 14.63 40.27 1.53
CA THR A 110 14.57 39.44 2.71
C THR A 110 14.47 40.31 3.95
N LEU A 111 13.34 40.21 4.63
CA LEU A 111 13.16 40.85 5.91
C LEU A 111 13.42 39.81 6.99
N THR A 112 14.29 40.15 7.94
CA THR A 112 14.46 39.36 9.14
C THR A 112 14.04 40.22 10.34
N VAL A 113 13.17 39.68 11.17
CA VAL A 113 12.69 40.38 12.36
C VAL A 113 13.09 39.58 13.58
N SER A 114 13.84 40.22 14.47
CA SER A 114 14.41 39.56 15.64
C SER A 114 14.91 40.58 16.65
N SER A 115 15.07 40.14 17.89
CA SER A 115 15.61 41.00 18.93
C SER A 115 17.08 40.67 19.17
N ALA A 116 17.61 39.78 18.33
CA ALA A 116 19.04 39.48 18.35
C ALA A 116 19.79 40.58 17.59
N SER A 117 21.03 40.80 17.98
CA SER A 117 21.87 41.73 17.23
C SER A 117 22.90 40.97 16.43
N THR A 118 23.44 41.63 15.39
CA THR A 118 24.43 41.05 14.50
C THR A 118 25.55 40.40 15.30
N LYS A 119 25.82 39.13 15.00
CA LYS A 119 26.86 38.39 15.68
C LYS A 119 27.56 37.45 14.70
N GLY A 120 28.89 37.47 14.73
CA GLY A 120 29.68 36.57 13.93
C GLY A 120 29.65 35.19 14.55
N PRO A 121 29.81 34.14 13.71
CA PRO A 121 29.73 32.76 14.18
C PRO A 121 31.00 32.30 14.88
N SER A 122 30.84 31.35 15.79
CA SER A 122 31.96 30.56 16.28
C SER A 122 32.09 29.35 15.34
N VAL A 123 33.30 29.06 14.91
CA VAL A 123 33.53 27.94 13.98
C VAL A 123 34.33 26.82 14.65
N PHE A 124 33.66 25.69 14.86
CA PHE A 124 34.26 24.55 15.52
C PHE A 124 34.54 23.42 14.53
N PRO A 125 35.66 22.72 14.73
CA PRO A 125 35.96 21.62 13.81
C PRO A 125 35.13 20.36 14.08
N LEU A 126 34.76 19.66 13.02
CA LEU A 126 34.19 18.31 13.13
C LEU A 126 35.27 17.33 12.68
N ALA A 127 36.04 16.87 13.66
CA ALA A 127 37.26 16.11 13.43
C ALA A 127 36.97 14.67 12.99
N PRO A 128 37.67 14.19 11.95
CA PRO A 128 37.50 12.80 11.53
C PRO A 128 38.14 11.83 12.50
N SER A 129 37.52 10.66 12.66
CA SER A 129 38.02 9.57 13.52
C SER A 129 37.53 8.22 12.99
N SER A 130 37.68 7.17 13.79
CA SER A 130 37.18 5.84 13.46
C SER A 130 35.65 5.93 13.37
N LYS A 131 35.04 6.51 14.40
CA LYS A 131 33.69 7.04 14.28
C LYS A 131 33.80 8.17 13.26
N SER A 132 32.92 8.18 12.27
CA SER A 132 32.99 9.18 11.19
C SER A 132 33.78 8.64 9.99
N THR A 133 34.06 7.34 10.03
CA THR A 133 34.54 6.60 8.85
C THR A 133 33.47 5.60 8.41
N SER A 134 33.30 5.45 7.11
CA SER A 134 32.42 4.43 6.54
C SER A 134 33.09 3.77 5.33
N GLY A 135 33.73 2.63 5.57
CA GLY A 135 34.44 1.91 4.53
C GLY A 135 35.62 2.72 4.02
N GLY A 136 35.67 2.92 2.71
CA GLY A 136 36.75 3.68 2.08
C GLY A 136 36.68 5.18 2.32
N THR A 137 35.54 5.64 2.83
CA THR A 137 35.26 7.07 2.99
C THR A 137 35.45 7.52 4.44
N ALA A 138 35.93 8.76 4.60
CA ALA A 138 35.88 9.47 5.88
C ALA A 138 35.09 10.75 5.70
N ALA A 139 34.40 11.17 6.75
CA ALA A 139 33.65 12.42 6.71
C ALA A 139 34.19 13.43 7.73
N LEU A 140 34.34 14.67 7.28
CA LEU A 140 34.80 15.76 8.15
C LEU A 140 34.03 17.04 7.86
N GLY A 141 34.10 18.01 8.76
CA GLY A 141 33.37 19.26 8.56
C GLY A 141 33.62 20.38 9.56
N CYS A 142 32.76 21.39 9.46
CA CYS A 142 32.83 22.56 10.33
C CYS A 142 31.46 22.84 10.90
N LEU A 143 31.44 23.11 12.20
CA LEU A 143 30.24 23.55 12.88
C LEU A 143 30.28 25.07 12.96
N VAL A 144 29.29 25.72 12.35
CA VAL A 144 29.21 27.18 12.31
C VAL A 144 28.09 27.62 13.23
N LYS A 145 28.46 28.04 14.44
CA LYS A 145 27.48 28.19 15.52
C LYS A 145 27.29 29.63 16.01
N ASP A 146 26.03 29.93 16.34
CA ASP A 146 25.63 31.16 17.05
C ASP A 146 25.87 32.46 16.25
N TYR A 147 25.20 32.58 15.11
CA TYR A 147 25.34 33.79 14.30
C TYR A 147 24.01 34.42 13.93
N PHE A 148 24.04 35.73 13.71
CA PHE A 148 22.90 36.50 13.23
C PHE A 148 23.39 37.70 12.43
N PRO A 149 22.75 38.00 11.28
CA PRO A 149 21.68 37.25 10.63
C PRO A 149 22.22 36.24 9.61
N GLU A 150 21.33 35.70 8.78
CA GLU A 150 21.73 34.98 7.58
C GLU A 150 22.19 36.02 6.54
N PRO A 151 23.13 35.66 5.64
CA PRO A 151 23.74 34.36 5.40
C PRO A 151 25.19 34.23 5.86
N VAL A 152 25.62 33.00 6.08
CA VAL A 152 27.03 32.69 6.20
C VAL A 152 27.46 32.04 4.88
N THR A 153 28.77 31.99 4.63
CA THR A 153 29.28 31.37 3.40
C THR A 153 30.41 30.44 3.76
N VAL A 154 30.33 29.20 3.25
CA VAL A 154 31.37 28.22 3.53
C VAL A 154 31.95 27.64 2.25
N SER A 155 33.28 27.71 2.14
CA SER A 155 34.02 27.03 1.09
C SER A 155 35.09 26.17 1.76
N TRP A 156 35.60 25.20 1.02
CA TRP A 156 36.64 24.31 1.51
C TRP A 156 37.90 24.47 0.67
N ASN A 157 39.03 24.68 1.35
CA ASN A 157 40.32 24.93 0.68
C ASN A 157 40.26 26.07 -0.33
N SER A 158 39.82 27.25 0.10
CA SER A 158 39.65 28.42 -0.77
C SER A 158 38.86 28.14 -2.05
N GLY A 159 37.90 27.22 -1.95
CA GLY A 159 37.05 26.87 -3.08
C GLY A 159 37.62 25.82 -4.00
N ALA A 160 38.76 25.24 -3.63
CA ALA A 160 39.40 24.20 -4.43
C ALA A 160 38.63 22.88 -4.34
N LEU A 161 38.02 22.62 -3.18
CA LEU A 161 37.25 21.41 -2.92
C LEU A 161 35.75 21.66 -3.08
N THR A 162 35.10 20.80 -3.86
CA THR A 162 33.69 20.99 -4.23
C THR A 162 32.91 19.69 -4.11
N SER A 163 33.41 18.64 -4.77
CA SER A 163 32.80 17.32 -4.70
C SER A 163 32.76 16.80 -3.26
N GLY A 164 31.61 16.26 -2.88
CA GLY A 164 31.43 15.67 -1.56
C GLY A 164 31.01 16.67 -0.49
N VAL A 165 31.00 17.96 -0.84
CA VAL A 165 30.63 19.00 0.09
C VAL A 165 29.12 19.10 0.23
N HIS A 166 28.64 19.00 1.47
CA HIS A 166 27.27 19.32 1.81
C HIS A 166 27.25 20.36 2.91
N THR A 167 26.65 21.50 2.61
CA THR A 167 26.46 22.56 3.60
C THR A 167 24.97 22.69 3.91
N PHE A 168 24.60 22.33 5.13
CA PHE A 168 23.20 22.21 5.49
C PHE A 168 22.53 23.57 5.68
N PRO A 169 21.21 23.64 5.40
CA PRO A 169 20.47 24.86 5.68
C PRO A 169 20.61 25.26 7.15
N ALA A 170 20.61 26.56 7.41
CA ALA A 170 20.71 27.06 8.77
C ALA A 170 19.42 26.80 9.54
N VAL A 171 19.56 26.42 10.80
CA VAL A 171 18.41 26.33 11.70
C VAL A 171 18.43 27.46 12.72
N LEU A 172 17.27 28.07 12.93
CA LEU A 172 17.15 29.10 13.95
C LEU A 172 17.07 28.45 15.33
N GLN A 173 18.06 28.75 16.17
CA GLN A 173 18.07 28.24 17.54
C GLN A 173 17.09 29.01 18.42
N SER A 174 16.82 28.49 19.61
CA SER A 174 15.88 29.14 20.53
C SER A 174 16.46 30.43 21.12
N SER A 175 17.79 30.51 21.16
CA SER A 175 18.50 31.69 21.65
C SER A 175 18.39 32.88 20.71
N GLY A 176 17.93 32.64 19.49
CA GLY A 176 17.72 33.70 18.50
C GLY A 176 18.76 33.73 17.39
N LEU A 177 19.81 32.93 17.54
CA LEU A 177 20.91 32.89 16.57
C LEU A 177 20.81 31.66 15.65
N TYR A 178 21.44 31.75 14.49
CA TYR A 178 21.44 30.64 13.54
C TYR A 178 22.64 29.72 13.74
N SER A 179 22.52 28.52 13.20
CA SER A 179 23.58 27.53 13.26
C SER A 179 23.43 26.57 12.10
N LEU A 180 24.56 26.11 11.58
CA LEU A 180 24.59 25.09 10.53
C LEU A 180 25.91 24.33 10.58
N SER A 181 25.98 23.23 9.83
CA SER A 181 27.21 22.47 9.67
C SER A 181 27.55 22.37 8.19
N SER A 182 28.84 22.42 7.90
CA SER A 182 29.33 22.15 6.56
C SER A 182 30.18 20.89 6.64
N VAL A 183 29.97 19.99 5.69
CA VAL A 183 30.49 18.63 5.77
C VAL A 183 30.98 18.17 4.40
N VAL A 184 32.11 17.47 4.38
CA VAL A 184 32.65 16.90 3.15
C VAL A 184 33.12 15.47 3.38
N THR A 185 32.87 14.60 2.41
CA THR A 185 33.34 13.22 2.44
C THR A 185 34.55 13.05 1.54
N VAL A 186 35.57 12.39 2.04
CA VAL A 186 36.83 12.17 1.31
C VAL A 186 37.28 10.71 1.43
N PRO A 187 38.22 10.27 0.56
CA PRO A 187 38.90 9.00 0.80
C PRO A 187 39.70 9.01 2.12
N SER A 188 39.70 7.89 2.82
CA SER A 188 40.39 7.76 4.11
C SER A 188 41.91 7.87 3.95
N SER A 189 42.42 7.39 2.82
CA SER A 189 43.84 7.41 2.51
C SER A 189 44.38 8.83 2.30
N SER A 190 43.56 9.68 1.72
CA SER A 190 43.93 11.08 1.46
C SER A 190 43.88 11.95 2.71
N LEU A 191 43.51 11.34 3.84
CA LEU A 191 43.44 12.06 5.11
C LEU A 191 44.81 12.43 5.64
N GLY A 192 45.83 11.64 5.25
CA GLY A 192 47.21 11.89 5.65
C GLY A 192 47.90 12.92 4.78
N THR A 193 47.68 12.81 3.46
CA THR A 193 48.31 13.69 2.48
C THR A 193 47.66 15.06 2.40
N GLN A 194 46.35 15.07 2.11
CA GLN A 194 45.59 16.30 1.91
C GLN A 194 45.21 17.01 3.20
N THR A 195 45.31 18.34 3.17
CA THR A 195 44.95 19.20 4.30
C THR A 195 43.60 19.87 4.05
N TYR A 196 42.77 19.95 5.10
CA TYR A 196 41.39 20.42 4.96
C TYR A 196 41.05 21.65 5.83
N ILE A 197 40.75 22.75 5.17
CA ILE A 197 40.38 24.01 5.81
C ILE A 197 39.03 24.49 5.30
N CYS A 198 38.11 24.78 6.21
CA CYS A 198 36.87 25.44 5.81
C CYS A 198 36.99 26.95 5.97
N ASN A 199 36.44 27.67 5.00
CA ASN A 199 36.48 29.13 4.98
C ASN A 199 35.09 29.70 5.24
N VAL A 200 34.88 30.15 6.47
CA VAL A 200 33.59 30.67 6.90
C VAL A 200 33.58 32.19 6.84
N ASN A 201 32.71 32.74 6.02
CA ASN A 201 32.60 34.18 5.86
C ASN A 201 31.21 34.69 6.19
N HIS A 202 31.14 35.65 7.13
CA HIS A 202 29.88 36.25 7.52
C HIS A 202 29.92 37.76 7.32
N LYS A 203 29.55 38.19 6.13
CA LYS A 203 29.63 39.60 5.73
C LYS A 203 28.88 40.59 6.64
N PRO A 204 27.66 40.24 7.11
CA PRO A 204 26.96 41.16 7.99
C PRO A 204 27.77 41.65 9.20
N SER A 205 28.69 40.83 9.69
CA SER A 205 29.48 41.16 10.88
C SER A 205 30.95 41.46 10.57
N ASN A 206 31.30 41.50 9.28
CA ASN A 206 32.68 41.69 8.83
C ASN A 206 33.67 40.65 9.34
N THR A 207 33.17 39.59 9.99
CA THR A 207 34.03 38.52 10.47
C THR A 207 34.30 37.49 9.37
N LYS A 208 35.42 36.79 9.50
CA LYS A 208 35.78 35.68 8.61
C LYS A 208 36.87 34.86 9.29
N VAL A 209 36.62 33.56 9.43
CA VAL A 209 37.61 32.67 10.02
C VAL A 209 37.93 31.49 9.11
N ASP A 210 39.20 31.10 9.09
CA ASP A 210 39.64 29.88 8.42
C ASP A 210 39.99 28.85 9.48
N LYS A 211 39.25 27.75 9.50
CA LYS A 211 39.48 26.69 10.48
C LYS A 211 40.07 25.45 9.82
N ARG A 212 41.17 24.95 10.40
CA ARG A 212 41.81 23.74 9.92
C ARG A 212 41.22 22.52 10.62
N VAL A 213 40.75 21.56 9.82
CA VAL A 213 40.19 20.32 10.34
C VAL A 213 41.17 19.17 10.15
N GLU A 214 41.35 18.38 11.20
CA GLU A 214 42.33 17.30 11.21
C GLU A 214 42.03 16.25 12.29
N PRO A 215 42.57 15.02 12.12
CA PRO A 215 42.34 13.90 13.05
C PRO A 215 42.84 14.15 14.48
N GLN B 1 -14.25 35.09 0.00
CA GLN B 1 -12.88 35.19 -0.61
C GLN B 1 -12.42 33.82 -1.11
N ILE B 2 -11.94 33.79 -2.36
CA ILE B 2 -11.58 32.54 -3.03
C ILE B 2 -10.25 31.98 -2.49
N VAL B 3 -10.22 30.67 -2.27
CA VAL B 3 -9.08 30.01 -1.64
C VAL B 3 -8.67 28.73 -2.40
N SER B 4 -7.41 28.67 -2.82
CA SER B 4 -6.89 27.53 -3.57
C SER B 4 -6.23 26.49 -2.67
N THR B 5 -6.44 25.22 -3.01
CA THR B 5 -5.83 24.10 -2.29
C THR B 5 -5.23 23.09 -3.27
N GLN B 6 -3.96 22.78 -3.07
CA GLN B 6 -3.22 21.92 -3.98
C GLN B 6 -2.90 20.57 -3.39
N SER B 7 -3.05 19.53 -4.21
CA SER B 7 -2.68 18.17 -3.80
C SER B 7 -1.90 17.50 -4.91
N PRO B 8 -0.76 16.87 -4.58
CA PRO B 8 -0.20 16.77 -3.22
C PRO B 8 0.74 17.90 -2.86
N ALA B 9 1.20 17.92 -1.61
CA ALA B 9 2.23 18.87 -1.17
C ALA B 9 3.60 18.52 -1.73
N ILE B 10 3.94 17.23 -1.69
CA ILE B 10 5.22 16.73 -2.20
C ILE B 10 5.00 15.43 -2.97
N MET B 11 5.58 15.34 -4.16
CA MET B 11 5.50 14.13 -4.96
C MET B 11 6.79 13.83 -5.73
N SER B 12 7.07 12.55 -5.92
CA SER B 12 8.28 12.10 -6.61
C SER B 12 7.95 11.47 -7.96
N ALA B 13 8.81 11.73 -8.93
CA ALA B 13 8.63 11.17 -10.26
C ALA B 13 9.96 10.68 -10.81
N SER B 14 9.96 9.45 -11.33
CA SER B 14 11.10 8.93 -12.07
C SER B 14 11.10 9.57 -13.44
N PRO B 15 12.29 9.80 -14.02
CA PRO B 15 12.35 10.33 -15.39
C PRO B 15 11.54 9.47 -16.35
N GLY B 16 10.62 10.09 -17.07
CA GLY B 16 9.74 9.38 -18.00
C GLY B 16 8.30 9.19 -17.52
N GLU B 17 8.12 9.05 -16.20
CA GLU B 17 6.79 8.90 -15.61
C GLU B 17 5.87 10.06 -15.96
N LYS B 18 4.58 9.76 -16.11
CA LYS B 18 3.56 10.80 -16.22
C LYS B 18 3.31 11.38 -14.82
N VAL B 19 3.34 12.70 -14.70
CA VAL B 19 3.03 13.31 -13.40
C VAL B 19 1.78 14.22 -13.46
N THR B 20 0.95 14.09 -12.44
CA THR B 20 -0.30 14.83 -12.35
C THR B 20 -0.41 15.47 -10.97
N MET B 21 -0.76 16.76 -10.93
CA MET B 21 -0.96 17.46 -9.67
C MET B 21 -2.23 18.30 -9.72
N THR B 22 -2.96 18.33 -8.61
CA THR B 22 -4.33 18.88 -8.57
C THR B 22 -4.42 20.18 -7.77
N CYS B 23 -5.28 21.09 -8.24
CA CYS B 23 -5.61 22.32 -7.54
C CYS B 23 -7.12 22.53 -7.61
N SER B 24 -7.76 22.69 -6.46
CA SER B 24 -9.20 22.88 -6.45
C SER B 24 -9.64 24.17 -5.76
N ALA B 25 -10.58 24.85 -6.39
CA ALA B 25 -11.14 26.10 -5.88
C ALA B 25 -12.21 25.87 -4.81
N SER B 26 -12.36 26.84 -3.91
CA SER B 26 -13.45 26.82 -2.92
C SER B 26 -14.76 27.33 -3.55
N SER B 27 -14.63 28.11 -4.62
CA SER B 27 -15.77 28.63 -5.36
C SER B 27 -15.41 28.61 -6.84
N SER B 28 -16.42 28.46 -7.70
CA SER B 28 -16.20 28.38 -9.15
C SER B 28 -15.28 29.47 -9.68
N ARG B 29 -14.44 29.10 -10.66
CA ARG B 29 -13.53 30.03 -11.32
C ARG B 29 -13.55 29.81 -12.82
N SER B 30 -13.14 30.84 -13.57
CA SER B 30 -13.13 30.77 -15.02
C SER B 30 -11.81 30.21 -15.54
N TYR B 31 -10.70 30.74 -15.01
CA TYR B 31 -9.37 30.32 -15.45
C TYR B 31 -8.49 30.02 -14.26
N MET B 32 -7.47 29.20 -14.50
CA MET B 32 -6.46 28.88 -13.50
C MET B 32 -5.07 29.09 -14.07
N GLN B 33 -4.22 29.77 -13.31
CA GLN B 33 -2.82 29.95 -13.69
C GLN B 33 -1.90 29.11 -12.81
N TRP B 34 -0.76 28.73 -13.37
CA TRP B 34 0.29 28.03 -12.62
C TRP B 34 1.62 28.76 -12.74
N TYR B 35 2.37 28.80 -11.65
CA TYR B 35 3.70 29.40 -11.64
C TYR B 35 4.71 28.37 -11.18
N GLN B 36 5.94 28.51 -11.67
CA GLN B 36 7.02 27.60 -11.28
C GLN B 36 8.05 28.36 -10.48
N GLN B 37 8.64 27.70 -9.49
CA GLN B 37 9.67 28.32 -8.68
C GLN B 37 10.73 27.32 -8.27
N LYS B 38 11.98 27.72 -8.49
CA LYS B 38 13.13 26.96 -8.06
C LYS B 38 13.88 27.77 -7.01
N PRO B 39 14.46 27.11 -5.99
CA PRO B 39 15.14 27.81 -4.89
C PRO B 39 16.11 28.89 -5.36
N GLY B 40 16.02 30.07 -4.74
CA GLY B 40 16.90 31.19 -5.06
C GLY B 40 16.45 32.06 -6.22
N THR B 41 15.29 31.74 -6.79
CA THR B 41 14.73 32.56 -7.87
C THR B 41 13.26 32.93 -7.64
N SER B 42 12.80 33.88 -8.45
CA SER B 42 11.41 34.31 -8.48
C SER B 42 10.52 33.25 -9.15
N PRO B 43 9.23 33.23 -8.77
CA PRO B 43 8.27 32.45 -9.53
C PRO B 43 8.20 32.91 -10.98
N LYS B 44 8.02 31.96 -11.89
CA LYS B 44 7.99 32.25 -13.30
C LYS B 44 6.64 31.81 -13.84
N ARG B 45 6.03 32.61 -14.74
CA ARG B 45 4.79 32.20 -15.41
C ARG B 45 5.01 30.80 -15.97
N TRP B 46 3.97 29.98 -15.96
CA TRP B 46 4.09 28.65 -16.55
C TRP B 46 2.89 28.30 -17.42
N ILE B 47 1.72 28.30 -16.81
CA ILE B 47 0.48 28.01 -17.52
C ILE B 47 -0.53 29.09 -17.16
N TYR B 48 -1.18 29.65 -18.17
CA TYR B 48 -2.21 30.66 -17.96
C TYR B 48 -3.48 30.31 -18.71
N ASP B 49 -4.59 30.89 -18.28
CA ASP B 49 -5.92 30.60 -18.83
C ASP B 49 -6.21 29.10 -18.92
N THR B 50 -5.89 28.39 -17.83
CA THR B 50 -6.14 26.95 -17.68
C THR B 50 -5.22 26.03 -18.50
N SER B 51 -5.16 26.24 -19.81
CA SER B 51 -4.51 25.28 -20.69
C SER B 51 -3.41 25.86 -21.59
N LYS B 52 -3.22 27.18 -21.55
CA LYS B 52 -2.28 27.86 -22.44
C LYS B 52 -0.88 27.96 -21.85
N LEU B 53 0.10 27.36 -22.53
CA LEU B 53 1.50 27.44 -22.08
C LEU B 53 2.14 28.79 -22.40
N ALA B 54 2.95 29.29 -21.46
CA ALA B 54 3.74 30.49 -21.67
C ALA B 54 4.95 30.20 -22.56
N SER B 55 5.53 31.25 -23.13
CA SER B 55 6.71 31.12 -23.97
C SER B 55 7.83 30.44 -23.21
N GLY B 56 8.44 29.45 -23.83
CA GLY B 56 9.55 28.72 -23.22
C GLY B 56 9.16 27.53 -22.37
N VAL B 57 7.87 27.35 -22.13
CA VAL B 57 7.39 26.19 -21.38
C VAL B 57 7.34 24.98 -22.30
N PRO B 58 8.04 23.88 -21.92
CA PRO B 58 8.08 22.66 -22.74
C PRO B 58 6.70 22.09 -23.05
N ALA B 59 6.61 21.45 -24.21
CA ALA B 59 5.38 20.79 -24.68
C ALA B 59 4.90 19.64 -23.78
N ARG B 60 5.80 19.12 -22.95
CA ARG B 60 5.49 18.06 -21.99
C ARG B 60 4.43 18.49 -20.99
N PHE B 61 4.40 19.79 -20.70
CA PHE B 61 3.46 20.35 -19.76
C PHE B 61 2.13 20.62 -20.44
N SER B 62 1.04 20.20 -19.80
CA SER B 62 -0.29 20.58 -20.22
C SER B 62 -1.12 20.99 -19.02
N GLY B 63 -2.16 21.78 -19.28
CA GLY B 63 -3.05 22.25 -18.23
C GLY B 63 -4.50 21.90 -18.51
N SER B 64 -5.22 21.55 -17.45
CA SER B 64 -6.57 21.02 -17.58
C SER B 64 -7.45 21.48 -16.43
N GLY B 65 -8.77 21.31 -16.59
CA GLY B 65 -9.75 21.60 -15.55
C GLY B 65 -10.80 22.63 -15.92
N SER B 66 -11.81 22.76 -15.05
CA SER B 66 -12.85 23.79 -15.18
C SER B 66 -13.71 23.78 -13.92
N GLY B 67 -14.48 24.84 -13.71
CA GLY B 67 -15.33 24.95 -12.55
C GLY B 67 -14.49 25.18 -11.31
N THR B 68 -14.42 24.16 -10.46
CA THR B 68 -13.66 24.24 -9.21
C THR B 68 -12.49 23.26 -9.12
N SER B 69 -12.24 22.51 -10.19
CA SER B 69 -11.17 21.52 -10.18
C SER B 69 -10.23 21.65 -11.37
N TYR B 70 -8.94 21.82 -11.08
CA TYR B 70 -7.94 22.05 -12.11
C TYR B 70 -6.70 21.20 -11.88
N SER B 71 -5.88 21.03 -12.91
CA SER B 71 -4.67 20.23 -12.80
C SER B 71 -3.57 20.58 -13.80
N LEU B 72 -2.33 20.40 -13.35
CA LEU B 72 -1.14 20.46 -14.20
C LEU B 72 -0.63 19.03 -14.46
N THR B 73 -0.17 18.79 -15.68
CA THR B 73 0.25 17.46 -16.12
C THR B 73 1.57 17.55 -16.88
N ILE B 74 2.51 16.69 -16.51
CA ILE B 74 3.72 16.48 -17.28
C ILE B 74 3.61 15.10 -17.92
N SER B 75 3.74 15.07 -19.25
CA SER B 75 3.57 13.83 -20.00
C SER B 75 4.74 12.88 -19.77
N SER B 76 5.96 13.42 -19.85
CA SER B 76 7.16 12.64 -19.60
C SER B 76 8.10 13.46 -18.72
N MET B 77 8.42 12.93 -17.54
CA MET B 77 9.16 13.68 -16.51
C MET B 77 10.65 13.80 -16.82
N GLU B 78 11.17 15.02 -16.73
CA GLU B 78 12.59 15.28 -16.95
C GLU B 78 13.22 16.02 -15.77
N ALA B 79 14.52 15.83 -15.58
CA ALA B 79 15.25 16.41 -14.44
C ALA B 79 15.00 17.91 -14.24
N GLU B 80 14.96 18.64 -15.36
CA GLU B 80 14.69 20.07 -15.43
C GLU B 80 13.37 20.51 -14.76
N ASP B 81 12.48 19.56 -14.50
CA ASP B 81 11.13 19.86 -14.02
C ASP B 81 10.98 19.94 -12.49
N ALA B 82 11.97 19.43 -11.76
CA ALA B 82 11.94 19.43 -10.30
C ALA B 82 11.82 20.87 -9.80
N ALA B 83 10.73 21.14 -9.10
CA ALA B 83 10.39 22.50 -8.72
C ALA B 83 9.19 22.48 -7.80
N THR B 84 8.78 23.67 -7.34
CA THR B 84 7.47 23.81 -6.73
C THR B 84 6.57 24.54 -7.72
N TYR B 85 5.34 24.04 -7.84
CA TYR B 85 4.34 24.61 -8.72
C TYR B 85 3.20 25.18 -7.88
N TYR B 86 2.95 26.49 -8.04
CA TYR B 86 1.89 27.15 -7.32
C TYR B 86 0.76 27.45 -8.27
N CYS B 87 -0.47 27.06 -7.92
CA CYS B 87 -1.63 27.46 -8.71
C CYS B 87 -2.09 28.84 -8.24
N HIS B 88 -2.69 29.62 -9.14
CA HIS B 88 -3.03 31.01 -8.85
C HIS B 88 -4.18 31.47 -9.74
N GLN B 89 -5.04 32.34 -9.19
CA GLN B 89 -6.18 32.85 -9.94
C GLN B 89 -6.37 34.36 -9.86
N ARG B 90 -6.85 34.95 -10.95
CA ARG B 90 -6.93 36.41 -11.07
C ARG B 90 -8.25 37.02 -10.58
N SER B 91 -9.08 36.24 -9.90
CA SER B 91 -10.29 36.78 -9.27
C SER B 91 -9.95 37.57 -8.00
N SER B 92 -9.22 36.92 -7.09
CA SER B 92 -8.85 37.51 -5.81
C SER B 92 -7.35 37.41 -5.51
N TYR B 93 -6.60 36.82 -6.45
CA TYR B 93 -5.13 36.80 -6.45
C TYR B 93 -4.47 35.93 -5.39
N THR B 94 -5.23 35.00 -4.82
CA THR B 94 -4.69 34.05 -3.85
C THR B 94 -3.92 32.92 -4.54
N PHE B 95 -2.91 32.42 -3.85
CA PHE B 95 -2.10 31.31 -4.35
C PHE B 95 -2.53 30.01 -3.68
N GLY B 96 -2.27 28.90 -4.36
CA GLY B 96 -2.35 27.60 -3.72
C GLY B 96 -1.15 27.40 -2.80
N GLY B 97 -1.12 26.26 -2.12
CA GLY B 97 -0.04 25.95 -1.18
C GLY B 97 1.21 25.44 -1.88
N GLY B 98 1.05 25.03 -3.13
CA GLY B 98 2.16 24.58 -3.93
C GLY B 98 2.33 23.09 -3.87
N THR B 99 2.77 22.51 -4.98
CA THR B 99 3.15 21.11 -5.06
C THR B 99 4.63 21.07 -5.37
N LYS B 100 5.40 20.46 -4.48
CA LYS B 100 6.82 20.28 -4.73
C LYS B 100 7.05 18.97 -5.45
N LEU B 101 7.64 19.07 -6.65
CA LEU B 101 7.93 17.91 -7.47
C LEU B 101 9.41 17.54 -7.43
N GLU B 102 9.69 16.28 -7.08
CA GLU B 102 11.05 15.79 -6.94
C GLU B 102 11.34 14.56 -7.81
N ILE B 103 12.61 14.17 -7.84
CA ILE B 103 13.05 13.04 -8.64
C ILE B 103 13.00 11.75 -7.83
N LYS B 104 12.28 10.76 -8.36
CA LYS B 104 12.30 9.42 -7.80
C LYS B 104 13.45 8.64 -8.42
N ARG B 105 14.22 7.96 -7.57
CA ARG B 105 15.28 7.05 -8.00
C ARG B 105 15.39 5.90 -7.00
N THR B 106 16.20 4.91 -7.33
CA THR B 106 16.30 3.69 -6.52
C THR B 106 16.78 4.01 -5.11
N VAL B 107 16.41 3.18 -4.15
CA VAL B 107 16.81 3.36 -2.74
C VAL B 107 18.33 3.34 -2.57
N ALA B 108 18.83 4.23 -1.70
CA ALA B 108 20.24 4.29 -1.33
C ALA B 108 20.37 4.43 0.17
N ALA B 109 21.18 3.57 0.78
CA ALA B 109 21.33 3.55 2.22
C ALA B 109 22.25 4.68 2.71
N PRO B 110 21.87 5.32 3.83
CA PRO B 110 22.70 6.43 4.33
C PRO B 110 24.00 5.95 4.97
N SER B 111 25.08 6.66 4.69
CA SER B 111 26.30 6.51 5.48
C SER B 111 26.08 7.27 6.76
N VAL B 112 26.45 6.69 7.89
CA VAL B 112 26.14 7.27 9.19
C VAL B 112 27.43 7.61 9.91
N PHE B 113 27.58 8.89 10.25
CA PHE B 113 28.77 9.36 10.94
C PHE B 113 28.36 10.06 12.24
N ILE B 114 29.18 9.90 13.27
CA ILE B 114 29.00 10.70 14.48
C ILE B 114 30.27 11.49 14.83
N PHE B 115 30.07 12.72 15.29
CA PHE B 115 31.17 13.58 15.73
C PHE B 115 30.96 13.98 17.18
N PRO B 116 31.96 13.70 18.03
CA PRO B 116 31.99 14.21 19.40
C PRO B 116 32.30 15.71 19.41
N PRO B 117 31.87 16.42 20.49
CA PRO B 117 32.17 17.85 20.63
C PRO B 117 33.67 18.13 20.60
N SER B 118 34.06 19.12 19.80
CA SER B 118 35.45 19.54 19.71
C SER B 118 35.95 20.03 21.07
N ASP B 119 37.27 20.00 21.26
CA ASP B 119 37.88 20.49 22.50
C ASP B 119 37.62 21.99 22.68
N GLU B 120 37.72 22.74 21.58
CA GLU B 120 37.53 24.20 21.60
C GLU B 120 36.13 24.61 22.05
N GLN B 121 35.10 23.87 21.64
CA GLN B 121 33.73 24.17 22.04
C GLN B 121 33.49 23.97 23.54
N LEU B 122 34.17 22.99 24.11
CA LEU B 122 34.01 22.65 25.52
C LEU B 122 34.55 23.73 26.47
N LYS B 123 35.46 24.55 25.97
CA LYS B 123 35.97 25.71 26.70
C LYS B 123 34.89 26.78 26.86
N SER B 124 34.16 27.06 25.78
CA SER B 124 33.09 28.07 25.78
C SER B 124 31.89 27.65 26.63
N GLY B 125 31.83 26.37 26.99
CA GLY B 125 30.82 25.87 27.94
C GLY B 125 29.64 25.12 27.34
N THR B 126 29.68 24.89 26.03
CA THR B 126 28.60 24.18 25.35
C THR B 126 29.16 22.98 24.59
N ALA B 127 28.33 21.96 24.41
CA ALA B 127 28.70 20.76 23.67
C ALA B 127 27.69 20.43 22.58
N SER B 128 28.17 20.33 21.34
CA SER B 128 27.31 19.91 20.25
C SER B 128 27.77 18.59 19.66
N VAL B 129 26.88 17.60 19.71
CA VAL B 129 27.14 16.29 19.13
C VAL B 129 26.44 16.18 17.77
N VAL B 130 27.21 15.91 16.72
CA VAL B 130 26.70 15.93 15.36
C VAL B 130 26.61 14.53 14.74
N CYS B 131 25.39 14.17 14.36
CA CYS B 131 25.13 12.93 13.63
C CYS B 131 24.82 13.26 12.18
N LEU B 132 25.59 12.71 11.26
CA LEU B 132 25.40 12.97 9.85
C LEU B 132 24.99 11.71 9.09
N LEU B 133 23.88 11.81 8.36
CA LEU B 133 23.43 10.76 7.46
C LEU B 133 23.72 11.19 6.03
N ASN B 134 24.63 10.50 5.36
CA ASN B 134 25.05 10.95 4.04
C ASN B 134 24.55 10.15 2.85
N ASN B 135 24.13 10.90 1.83
CA ASN B 135 23.70 10.39 0.53
C ASN B 135 22.74 9.21 0.58
N PHE B 136 21.49 9.49 0.92
CA PHE B 136 20.45 8.48 0.97
C PHE B 136 19.23 8.87 0.14
N TYR B 137 18.40 7.88 -0.17
CA TYR B 137 17.08 8.11 -0.76
C TYR B 137 16.16 7.01 -0.25
N PRO B 138 14.89 7.33 0.07
CA PRO B 138 14.21 8.62 0.01
C PRO B 138 14.49 9.50 1.24
N ARG B 139 13.85 10.67 1.29
CA ARG B 139 14.04 11.64 2.38
C ARG B 139 13.64 11.10 3.75
N GLU B 140 12.56 10.30 3.79
CA GLU B 140 12.04 9.80 5.06
C GLU B 140 13.09 9.02 5.85
N ALA B 141 13.52 9.62 6.96
CA ALA B 141 14.44 8.98 7.89
C ALA B 141 14.10 9.43 9.31
N LYS B 142 14.29 8.52 10.27
CA LYS B 142 14.12 8.85 11.68
C LYS B 142 15.46 8.77 12.40
N VAL B 143 15.80 9.83 13.13
CA VAL B 143 17.02 9.86 13.93
C VAL B 143 16.65 10.15 15.38
N GLN B 144 17.22 9.38 16.30
CA GLN B 144 16.98 9.59 17.73
C GLN B 144 18.27 9.63 18.53
N TRP B 145 18.23 10.37 19.62
CA TRP B 145 19.37 10.47 20.53
C TRP B 145 19.10 9.70 21.81
N LYS B 146 20.12 9.01 22.29
CA LYS B 146 20.05 8.28 23.54
C LYS B 146 21.34 8.46 24.31
N VAL B 147 21.22 9.07 25.49
CA VAL B 147 22.37 9.23 26.38
C VAL B 147 22.23 8.26 27.56
N ASP B 148 23.23 7.38 27.71
CA ASP B 148 23.20 6.29 28.70
C ASP B 148 21.91 5.49 28.63
N ASN B 149 21.45 5.22 27.40
CA ASN B 149 20.18 4.54 27.11
C ASN B 149 18.92 5.29 27.56
N ALA B 150 19.03 6.62 27.65
CA ALA B 150 17.86 7.47 27.92
C ALA B 150 17.50 8.27 26.68
N LEU B 151 16.30 8.03 26.15
CA LEU B 151 15.85 8.69 24.93
C LEU B 151 15.67 10.20 25.14
N GLN B 152 16.39 10.98 24.34
CA GLN B 152 16.35 12.44 24.44
C GLN B 152 15.31 13.03 23.49
N SER B 153 14.65 14.09 23.95
CA SER B 153 13.71 14.85 23.12
C SER B 153 13.66 16.32 23.53
N GLY B 154 13.46 17.18 22.55
CA GLY B 154 13.37 18.63 22.76
C GLY B 154 14.70 19.38 22.63
N ASN B 155 15.81 18.65 22.69
CA ASN B 155 17.14 19.28 22.69
C ASN B 155 18.00 18.99 21.45
N SER B 156 17.37 18.68 20.33
CA SER B 156 18.09 18.40 19.09
C SER B 156 17.37 18.99 17.89
N GLN B 157 18.15 19.43 16.91
CA GLN B 157 17.59 19.96 15.68
C GLN B 157 18.20 19.31 14.45
N GLU B 158 17.37 19.15 13.42
CA GLU B 158 17.74 18.46 12.19
C GLU B 158 17.81 19.41 11.02
N SER B 159 18.73 19.13 10.10
CA SER B 159 18.83 19.87 8.86
C SER B 159 18.95 18.91 7.68
N VAL B 160 18.22 19.19 6.60
CA VAL B 160 18.22 18.35 5.40
C VAL B 160 18.49 19.19 4.15
N THR B 161 19.47 18.75 3.36
CA THR B 161 19.75 19.41 2.09
C THR B 161 18.66 19.13 1.06
N GLU B 162 18.64 19.92 -0.01
CA GLU B 162 17.81 19.63 -1.18
C GLU B 162 18.40 18.43 -1.93
N GLN B 163 17.60 17.86 -2.83
CA GLN B 163 18.09 16.80 -3.70
C GLN B 163 19.32 17.23 -4.48
N ASP B 164 20.37 16.43 -4.37
CA ASP B 164 21.63 16.66 -5.06
C ASP B 164 21.41 16.70 -6.58
N SER B 165 22.19 17.52 -7.28
CA SER B 165 22.01 17.71 -8.72
C SER B 165 22.40 16.50 -9.59
N LYS B 166 23.29 15.64 -9.08
CA LYS B 166 23.71 14.46 -9.83
C LYS B 166 23.23 13.14 -9.22
N ASP B 167 23.46 12.97 -7.93
CA ASP B 167 23.03 11.78 -7.17
C ASP B 167 21.51 11.63 -7.07
N SER B 168 20.81 12.75 -6.95
CA SER B 168 19.41 12.80 -6.54
C SER B 168 19.19 12.31 -5.10
N THR B 169 20.24 12.39 -4.28
CA THR B 169 20.17 11.94 -2.89
C THR B 169 19.98 13.07 -1.90
N TYR B 170 19.76 12.70 -0.64
CA TYR B 170 19.61 13.64 0.46
C TYR B 170 20.72 13.42 1.50
N SER B 171 21.10 14.49 2.18
CA SER B 171 21.97 14.37 3.34
C SER B 171 21.29 15.03 4.52
N LEU B 172 21.55 14.51 5.73
CA LEU B 172 20.86 14.97 6.93
C LEU B 172 21.81 15.04 8.12
N SER B 173 21.77 16.17 8.83
CA SER B 173 22.53 16.28 10.08
C SER B 173 21.57 16.39 11.25
N SER B 174 21.93 15.74 12.35
CA SER B 174 21.21 15.91 13.60
C SER B 174 22.21 16.39 14.64
N THR B 175 21.82 17.40 15.41
CA THR B 175 22.72 18.02 16.38
C THR B 175 22.16 17.96 17.79
N LEU B 176 22.94 17.38 18.70
CA LEU B 176 22.60 17.34 20.11
C LEU B 176 23.30 18.48 20.81
N THR B 177 22.52 19.42 21.34
CA THR B 177 23.09 20.59 22.01
C THR B 177 22.83 20.51 23.51
N LEU B 178 23.93 20.48 24.28
CA LEU B 178 23.89 20.38 25.74
C LEU B 178 24.98 21.23 26.39
N SER B 179 24.72 21.66 27.61
CA SER B 179 25.71 22.39 28.40
C SER B 179 26.86 21.45 28.79
N LYS B 180 28.06 22.02 28.94
CA LYS B 180 29.24 21.26 29.37
C LYS B 180 28.96 20.42 30.61
N ALA B 181 28.10 20.94 31.49
CA ALA B 181 27.68 20.23 32.70
C ALA B 181 26.95 18.93 32.35
N ASP B 182 25.87 19.05 31.57
CA ASP B 182 25.09 17.89 31.12
C ASP B 182 25.96 16.88 30.40
N TYR B 183 26.80 17.36 29.49
CA TYR B 183 27.68 16.51 28.71
C TYR B 183 28.56 15.62 29.60
N GLU B 184 29.24 16.24 30.57
CA GLU B 184 30.13 15.52 31.48
C GLU B 184 29.39 14.61 32.45
N LYS B 185 28.11 14.89 32.68
CA LYS B 185 27.29 14.09 33.58
C LYS B 185 26.97 12.70 33.03
N HIS B 186 27.35 12.45 31.78
CA HIS B 186 27.02 11.19 31.11
C HIS B 186 28.20 10.58 30.37
N LYS B 187 28.00 9.37 29.83
CA LYS B 187 29.09 8.58 29.30
C LYS B 187 28.90 8.20 27.83
N VAL B 188 27.77 7.55 27.53
CA VAL B 188 27.49 7.02 26.20
C VAL B 188 26.54 7.93 25.40
N TYR B 189 26.97 8.30 24.20
CA TYR B 189 26.16 9.14 23.31
C TYR B 189 25.84 8.39 22.04
N ALA B 190 24.56 8.07 21.86
CA ALA B 190 24.12 7.22 20.78
C ALA B 190 23.24 7.95 19.79
N CYS B 191 23.53 7.71 18.52
CA CYS B 191 22.70 8.18 17.43
C CYS B 191 21.98 6.97 16.82
N GLU B 192 20.65 6.97 16.87
CA GLU B 192 19.86 5.82 16.40
C GLU B 192 19.10 6.10 15.11
N VAL B 193 19.47 5.39 14.04
CA VAL B 193 19.02 5.70 12.67
C VAL B 193 18.04 4.67 12.10
N THR B 194 16.93 5.18 11.56
CA THR B 194 15.90 4.36 10.94
C THR B 194 15.69 4.85 9.50
N HIS B 195 15.95 3.97 8.54
CA HIS B 195 15.76 4.29 7.12
C HIS B 195 15.42 3.03 6.34
N GLN B 196 14.67 3.20 5.27
CA GLN B 196 14.27 2.11 4.38
C GLN B 196 15.47 1.27 3.92
N GLY B 197 16.58 1.93 3.60
CA GLY B 197 17.77 1.28 3.06
C GLY B 197 18.60 0.49 4.05
N LEU B 198 18.16 0.49 5.31
CA LEU B 198 18.85 -0.20 6.40
C LEU B 198 17.97 -1.29 7.02
N SER B 199 18.60 -2.23 7.73
CA SER B 199 17.87 -3.09 8.65
C SER B 199 17.74 -2.38 10.00
N SER B 200 16.83 -1.41 10.03
CA SER B 200 16.63 -0.48 11.14
C SER B 200 16.22 -1.16 12.45
N PRO B 201 16.56 -0.54 13.60
CA PRO B 201 17.31 0.70 13.75
C PRO B 201 18.80 0.51 14.07
N VAL B 202 19.65 1.23 13.31
CA VAL B 202 21.10 1.15 13.46
C VAL B 202 21.61 2.23 14.43
N THR B 203 22.55 1.86 15.29
CA THR B 203 23.07 2.77 16.32
C THR B 203 24.56 3.07 16.16
N LYS B 204 24.89 4.35 16.01
CA LYS B 204 26.28 4.80 15.98
C LYS B 204 26.54 5.59 17.27
N SER B 205 27.55 5.16 18.02
CA SER B 205 27.78 5.73 19.36
C SER B 205 29.25 5.98 19.69
N PHE B 206 29.49 6.70 20.77
CA PHE B 206 30.82 6.85 21.34
C PHE B 206 30.74 7.10 22.85
N ASN B 207 31.74 6.60 23.57
CA ASN B 207 31.91 6.92 24.98
C ASN B 207 32.69 8.21 25.14
N ARG B 208 32.26 9.06 26.05
CA ARG B 208 32.89 10.35 26.29
C ARG B 208 34.38 10.19 26.67
N GLN C 1 -31.41 -0.92 11.52
CA GLN C 1 -30.84 0.24 12.26
C GLN C 1 -31.24 1.60 11.64
N LEU C 2 -30.87 1.84 10.39
CA LEU C 2 -31.20 3.11 9.73
C LEU C 2 -32.00 2.89 8.44
N GLN C 3 -33.29 3.24 8.48
CA GLN C 3 -34.22 2.91 7.41
C GLN C 3 -34.74 4.15 6.68
N GLN C 4 -34.22 4.37 5.47
CA GLN C 4 -34.58 5.52 4.65
C GLN C 4 -35.80 5.20 3.80
N SER C 5 -36.53 6.25 3.41
CA SER C 5 -37.72 6.09 2.56
C SER C 5 -37.35 5.78 1.11
N GLY C 6 -38.32 5.24 0.37
CA GLY C 6 -38.11 4.77 -1.00
C GLY C 6 -37.95 5.86 -2.04
N THR C 7 -37.58 5.44 -3.25
CA THR C 7 -37.29 6.32 -4.38
C THR C 7 -38.40 7.35 -4.63
N VAL C 8 -38.01 8.62 -4.71
CA VAL C 8 -38.94 9.71 -4.96
C VAL C 8 -38.75 10.35 -6.33
N LEU C 9 -39.86 10.83 -6.90
CA LEU C 9 -39.87 11.61 -8.15
C LEU C 9 -40.49 12.98 -7.88
N ALA C 10 -39.99 14.01 -8.57
CA ALA C 10 -40.48 15.39 -8.38
C ALA C 10 -40.27 16.25 -9.62
N ARG C 11 -41.11 17.27 -9.78
CA ARG C 11 -40.96 18.22 -10.88
C ARG C 11 -40.09 19.41 -10.47
N PRO C 12 -39.52 20.13 -11.45
CA PRO C 12 -38.69 21.29 -11.13
C PRO C 12 -39.50 22.41 -10.46
N GLY C 13 -39.06 22.81 -9.26
CA GLY C 13 -39.72 23.89 -8.52
C GLY C 13 -40.37 23.41 -7.23
N ALA C 14 -40.71 22.12 -7.19
CA ALA C 14 -41.45 21.53 -6.07
C ALA C 14 -40.61 21.34 -4.80
N SER C 15 -41.24 20.73 -3.80
CA SER C 15 -40.56 20.33 -2.57
C SER C 15 -40.71 18.83 -2.41
N VAL C 16 -39.87 18.24 -1.57
CA VAL C 16 -40.02 16.84 -1.21
C VAL C 16 -39.43 16.57 0.17
N LYS C 17 -40.07 15.70 0.92
CA LYS C 17 -39.64 15.40 2.28
C LYS C 17 -39.39 13.90 2.41
N MET C 18 -38.14 13.53 2.64
CA MET C 18 -37.75 12.15 2.84
C MET C 18 -37.43 11.90 4.31
N SER C 19 -37.46 10.63 4.71
CA SER C 19 -37.30 10.27 6.11
C SER C 19 -36.18 9.25 6.36
N CYS C 20 -35.79 9.12 7.63
CA CYS C 20 -34.77 8.18 8.06
C CYS C 20 -35.16 7.63 9.43
N LYS C 21 -35.81 6.47 9.44
CA LYS C 21 -36.32 5.87 10.65
C LYS C 21 -35.22 5.13 11.40
N ALA C 22 -34.90 5.58 12.61
CA ALA C 22 -33.85 4.99 13.44
C ALA C 22 -34.40 3.93 14.40
N SER C 23 -33.58 2.93 14.71
CA SER C 23 -33.99 1.80 15.56
C SER C 23 -32.82 0.96 16.07
N GLY C 24 -32.80 0.69 17.37
CA GLY C 24 -31.77 -0.13 17.98
C GLY C 24 -30.76 0.66 18.78
N TYR C 25 -31.13 1.90 19.14
CA TYR C 25 -30.28 2.80 19.94
C TYR C 25 -31.07 4.03 20.36
N SER C 26 -30.50 4.86 21.24
CA SER C 26 -31.16 6.07 21.70
C SER C 26 -31.04 7.20 20.68
N PHE C 27 -32.14 7.43 19.96
CA PHE C 27 -32.20 8.39 18.87
C PHE C 27 -31.84 9.82 19.26
N THR C 28 -32.23 10.22 20.47
CA THR C 28 -32.06 11.59 20.96
C THR C 28 -30.61 11.90 21.37
N ARG C 29 -29.80 10.84 21.47
CA ARG C 29 -28.46 10.92 22.03
C ARG C 29 -27.34 11.15 21.00
N TYR C 30 -27.63 10.90 19.72
CA TYR C 30 -26.63 10.95 18.66
C TYR C 30 -26.90 12.05 17.64
N TRP C 31 -25.85 12.51 16.97
CA TRP C 31 -26.00 13.42 15.83
C TRP C 31 -26.32 12.63 14.55
N MET C 32 -27.15 13.22 13.70
CA MET C 32 -27.64 12.58 12.50
C MET C 32 -27.30 13.43 11.28
N HIS C 33 -26.38 12.94 10.44
CA HIS C 33 -25.90 13.68 9.28
C HIS C 33 -26.62 13.26 7.99
N TRP C 34 -26.63 14.18 7.02
CA TRP C 34 -27.23 13.94 5.71
C TRP C 34 -26.23 14.23 4.59
N ILE C 35 -26.03 13.25 3.71
CA ILE C 35 -24.99 13.32 2.69
C ILE C 35 -25.55 13.11 1.29
N LYS C 36 -25.23 14.06 0.40
CA LYS C 36 -25.67 14.05 -0.99
C LYS C 36 -24.64 13.39 -1.91
N GLN C 37 -25.12 12.57 -2.84
CA GLN C 37 -24.26 11.99 -3.87
C GLN C 37 -24.93 12.01 -5.24
N ARG C 38 -24.53 12.99 -6.06
CA ARG C 38 -24.98 13.10 -7.44
C ARG C 38 -24.39 11.98 -8.29
N PRO C 39 -25.16 11.47 -9.28
CA PRO C 39 -24.71 10.34 -10.08
C PRO C 39 -23.34 10.60 -10.69
N GLY C 40 -22.37 9.73 -10.36
CA GLY C 40 -21.00 9.87 -10.84
C GLY C 40 -20.12 10.72 -9.95
N GLN C 41 -20.68 11.76 -9.35
CA GLN C 41 -19.92 12.68 -8.49
C GLN C 41 -19.63 12.11 -7.09
N GLY C 42 -19.05 12.95 -6.24
CA GLY C 42 -18.62 12.54 -4.91
C GLY C 42 -19.61 12.89 -3.82
N LEU C 43 -19.15 12.78 -2.58
CA LEU C 43 -19.98 12.99 -1.41
C LEU C 43 -20.03 14.46 -1.02
N GLU C 44 -21.21 14.90 -0.59
CA GLU C 44 -21.47 16.30 -0.31
C GLU C 44 -22.24 16.38 1.00
N TRP C 45 -21.68 17.08 1.98
CA TRP C 45 -22.31 17.21 3.29
C TRP C 45 -23.41 18.26 3.25
N ILE C 46 -24.61 17.87 3.69
CA ILE C 46 -25.75 18.78 3.72
C ILE C 46 -25.86 19.46 5.08
N GLY C 47 -25.84 18.66 6.14
CA GLY C 47 -25.98 19.18 7.50
C GLY C 47 -26.22 18.07 8.51
N ALA C 48 -26.49 18.47 9.76
CA ALA C 48 -26.73 17.53 10.84
C ALA C 48 -27.86 18.03 11.76
N ILE C 49 -28.37 17.14 12.61
CA ILE C 49 -29.41 17.47 13.58
C ILE C 49 -29.24 16.67 14.87
N TYR C 50 -29.40 17.33 16.01
CA TYR C 50 -29.38 16.65 17.30
C TYR C 50 -30.80 16.51 17.85
N PRO C 51 -31.40 15.32 17.70
CA PRO C 51 -32.80 15.06 18.05
C PRO C 51 -33.19 15.45 19.48
N GLY C 52 -32.23 15.40 20.40
CA GLY C 52 -32.44 15.78 21.81
C GLY C 52 -32.95 17.20 22.01
N ASN C 53 -32.15 18.18 21.60
CA ASN C 53 -32.54 19.59 21.71
C ASN C 53 -33.03 20.18 20.39
N SER C 54 -33.06 19.34 19.36
CA SER C 54 -33.41 19.75 17.99
C SER C 54 -32.46 20.81 17.37
N ASP C 55 -31.21 20.80 17.82
CA ASP C 55 -30.13 21.63 17.25
C ASP C 55 -29.86 21.22 15.81
N THR C 56 -29.44 22.18 14.98
CA THR C 56 -29.29 21.94 13.54
C THR C 56 -28.22 22.84 12.90
N SER C 57 -27.27 22.21 12.22
CA SER C 57 -26.19 22.93 11.51
C SER C 57 -26.12 22.56 10.04
N TYR C 58 -25.95 23.56 9.19
CA TYR C 58 -25.94 23.34 7.74
C TYR C 58 -24.61 23.70 7.07
N ASN C 59 -24.36 23.03 5.94
CA ASN C 59 -23.39 23.47 4.98
C ASN C 59 -23.93 24.77 4.41
N GLN C 60 -23.06 25.75 4.20
CA GLN C 60 -23.48 27.06 3.68
C GLN C 60 -24.22 26.95 2.34
N LYS C 61 -23.85 25.96 1.54
CA LYS C 61 -24.43 25.75 0.21
C LYS C 61 -25.90 25.34 0.27
N PHE C 62 -26.31 24.69 1.35
CA PHE C 62 -27.67 24.13 1.48
C PHE C 62 -28.57 24.81 2.52
N GLU C 63 -28.16 25.98 3.01
CA GLU C 63 -28.94 26.73 4.00
C GLU C 63 -30.30 27.19 3.46
N GLY C 64 -30.36 27.47 2.16
CA GLY C 64 -31.61 27.85 1.51
C GLY C 64 -32.38 26.68 0.90
N LYS C 65 -31.67 25.57 0.68
CA LYS C 65 -32.26 24.45 -0.05
C LYS C 65 -32.89 23.36 0.84
N ALA C 66 -32.29 23.08 2.00
CA ALA C 66 -32.74 21.97 2.83
C ALA C 66 -33.19 22.38 4.23
N LYS C 67 -34.15 21.63 4.78
CA LYS C 67 -34.58 21.81 6.17
C LYS C 67 -34.60 20.48 6.91
N LEU C 68 -33.87 20.42 8.02
CA LEU C 68 -33.72 19.20 8.80
C LEU C 68 -34.55 19.25 10.07
N THR C 69 -35.49 18.31 10.19
CA THR C 69 -36.36 18.22 11.37
C THR C 69 -36.36 16.81 11.93
N ALA C 70 -36.84 16.64 13.16
CA ALA C 70 -36.93 15.32 13.79
C ALA C 70 -38.21 15.13 14.62
N VAL C 71 -38.61 13.88 14.82
CA VAL C 71 -39.77 13.51 15.63
C VAL C 71 -39.35 12.39 16.58
N THR C 72 -39.06 12.75 17.84
CA THR C 72 -38.44 11.82 18.80
C THR C 72 -39.33 10.64 19.19
N SER C 73 -40.64 10.79 19.03
CA SER C 73 -41.59 9.71 19.31
C SER C 73 -41.60 8.64 18.21
N ALA C 74 -41.39 9.07 16.96
CA ALA C 74 -41.33 8.17 15.82
C ALA C 74 -39.92 7.63 15.59
N SER C 75 -38.95 8.24 16.26
CA SER C 75 -37.51 7.95 16.07
C SER C 75 -37.06 8.20 14.63
N THR C 76 -37.60 9.25 14.02
CA THR C 76 -37.42 9.50 12.59
C THR C 76 -36.82 10.89 12.32
N ALA C 77 -35.80 10.93 11.46
CA ALA C 77 -35.23 12.18 10.98
C ALA C 77 -35.76 12.49 9.59
N TYR C 78 -36.16 13.75 9.40
CA TYR C 78 -36.70 14.20 8.13
C TYR C 78 -35.82 15.29 7.50
N MET C 79 -35.89 15.37 6.18
CA MET C 79 -35.27 16.46 5.44
C MET C 79 -36.16 16.83 4.27
N GLU C 80 -36.45 18.13 4.13
CA GLU C 80 -37.15 18.59 2.94
C GLU C 80 -36.27 19.49 2.07
N LEU C 81 -36.24 19.18 0.78
CA LEU C 81 -35.52 20.00 -0.19
C LEU C 81 -36.50 20.93 -0.87
N SER C 82 -36.12 22.20 -1.00
CA SER C 82 -36.98 23.23 -1.59
C SER C 82 -36.52 23.59 -3.00
N SER C 83 -37.45 24.15 -3.77
CA SER C 83 -37.16 24.65 -5.12
C SER C 83 -36.36 23.64 -5.91
N LEU C 84 -36.94 22.45 -6.11
CA LEU C 84 -36.23 21.33 -6.70
C LEU C 84 -35.80 21.58 -8.15
N THR C 85 -34.52 21.37 -8.39
CA THR C 85 -33.93 21.56 -9.71
C THR C 85 -33.27 20.25 -10.19
N HIS C 86 -32.84 20.22 -11.45
CA HIS C 86 -32.13 19.06 -12.01
C HIS C 86 -30.93 18.68 -11.14
N GLU C 87 -30.25 19.69 -10.59
CA GLU C 87 -29.03 19.48 -9.83
C GLU C 87 -29.28 18.97 -8.42
N ASP C 88 -30.55 18.72 -8.10
CA ASP C 88 -30.94 18.14 -6.81
C ASP C 88 -31.12 16.62 -6.91
N SER C 89 -31.21 16.12 -8.16
CA SER C 89 -31.26 14.69 -8.42
C SER C 89 -29.98 14.03 -7.91
N ALA C 90 -30.13 13.14 -6.93
CA ALA C 90 -29.01 12.46 -6.30
C ALA C 90 -29.50 11.33 -5.40
N VAL C 91 -28.57 10.64 -4.75
CA VAL C 91 -28.88 9.68 -3.70
C VAL C 91 -28.54 10.33 -2.36
N TYR C 92 -29.49 10.30 -1.44
CA TYR C 92 -29.32 10.96 -0.14
C TYR C 92 -29.20 9.94 0.97
N TYR C 93 -28.12 10.04 1.73
CA TYR C 93 -27.86 9.15 2.84
C TYR C 93 -28.06 9.88 4.16
N CYS C 94 -28.64 9.19 5.13
CA CYS C 94 -28.63 9.64 6.52
C CYS C 94 -27.62 8.79 7.27
N SER C 95 -26.87 9.41 8.17
CA SER C 95 -25.85 8.68 8.92
C SER C 95 -25.75 9.10 10.38
N ARG C 96 -25.66 8.11 11.27
CA ARG C 96 -25.43 8.33 12.69
C ARG C 96 -23.96 8.72 12.90
N ASP C 97 -23.71 9.60 13.86
CA ASP C 97 -22.35 10.07 14.14
C ASP C 97 -21.80 9.48 15.43
N TYR C 98 -20.71 8.73 15.30
CA TYR C 98 -20.07 8.08 16.43
C TYR C 98 -18.86 8.88 16.94
N GLY C 99 -18.82 10.16 16.57
CA GLY C 99 -17.74 11.04 16.98
C GLY C 99 -16.49 10.84 16.14
N TYR C 100 -15.76 9.77 16.42
CA TYR C 100 -14.62 9.35 15.60
C TYR C 100 -15.00 9.36 14.11
N TYR C 101 -16.05 8.62 13.77
CA TYR C 101 -16.51 8.50 12.39
C TYR C 101 -18.02 8.27 12.31
N PHE C 102 -18.54 8.26 11.08
CA PHE C 102 -19.94 7.90 10.85
C PHE C 102 -20.03 6.37 10.76
N ASP C 103 -20.58 5.75 11.80
CA ASP C 103 -20.56 4.28 11.95
C ASP C 103 -21.68 3.51 11.25
N PHE C 104 -22.84 4.14 11.05
CA PHE C 104 -23.95 3.49 10.39
C PHE C 104 -24.57 4.41 9.36
N TRP C 105 -24.88 3.85 8.19
CA TRP C 105 -25.48 4.62 7.10
C TRP C 105 -26.81 4.00 6.70
N GLY C 106 -27.68 4.82 6.12
CA GLY C 106 -28.93 4.32 5.55
C GLY C 106 -28.61 3.65 4.23
N GLN C 107 -29.59 2.98 3.64
CA GLN C 107 -29.39 2.33 2.36
C GLN C 107 -29.46 3.35 1.21
N GLY C 108 -30.02 4.52 1.53
CA GLY C 108 -30.09 5.63 0.58
C GLY C 108 -31.46 5.90 0.00
N THR C 109 -31.71 7.16 -0.32
CA THR C 109 -32.93 7.58 -1.01
C THR C 109 -32.59 8.27 -2.34
N THR C 110 -33.14 7.74 -3.43
CA THR C 110 -32.89 8.31 -4.75
C THR C 110 -34.00 9.28 -5.12
N LEU C 111 -33.61 10.53 -5.37
CA LEU C 111 -34.51 11.57 -5.82
C LEU C 111 -34.22 11.84 -7.28
N THR C 112 -35.28 11.97 -8.08
CA THR C 112 -35.11 12.38 -9.48
C THR C 112 -36.01 13.57 -9.73
N VAL C 113 -35.40 14.69 -10.09
CA VAL C 113 -36.16 15.89 -10.43
C VAL C 113 -36.20 16.02 -11.95
N SER C 114 -37.41 16.00 -12.50
CA SER C 114 -37.61 16.05 -13.93
C SER C 114 -39.02 16.55 -14.24
N SER C 115 -39.21 17.03 -15.47
CA SER C 115 -40.53 17.44 -15.92
C SER C 115 -41.10 16.40 -16.88
N ALA C 116 -40.53 15.20 -16.85
CA ALA C 116 -40.99 14.09 -17.68
C ALA C 116 -41.94 13.14 -16.92
N SER C 117 -42.81 12.48 -17.65
CA SER C 117 -43.78 11.55 -17.07
C SER C 117 -43.20 10.15 -17.03
N THR C 118 -43.69 9.34 -16.09
CA THR C 118 -43.34 7.93 -16.06
C THR C 118 -43.77 7.30 -17.37
N LYS C 119 -42.78 6.89 -18.15
CA LYS C 119 -42.99 6.30 -19.46
C LYS C 119 -42.25 4.98 -19.59
N GLY C 120 -42.93 3.97 -20.13
CA GLY C 120 -42.33 2.67 -20.38
C GLY C 120 -41.46 2.68 -21.63
N PRO C 121 -40.41 1.84 -21.65
CA PRO C 121 -39.47 1.82 -22.76
C PRO C 121 -39.95 1.06 -23.99
N SER C 122 -39.56 1.54 -25.17
CA SER C 122 -39.63 0.74 -26.39
C SER C 122 -38.35 -0.10 -26.46
N VAL C 123 -38.49 -1.37 -26.82
CA VAL C 123 -37.35 -2.28 -26.88
C VAL C 123 -37.15 -2.80 -28.30
N PHE C 124 -36.08 -2.33 -28.93
CA PHE C 124 -35.73 -2.75 -30.29
C PHE C 124 -34.56 -3.72 -30.25
N PRO C 125 -34.53 -4.69 -31.17
CA PRO C 125 -33.40 -5.62 -31.18
C PRO C 125 -32.16 -5.06 -31.87
N LEU C 126 -30.99 -5.55 -31.45
CA LEU C 126 -29.74 -5.30 -32.13
C LEU C 126 -29.33 -6.63 -32.76
N ALA C 127 -29.74 -6.81 -34.01
CA ALA C 127 -29.65 -8.11 -34.69
C ALA C 127 -28.22 -8.50 -35.04
N PRO C 128 -27.90 -9.80 -34.90
CA PRO C 128 -26.60 -10.27 -35.30
C PRO C 128 -26.49 -10.31 -36.82
N SER C 129 -25.36 -9.84 -37.33
CA SER C 129 -25.04 -9.91 -38.75
C SER C 129 -23.53 -10.05 -38.87
N SER C 130 -23.04 -9.95 -40.10
CA SER C 130 -21.61 -10.02 -40.35
C SER C 130 -20.91 -8.75 -39.85
N LYS C 131 -21.64 -7.64 -39.86
CA LYS C 131 -21.15 -6.38 -39.31
C LYS C 131 -21.05 -6.35 -37.79
N SER C 132 -21.71 -7.29 -37.12
CA SER C 132 -21.56 -7.45 -35.67
C SER C 132 -20.93 -8.80 -35.32
N THR C 133 -19.85 -9.13 -36.04
CA THR C 133 -19.11 -10.37 -35.83
C THR C 133 -17.62 -10.08 -35.78
N SER C 134 -16.92 -10.71 -34.84
CA SER C 134 -15.47 -10.65 -34.76
C SER C 134 -14.88 -12.05 -34.57
N GLY C 135 -14.46 -12.66 -35.67
CA GLY C 135 -13.93 -14.02 -35.66
C GLY C 135 -14.99 -15.05 -35.29
N GLY C 136 -14.71 -15.81 -34.24
CA GLY C 136 -15.64 -16.82 -33.74
C GLY C 136 -16.78 -16.23 -32.93
N THR C 137 -16.64 -14.95 -32.55
CA THR C 137 -17.60 -14.25 -31.70
C THR C 137 -18.60 -13.42 -32.51
N ALA C 138 -19.87 -13.55 -32.16
CA ALA C 138 -20.91 -12.65 -32.65
C ALA C 138 -21.42 -11.80 -31.50
N ALA C 139 -21.97 -10.63 -31.81
CA ALA C 139 -22.54 -9.77 -30.78
C ALA C 139 -23.95 -9.35 -31.15
N LEU C 140 -24.86 -9.53 -30.20
CA LEU C 140 -26.24 -9.05 -30.36
C LEU C 140 -26.72 -8.44 -29.06
N GLY C 141 -27.83 -7.72 -29.10
CA GLY C 141 -28.37 -7.09 -27.92
C GLY C 141 -29.75 -6.50 -28.05
N CYS C 142 -30.15 -5.78 -27.00
CA CYS C 142 -31.42 -5.06 -26.97
C CYS C 142 -31.17 -3.59 -26.75
N LEU C 143 -31.83 -2.77 -27.55
CA LEU C 143 -31.84 -1.34 -27.35
C LEU C 143 -33.10 -0.97 -26.58
N VAL C 144 -32.90 -0.56 -25.32
CA VAL C 144 -33.99 -0.17 -24.41
C VAL C 144 -34.04 1.35 -24.32
N LYS C 145 -35.01 1.94 -25.02
CA LYS C 145 -34.98 3.37 -25.32
C LYS C 145 -36.24 4.14 -24.87
N ASP C 146 -36.05 5.39 -24.50
CA ASP C 146 -37.12 6.34 -24.17
C ASP C 146 -37.95 5.95 -22.94
N TYR C 147 -37.30 5.88 -21.79
CA TYR C 147 -37.98 5.51 -20.56
C TYR C 147 -37.71 6.44 -19.38
N PHE C 148 -38.67 6.49 -18.46
CA PHE C 148 -38.57 7.31 -17.25
C PHE C 148 -39.48 6.74 -16.17
N PRO C 149 -38.97 6.66 -14.93
CA PRO C 149 -37.60 6.97 -14.54
C PRO C 149 -36.71 5.73 -14.57
N GLU C 150 -35.63 5.76 -13.79
CA GLU C 150 -34.84 4.58 -13.53
C GLU C 150 -35.40 3.87 -12.29
N PRO C 151 -35.15 2.56 -12.15
CA PRO C 151 -34.30 1.72 -12.99
C PRO C 151 -35.06 0.89 -14.03
N VAL C 152 -34.31 0.36 -14.98
CA VAL C 152 -34.77 -0.69 -15.87
C VAL C 152 -34.04 -1.98 -15.50
N THR C 153 -34.64 -3.13 -15.82
CA THR C 153 -33.97 -4.41 -15.58
C THR C 153 -33.91 -5.22 -16.87
N VAL C 154 -32.71 -5.69 -17.21
CA VAL C 154 -32.54 -6.54 -18.39
C VAL C 154 -31.86 -7.85 -18.01
N SER C 155 -32.48 -8.95 -18.41
CA SER C 155 -31.86 -10.27 -18.31
C SER C 155 -32.10 -11.03 -19.61
N TRP C 156 -31.32 -12.09 -19.83
CA TRP C 156 -31.39 -12.84 -21.08
C TRP C 156 -31.86 -14.27 -20.87
N ASN C 157 -32.78 -14.71 -21.73
CA ASN C 157 -33.36 -16.05 -21.69
C ASN C 157 -33.87 -16.43 -20.30
N SER C 158 -34.66 -15.53 -19.71
CA SER C 158 -35.20 -15.68 -18.35
C SER C 158 -34.12 -15.85 -17.28
N GLY C 159 -32.94 -15.25 -17.53
CA GLY C 159 -31.84 -15.26 -16.57
C GLY C 159 -30.89 -16.44 -16.70
N ALA C 160 -31.09 -17.25 -17.73
CA ALA C 160 -30.25 -18.42 -17.99
C ALA C 160 -28.88 -18.04 -18.56
N LEU C 161 -28.86 -16.97 -19.35
CA LEU C 161 -27.63 -16.47 -19.96
C LEU C 161 -27.00 -15.37 -19.10
N THR C 162 -25.71 -15.50 -18.83
CA THR C 162 -25.00 -14.60 -17.93
C THR C 162 -23.65 -14.18 -18.50
N SER C 163 -22.84 -15.16 -18.89
CA SER C 163 -21.52 -14.92 -19.45
C SER C 163 -21.57 -13.98 -20.64
N GLY C 164 -20.68 -12.99 -20.65
CA GLY C 164 -20.54 -12.07 -21.77
C GLY C 164 -21.72 -11.16 -22.01
N VAL C 165 -22.57 -10.99 -20.98
CA VAL C 165 -23.63 -10.00 -21.03
C VAL C 165 -23.12 -8.68 -20.48
N HIS C 166 -23.28 -7.62 -21.26
CA HIS C 166 -22.99 -6.27 -20.80
C HIS C 166 -24.21 -5.38 -20.93
N THR C 167 -24.64 -4.86 -19.78
CA THR C 167 -25.74 -3.89 -19.72
C THR C 167 -25.13 -2.56 -19.35
N PHE C 168 -25.20 -1.62 -20.28
CA PHE C 168 -24.57 -0.32 -20.09
C PHE C 168 -25.37 0.57 -19.15
N PRO C 169 -24.69 1.47 -18.41
CA PRO C 169 -25.39 2.45 -17.61
C PRO C 169 -26.32 3.27 -18.48
N ALA C 170 -27.47 3.66 -17.93
CA ALA C 170 -28.40 4.50 -18.68
C ALA C 170 -27.83 5.89 -18.81
N VAL C 171 -27.98 6.48 -19.99
CA VAL C 171 -27.61 7.87 -20.22
C VAL C 171 -28.88 8.71 -20.37
N LEU C 172 -28.92 9.85 -19.70
CA LEU C 172 -30.04 10.77 -19.83
C LEU C 172 -30.01 11.48 -21.18
N GLN C 173 -31.13 11.46 -21.90
CA GLN C 173 -31.25 12.11 -23.20
C GLN C 173 -31.72 13.57 -23.10
N SER C 174 -31.73 14.27 -24.24
CA SER C 174 -32.21 15.65 -24.33
C SER C 174 -33.69 15.75 -24.03
N SER C 175 -34.44 14.75 -24.50
CA SER C 175 -35.89 14.66 -24.30
C SER C 175 -36.29 14.56 -22.83
N GLY C 176 -35.33 14.21 -21.97
CA GLY C 176 -35.61 14.00 -20.56
C GLY C 176 -35.84 12.54 -20.22
N LEU C 177 -35.83 11.69 -21.25
CA LEU C 177 -36.01 10.24 -21.08
C LEU C 177 -34.68 9.50 -21.13
N TYR C 178 -34.59 8.40 -20.41
CA TYR C 178 -33.38 7.59 -20.40
C TYR C 178 -33.34 6.61 -21.56
N SER C 179 -32.16 6.07 -21.82
CA SER C 179 -31.93 5.06 -22.84
C SER C 179 -30.68 4.28 -22.48
N LEU C 180 -30.65 3.00 -22.84
CA LEU C 180 -29.47 2.16 -22.66
C LEU C 180 -29.49 0.98 -23.61
N SER C 181 -28.35 0.28 -23.68
CA SER C 181 -28.23 -0.93 -24.48
C SER C 181 -27.83 -2.10 -23.60
N SER C 182 -28.45 -3.25 -23.86
CA SER C 182 -27.97 -4.51 -23.31
C SER C 182 -27.41 -5.33 -24.45
N VAL C 183 -26.27 -5.96 -24.18
CA VAL C 183 -25.49 -6.63 -25.22
C VAL C 183 -24.93 -7.96 -24.71
N VAL C 184 -24.86 -8.95 -25.59
CA VAL C 184 -24.23 -10.23 -25.25
C VAL C 184 -23.38 -10.73 -26.40
N THR C 185 -22.24 -11.33 -26.06
CA THR C 185 -21.33 -11.93 -27.03
C THR C 185 -21.42 -13.46 -26.97
N VAL C 186 -21.69 -14.09 -28.11
CA VAL C 186 -21.83 -15.54 -28.20
C VAL C 186 -20.93 -16.14 -29.28
N PRO C 187 -20.70 -17.47 -29.26
CA PRO C 187 -20.06 -18.11 -30.41
C PRO C 187 -20.96 -17.99 -31.64
N SER C 188 -20.34 -17.75 -32.80
CA SER C 188 -21.08 -17.52 -34.04
C SER C 188 -21.89 -18.74 -34.47
N SER C 189 -21.33 -19.92 -34.26
CA SER C 189 -21.94 -21.19 -34.66
C SER C 189 -23.24 -21.50 -33.90
N SER C 190 -23.34 -21.03 -32.67
CA SER C 190 -24.53 -21.22 -31.85
C SER C 190 -25.67 -20.26 -32.20
N LEU C 191 -25.46 -19.39 -33.18
CA LEU C 191 -26.49 -18.45 -33.63
C LEU C 191 -27.68 -19.15 -34.26
N GLY C 192 -27.41 -20.25 -34.98
CA GLY C 192 -28.46 -21.04 -35.62
C GLY C 192 -29.26 -21.84 -34.61
N THR C 193 -28.55 -22.57 -33.75
CA THR C 193 -29.17 -23.43 -32.74
C THR C 193 -29.91 -22.65 -31.65
N GLN C 194 -29.17 -21.93 -30.82
CA GLN C 194 -29.72 -21.25 -29.62
C GLN C 194 -30.60 -20.04 -29.93
N THR C 195 -31.68 -19.90 -29.15
CA THR C 195 -32.61 -18.76 -29.26
C THR C 195 -32.22 -17.68 -28.26
N TYR C 196 -32.37 -16.42 -28.66
CA TYR C 196 -31.96 -15.29 -27.82
C TYR C 196 -33.08 -14.28 -27.56
N ILE C 197 -33.50 -14.21 -26.29
CA ILE C 197 -34.58 -13.35 -25.86
C ILE C 197 -34.12 -12.50 -24.68
N CYS C 198 -34.30 -11.18 -24.80
CA CYS C 198 -33.99 -10.26 -23.70
C CYS C 198 -35.26 -9.89 -22.93
N ASN C 199 -35.17 -9.97 -21.62
CA ASN C 199 -36.30 -9.66 -20.75
C ASN C 199 -36.12 -8.26 -20.15
N VAL C 200 -36.97 -7.34 -20.59
CA VAL C 200 -36.88 -5.95 -20.15
C VAL C 200 -38.00 -5.58 -19.17
N ASN C 201 -37.60 -5.23 -17.94
CA ASN C 201 -38.53 -4.85 -16.89
C ASN C 201 -38.44 -3.39 -16.49
N HIS C 202 -39.61 -2.76 -16.39
CA HIS C 202 -39.70 -1.42 -15.86
C HIS C 202 -40.84 -1.34 -14.85
N LYS C 203 -40.49 -1.62 -13.59
CA LYS C 203 -41.45 -1.60 -12.48
C LYS C 203 -42.26 -0.30 -12.37
N PRO C 204 -41.58 0.88 -12.41
CA PRO C 204 -42.30 2.15 -12.31
C PRO C 204 -43.52 2.29 -13.22
N SER C 205 -43.47 1.70 -14.42
CA SER C 205 -44.56 1.86 -15.39
C SER C 205 -45.40 0.58 -15.58
N ASN C 206 -45.13 -0.43 -14.75
CA ASN C 206 -45.75 -1.75 -14.87
C ASN C 206 -45.65 -2.28 -16.30
N THR C 207 -44.43 -2.22 -16.83
CA THR C 207 -44.13 -2.63 -18.19
C THR C 207 -43.11 -3.77 -18.14
N LYS C 208 -43.31 -4.74 -19.02
CA LYS C 208 -42.37 -5.85 -19.21
C LYS C 208 -42.54 -6.40 -20.61
N VAL C 209 -41.54 -6.20 -21.45
CA VAL C 209 -41.54 -6.74 -22.81
C VAL C 209 -40.39 -7.72 -23.01
N ASP C 210 -40.72 -8.90 -23.55
CA ASP C 210 -39.73 -9.89 -23.94
C ASP C 210 -39.55 -9.85 -25.46
N LYS C 211 -38.44 -9.27 -25.91
CA LYS C 211 -38.15 -9.19 -27.35
C LYS C 211 -37.17 -10.28 -27.74
N ARG C 212 -37.39 -10.87 -28.92
CA ARG C 212 -36.49 -11.89 -29.45
C ARG C 212 -35.50 -11.27 -30.43
N VAL C 213 -34.22 -11.60 -30.25
CA VAL C 213 -33.17 -11.11 -31.14
C VAL C 213 -32.85 -12.19 -32.15
N GLU C 214 -33.10 -11.87 -33.42
CA GLU C 214 -33.01 -12.85 -34.49
C GLU C 214 -32.16 -12.31 -35.64
N PRO C 215 -31.22 -13.15 -36.14
CA PRO C 215 -30.35 -12.84 -37.28
C PRO C 215 -31.09 -12.29 -38.50
N GLN D 1 -14.43 27.04 7.49
CA GLN D 1 -15.02 26.26 6.35
C GLN D 1 -13.93 25.53 5.56
N ILE D 2 -13.32 24.55 6.22
CA ILE D 2 -12.21 23.77 5.68
C ILE D 2 -12.62 22.96 4.44
N VAL D 3 -11.68 22.82 3.50
CA VAL D 3 -11.96 22.17 2.21
C VAL D 3 -10.92 21.10 1.90
N SER D 4 -11.39 19.96 1.41
CA SER D 4 -10.52 18.81 1.11
C SER D 4 -10.28 18.65 -0.38
N THR D 5 -9.02 18.47 -0.76
CA THR D 5 -8.66 18.22 -2.17
C THR D 5 -7.90 16.91 -2.28
N GLN D 6 -8.37 16.05 -3.17
CA GLN D 6 -7.77 14.73 -3.35
C GLN D 6 -7.04 14.56 -4.68
N SER D 7 -5.95 13.80 -4.62
CA SER D 7 -5.17 13.49 -5.79
C SER D 7 -4.63 12.06 -5.69
N PRO D 8 -4.75 11.28 -6.79
CA PRO D 8 -5.37 11.60 -8.07
C PRO D 8 -6.88 11.39 -8.06
N ALA D 9 -7.56 11.80 -9.12
CA ALA D 9 -8.99 11.52 -9.25
C ALA D 9 -9.17 10.02 -9.55
N ILE D 10 -8.42 9.54 -10.54
CA ILE D 10 -8.45 8.13 -10.95
C ILE D 10 -7.03 7.57 -11.01
N MET D 11 -6.89 6.29 -10.66
CA MET D 11 -5.60 5.61 -10.72
C MET D 11 -5.76 4.10 -10.77
N SER D 12 -4.74 3.42 -11.30
CA SER D 12 -4.75 1.98 -11.47
C SER D 12 -3.56 1.33 -10.79
N ALA D 13 -3.81 0.19 -10.15
CA ALA D 13 -2.75 -0.57 -9.55
C ALA D 13 -2.82 -2.02 -10.00
N SER D 14 -1.66 -2.60 -10.31
CA SER D 14 -1.57 -4.02 -10.59
C SER D 14 -1.61 -4.75 -9.27
N PRO D 15 -2.22 -5.94 -9.23
CA PRO D 15 -2.20 -6.72 -8.00
C PRO D 15 -0.78 -6.84 -7.44
N GLY D 16 -0.63 -6.58 -6.14
CA GLY D 16 0.68 -6.65 -5.48
C GLY D 16 1.49 -5.37 -5.48
N GLU D 17 1.02 -4.34 -6.19
CA GLU D 17 1.69 -3.03 -6.19
C GLU D 17 1.37 -2.22 -4.93
N LYS D 18 2.31 -1.35 -4.54
CA LYS D 18 2.08 -0.34 -3.52
C LYS D 18 1.36 0.85 -4.15
N VAL D 19 0.28 1.30 -3.51
CA VAL D 19 -0.46 2.50 -3.98
C VAL D 19 -0.52 3.58 -2.90
N THR D 20 -0.41 4.84 -3.32
CA THR D 20 -0.59 5.96 -2.40
C THR D 20 -1.48 7.03 -3.03
N MET D 21 -2.49 7.45 -2.28
CA MET D 21 -3.33 8.55 -2.68
C MET D 21 -3.26 9.63 -1.61
N THR D 22 -3.29 10.89 -2.04
CA THR D 22 -3.14 11.99 -1.08
C THR D 22 -4.39 12.83 -0.94
N CYS D 23 -4.49 13.47 0.22
CA CYS D 23 -5.58 14.40 0.54
C CYS D 23 -4.96 15.66 1.16
N SER D 24 -5.41 16.82 0.69
CA SER D 24 -4.91 18.09 1.22
C SER D 24 -6.00 18.95 1.82
N ALA D 25 -5.65 19.60 2.91
CA ALA D 25 -6.53 20.51 3.64
C ALA D 25 -6.22 21.95 3.28
N SER D 26 -7.25 22.80 3.34
CA SER D 26 -7.06 24.24 3.09
C SER D 26 -6.43 24.94 4.30
N SER D 27 -6.62 24.38 5.49
CA SER D 27 -5.98 24.85 6.73
C SER D 27 -5.69 23.64 7.61
N SER D 28 -4.80 23.82 8.59
CA SER D 28 -4.44 22.75 9.53
C SER D 28 -5.63 21.98 10.10
N ARG D 29 -5.53 20.65 10.04
CA ARG D 29 -6.50 19.76 10.67
C ARG D 29 -5.75 18.92 11.69
N SER D 30 -6.47 18.45 12.72
CA SER D 30 -5.88 17.56 13.72
C SER D 30 -5.83 16.11 13.24
N TYR D 31 -6.94 15.66 12.63
CA TYR D 31 -7.06 14.27 12.18
C TYR D 31 -7.78 14.18 10.84
N MET D 32 -7.43 13.16 10.06
CA MET D 32 -8.11 12.86 8.81
C MET D 32 -8.82 11.52 8.91
N GLN D 33 -10.00 11.44 8.31
CA GLN D 33 -10.75 10.20 8.19
C GLN D 33 -10.83 9.80 6.73
N TRP D 34 -10.84 8.50 6.48
CA TRP D 34 -11.07 7.99 5.13
C TRP D 34 -12.22 7.00 5.11
N TYR D 35 -13.10 7.14 4.13
CA TYR D 35 -14.21 6.23 3.93
C TYR D 35 -14.05 5.51 2.59
N GLN D 36 -14.53 4.28 2.51
CA GLN D 36 -14.48 3.52 1.27
C GLN D 36 -15.88 3.35 0.69
N GLN D 37 -15.98 3.35 -0.64
CA GLN D 37 -17.27 3.13 -1.27
C GLN D 37 -17.17 2.34 -2.56
N LYS D 38 -17.95 1.28 -2.63
CA LYS D 38 -18.11 0.48 -3.83
C LYS D 38 -19.49 0.75 -4.41
N PRO D 39 -19.63 0.76 -5.75
CA PRO D 39 -20.92 1.13 -6.35
C PRO D 39 -22.09 0.26 -5.88
N GLY D 40 -23.29 0.86 -5.82
CA GLY D 40 -24.49 0.16 -5.34
C GLY D 40 -24.66 0.22 -3.83
N THR D 41 -23.55 0.11 -3.11
CA THR D 41 -23.57 0.21 -1.65
C THR D 41 -23.29 1.65 -1.17
N SER D 42 -23.29 1.85 0.14
CA SER D 42 -23.06 3.15 0.75
C SER D 42 -21.64 3.22 1.31
N PRO D 43 -21.13 4.44 1.60
CA PRO D 43 -19.78 4.57 2.12
C PRO D 43 -19.59 3.89 3.47
N LYS D 44 -18.38 3.38 3.69
CA LYS D 44 -18.05 2.66 4.89
C LYS D 44 -16.82 3.29 5.54
N ARG D 45 -16.88 3.49 6.85
CA ARG D 45 -15.70 3.93 7.61
C ARG D 45 -14.55 2.98 7.35
N TRP D 46 -13.37 3.54 7.16
CA TRP D 46 -12.18 2.77 6.82
C TRP D 46 -11.04 3.13 7.74
N ILE D 47 -10.65 4.39 7.73
CA ILE D 47 -9.54 4.88 8.56
C ILE D 47 -9.99 6.13 9.29
N TYR D 48 -9.71 6.19 10.59
CA TYR D 48 -10.05 7.35 11.40
C TYR D 48 -8.85 7.79 12.23
N ASP D 49 -8.91 9.04 12.71
CA ASP D 49 -7.80 9.68 13.41
C ASP D 49 -6.46 9.55 12.69
N THR D 50 -6.49 9.76 11.38
CA THR D 50 -5.31 9.78 10.53
C THR D 50 -4.72 8.40 10.25
N SER D 51 -4.48 7.62 11.30
CA SER D 51 -3.71 6.38 11.15
C SER D 51 -4.37 5.11 11.71
N LYS D 52 -5.48 5.26 12.42
CA LYS D 52 -6.14 4.12 13.05
C LYS D 52 -7.13 3.43 12.11
N LEU D 53 -6.92 2.13 11.88
CA LEU D 53 -7.82 1.33 11.04
C LEU D 53 -9.09 0.96 11.80
N ALA D 54 -10.23 1.03 11.11
CA ALA D 54 -11.50 0.59 11.65
C ALA D 54 -11.56 -0.93 11.74
N SER D 55 -12.51 -1.44 12.53
CA SER D 55 -12.73 -2.89 12.64
C SER D 55 -13.06 -3.49 11.28
N GLY D 56 -12.26 -4.49 10.87
CA GLY D 56 -12.50 -5.19 9.61
C GLY D 56 -11.63 -4.74 8.45
N VAL D 57 -11.02 -3.55 8.57
CA VAL D 57 -10.11 -3.03 7.55
C VAL D 57 -8.81 -3.83 7.53
N PRO D 58 -8.37 -4.27 6.33
CA PRO D 58 -7.16 -5.09 6.23
C PRO D 58 -5.89 -4.37 6.69
N ALA D 59 -4.93 -5.15 7.19
CA ALA D 59 -3.68 -4.61 7.71
C ALA D 59 -2.75 -4.04 6.63
N ARG D 60 -2.98 -4.40 5.38
CA ARG D 60 -2.20 -3.85 4.26
C ARG D 60 -2.53 -2.37 3.99
N PHE D 61 -3.64 -1.92 4.55
CA PHE D 61 -4.01 -0.50 4.52
C PHE D 61 -3.31 0.26 5.63
N SER D 62 -2.86 1.48 5.34
CA SER D 62 -2.35 2.38 6.37
C SER D 62 -2.64 3.84 6.04
N GLY D 63 -2.64 4.67 7.07
CA GLY D 63 -2.89 6.09 6.94
C GLY D 63 -1.84 6.91 7.67
N SER D 64 -1.40 7.99 7.04
CA SER D 64 -0.45 8.89 7.68
C SER D 64 -0.74 10.33 7.27
N GLY D 65 0.15 11.24 7.65
CA GLY D 65 -0.04 12.64 7.33
C GLY D 65 -0.07 13.50 8.57
N SER D 66 -0.15 14.80 8.35
CA SER D 66 -0.02 15.77 9.44
C SER D 66 -0.35 17.17 8.95
N GLY D 67 -0.94 17.96 9.83
CA GLY D 67 -1.21 19.37 9.56
C GLY D 67 -2.16 19.59 8.40
N THR D 68 -1.60 19.69 7.19
CA THR D 68 -2.42 20.02 6.03
C THR D 68 -2.28 18.99 4.89
N SER D 69 -1.43 17.99 5.08
CA SER D 69 -1.15 16.97 4.07
C SER D 69 -1.38 15.55 4.63
N TYR D 70 -2.17 14.75 3.91
CA TYR D 70 -2.54 13.41 4.37
C TYR D 70 -2.48 12.34 3.29
N SER D 71 -2.41 11.08 3.72
CA SER D 71 -2.20 9.94 2.82
C SER D 71 -2.84 8.64 3.29
N LEU D 72 -3.50 7.97 2.35
CA LEU D 72 -3.86 6.57 2.52
C LEU D 72 -2.90 5.72 1.67
N THR D 73 -2.45 4.61 2.22
CA THR D 73 -1.56 3.71 1.50
C THR D 73 -2.07 2.27 1.56
N ILE D 74 -1.94 1.57 0.44
CA ILE D 74 -2.16 0.13 0.41
C ILE D 74 -0.81 -0.49 0.10
N SER D 75 -0.26 -1.22 1.06
CA SER D 75 1.10 -1.74 0.96
C SER D 75 1.24 -2.82 -0.10
N SER D 76 0.13 -3.48 -0.43
CA SER D 76 0.09 -4.49 -1.48
C SER D 76 -1.33 -4.63 -2.06
N MET D 77 -1.53 -4.03 -3.23
CA MET D 77 -2.86 -3.95 -3.85
C MET D 77 -3.49 -5.31 -4.13
N GLU D 78 -4.77 -5.42 -3.78
CA GLU D 78 -5.58 -6.60 -4.12
C GLU D 78 -6.89 -6.20 -4.80
N ALA D 79 -7.48 -7.14 -5.53
CA ALA D 79 -8.69 -6.90 -6.32
C ALA D 79 -9.84 -6.32 -5.50
N GLU D 80 -9.95 -6.80 -4.26
CA GLU D 80 -10.96 -6.39 -3.29
C GLU D 80 -10.83 -4.91 -2.87
N ASP D 81 -9.76 -4.27 -3.31
CA ASP D 81 -9.46 -2.88 -2.94
C ASP D 81 -9.93 -1.87 -3.97
N ALA D 82 -10.37 -2.35 -5.13
CA ALA D 82 -10.91 -1.47 -6.17
C ALA D 82 -12.19 -0.79 -5.67
N ALA D 83 -12.08 0.52 -5.40
CA ALA D 83 -13.19 1.32 -4.90
C ALA D 83 -12.89 2.81 -5.04
N THR D 84 -13.82 3.64 -4.59
CA THR D 84 -13.54 5.06 -4.43
C THR D 84 -13.37 5.37 -2.95
N TYR D 85 -12.26 6.03 -2.62
CA TYR D 85 -11.96 6.40 -1.25
C TYR D 85 -12.06 7.92 -1.10
N TYR D 86 -12.80 8.36 -0.08
CA TYR D 86 -12.99 9.77 0.20
C TYR D 86 -12.34 10.12 1.52
N CYS D 87 -11.61 11.23 1.56
CA CYS D 87 -11.13 11.74 2.84
C CYS D 87 -12.19 12.68 3.41
N HIS D 88 -12.18 12.81 4.74
CA HIS D 88 -13.25 13.51 5.46
C HIS D 88 -12.70 14.01 6.79
N GLN D 89 -13.32 15.03 7.37
CA GLN D 89 -12.84 15.64 8.62
C GLN D 89 -13.93 16.20 9.54
N ARG D 90 -13.64 16.26 10.84
CA ARG D 90 -14.62 16.67 11.86
C ARG D 90 -14.88 18.16 12.01
N SER D 91 -13.93 19.01 11.61
CA SER D 91 -14.09 20.47 11.78
C SER D 91 -15.34 21.00 11.08
N SER D 92 -15.49 20.67 9.79
CA SER D 92 -16.60 21.18 8.98
C SER D 92 -17.40 20.06 8.32
N TYR D 93 -16.95 18.82 8.50
CA TYR D 93 -17.65 17.63 8.01
C TYR D 93 -17.72 17.56 6.48
N THR D 94 -16.81 18.28 5.84
CA THR D 94 -16.76 18.35 4.39
C THR D 94 -15.95 17.16 3.82
N PHE D 95 -16.31 16.72 2.61
CA PHE D 95 -15.63 15.58 2.00
C PHE D 95 -14.59 16.00 0.96
N GLY D 96 -13.60 15.15 0.75
CA GLY D 96 -12.70 15.31 -0.38
C GLY D 96 -13.42 14.99 -1.68
N GLY D 97 -12.70 15.10 -2.80
CA GLY D 97 -13.28 14.77 -4.11
C GLY D 97 -13.33 13.28 -4.42
N GLY D 98 -12.60 12.48 -3.64
CA GLY D 98 -12.52 11.05 -3.85
C GLY D 98 -11.44 10.63 -4.83
N THR D 99 -10.81 9.50 -4.54
CA THR D 99 -9.88 8.84 -5.46
C THR D 99 -10.46 7.49 -5.83
N LYS D 100 -10.66 7.26 -7.13
CA LYS D 100 -11.14 5.96 -7.60
C LYS D 100 -9.99 5.05 -7.98
N LEU D 101 -9.89 3.93 -7.27
CA LEU D 101 -8.85 2.93 -7.49
C LEU D 101 -9.35 1.78 -8.38
N GLU D 102 -8.59 1.50 -9.43
CA GLU D 102 -8.95 0.48 -10.41
C GLU D 102 -7.80 -0.50 -10.63
N ILE D 103 -8.10 -1.62 -11.27
CA ILE D 103 -7.11 -2.68 -11.48
C ILE D 103 -6.33 -2.44 -12.77
N LYS D 104 -5.00 -2.47 -12.68
CA LYS D 104 -4.15 -2.42 -13.86
C LYS D 104 -3.92 -3.83 -14.39
N ARG D 105 -4.07 -3.98 -15.70
CA ARG D 105 -3.78 -5.23 -16.39
C ARG D 105 -3.20 -4.92 -17.76
N THR D 106 -2.74 -5.94 -18.47
CA THR D 106 -2.14 -5.76 -19.80
C THR D 106 -3.15 -5.22 -20.82
N VAL D 107 -2.65 -4.60 -21.88
CA VAL D 107 -3.48 -4.01 -22.92
C VAL D 107 -4.27 -5.08 -23.65
N ALA D 108 -5.57 -4.82 -23.83
CA ALA D 108 -6.45 -5.67 -24.61
C ALA D 108 -7.20 -4.81 -25.61
N ALA D 109 -7.04 -5.13 -26.89
CA ALA D 109 -7.71 -4.40 -27.97
C ALA D 109 -9.20 -4.69 -27.96
N PRO D 110 -10.03 -3.68 -28.29
CA PRO D 110 -11.47 -3.92 -28.31
C PRO D 110 -11.90 -4.71 -29.54
N SER D 111 -13.02 -5.42 -29.40
CA SER D 111 -13.74 -5.96 -30.54
C SER D 111 -14.72 -4.88 -30.97
N VAL D 112 -14.87 -4.68 -32.27
CA VAL D 112 -15.73 -3.60 -32.78
C VAL D 112 -16.91 -4.17 -33.53
N PHE D 113 -18.11 -3.81 -33.09
CA PHE D 113 -19.35 -4.24 -33.73
C PHE D 113 -20.20 -3.04 -34.07
N ILE D 114 -21.03 -3.17 -35.10
CA ILE D 114 -21.96 -2.12 -35.49
C ILE D 114 -23.36 -2.70 -35.75
N PHE D 115 -24.38 -1.94 -35.38
CA PHE D 115 -25.75 -2.36 -35.52
C PHE D 115 -26.57 -1.29 -36.25
N PRO D 116 -27.05 -1.61 -37.46
CA PRO D 116 -27.97 -0.71 -38.16
C PRO D 116 -29.32 -0.67 -37.42
N PRO D 117 -30.11 0.41 -37.63
CA PRO D 117 -31.41 0.52 -36.98
C PRO D 117 -32.34 -0.61 -37.39
N SER D 118 -33.15 -1.09 -36.45
CA SER D 118 -34.15 -2.10 -36.72
C SER D 118 -35.36 -1.49 -37.42
N ASP D 119 -36.06 -2.32 -38.19
CA ASP D 119 -37.23 -1.89 -38.95
C ASP D 119 -38.37 -1.42 -38.05
N GLU D 120 -38.47 -2.02 -36.86
CA GLU D 120 -39.47 -1.62 -35.85
C GLU D 120 -39.26 -0.18 -35.42
N GLN D 121 -37.98 0.20 -35.27
CA GLN D 121 -37.62 1.56 -34.92
C GLN D 121 -37.81 2.48 -36.12
N LEU D 122 -37.51 1.96 -37.31
CA LEU D 122 -37.58 2.74 -38.54
C LEU D 122 -38.99 3.22 -38.88
N LYS D 123 -39.98 2.40 -38.52
CA LYS D 123 -41.39 2.77 -38.70
C LYS D 123 -41.80 3.83 -37.68
N SER D 124 -41.26 3.72 -36.46
CA SER D 124 -41.58 4.64 -35.36
C SER D 124 -41.22 6.09 -35.67
N GLY D 125 -40.11 6.30 -36.37
CA GLY D 125 -39.70 7.64 -36.78
C GLY D 125 -38.32 8.06 -36.32
N THR D 126 -37.71 7.26 -35.44
CA THR D 126 -36.34 7.48 -34.98
C THR D 126 -35.41 6.41 -35.53
N ALA D 127 -34.11 6.70 -35.52
CA ALA D 127 -33.10 5.77 -35.98
C ALA D 127 -31.87 5.84 -35.10
N SER D 128 -31.54 4.73 -34.45
CA SER D 128 -30.37 4.67 -33.60
C SER D 128 -29.36 3.66 -34.13
N VAL D 129 -28.20 4.17 -34.54
CA VAL D 129 -27.09 3.33 -34.97
C VAL D 129 -26.17 3.12 -33.78
N VAL D 130 -25.93 1.86 -33.45
CA VAL D 130 -25.19 1.49 -32.25
C VAL D 130 -23.84 0.88 -32.59
N CYS D 131 -22.78 1.48 -32.03
CA CYS D 131 -21.41 0.96 -32.17
C CYS D 131 -20.90 0.44 -30.84
N LEU D 132 -20.49 -0.83 -30.82
CA LEU D 132 -20.06 -1.47 -29.57
C LEU D 132 -18.57 -1.80 -29.56
N LEU D 133 -17.88 -1.32 -28.53
CA LEU D 133 -16.47 -1.64 -28.31
C LEU D 133 -16.37 -2.58 -27.14
N ASN D 134 -16.00 -3.83 -27.42
CA ASN D 134 -16.10 -4.88 -26.42
C ASN D 134 -14.78 -5.35 -25.81
N ASN D 135 -14.79 -5.44 -24.48
CA ASN D 135 -13.71 -6.04 -23.69
C ASN D 135 -12.31 -5.52 -24.02
N PHE D 136 -12.02 -4.29 -23.59
CA PHE D 136 -10.73 -3.67 -23.86
C PHE D 136 -10.10 -3.08 -22.62
N TYR D 137 -8.80 -2.89 -22.66
CA TYR D 137 -8.07 -2.18 -21.62
C TYR D 137 -6.92 -1.42 -22.28
N PRO D 138 -6.68 -0.16 -21.89
CA PRO D 138 -7.31 0.62 -20.82
C PRO D 138 -8.61 1.32 -21.23
N ARG D 139 -9.19 2.08 -20.30
CA ARG D 139 -10.47 2.77 -20.51
C ARG D 139 -10.40 3.77 -21.67
N GLU D 140 -9.27 4.46 -21.75
CA GLU D 140 -9.05 5.49 -22.75
C GLU D 140 -9.33 4.96 -24.15
N ALA D 141 -10.36 5.53 -24.78
CA ALA D 141 -10.78 5.15 -26.13
C ALA D 141 -11.55 6.30 -26.74
N LYS D 142 -11.49 6.43 -28.06
CA LYS D 142 -12.12 7.54 -28.76
C LYS D 142 -12.97 7.01 -29.90
N VAL D 143 -14.24 7.40 -29.93
CA VAL D 143 -15.16 6.93 -30.96
C VAL D 143 -15.83 8.10 -31.65
N GLN D 144 -15.54 8.27 -32.94
CA GLN D 144 -16.15 9.33 -33.73
C GLN D 144 -17.08 8.74 -34.79
N TRP D 145 -18.04 9.54 -35.24
CA TRP D 145 -18.98 9.10 -36.27
C TRP D 145 -18.78 9.86 -37.58
N LYS D 146 -18.94 9.15 -38.69
CA LYS D 146 -18.83 9.75 -40.02
C LYS D 146 -19.95 9.27 -40.93
N VAL D 147 -20.95 10.13 -41.11
CA VAL D 147 -22.05 9.86 -42.03
C VAL D 147 -21.67 10.41 -43.39
N ASP D 148 -21.67 9.52 -44.40
CA ASP D 148 -21.25 9.84 -45.76
C ASP D 148 -19.90 10.57 -45.81
N ASN D 149 -19.03 10.24 -44.86
CA ASN D 149 -17.70 10.85 -44.70
C ASN D 149 -17.68 12.15 -43.88
N ALA D 150 -18.85 12.78 -43.72
CA ALA D 150 -18.96 13.99 -42.90
C ALA D 150 -18.92 13.63 -41.42
N LEU D 151 -18.05 14.32 -40.67
CA LEU D 151 -17.92 14.13 -39.22
C LEU D 151 -19.19 14.58 -38.49
N GLN D 152 -19.44 14.01 -37.31
CA GLN D 152 -20.65 14.30 -36.54
C GLN D 152 -20.34 14.90 -35.17
N SER D 153 -21.25 15.76 -34.70
CA SER D 153 -21.10 16.43 -33.42
C SER D 153 -22.44 16.63 -32.71
N GLY D 154 -22.45 16.39 -31.40
CA GLY D 154 -23.63 16.62 -30.58
C GLY D 154 -24.71 15.55 -30.65
N ASN D 155 -24.80 14.86 -31.78
CA ASN D 155 -25.88 13.89 -32.03
C ASN D 155 -25.61 12.44 -31.56
N SER D 156 -24.60 12.26 -30.71
CA SER D 156 -24.30 10.94 -30.18
C SER D 156 -23.94 10.99 -28.70
N GLN D 157 -24.33 9.93 -27.98
CA GLN D 157 -23.95 9.76 -26.58
C GLN D 157 -23.25 8.42 -26.40
N GLU D 158 -22.32 8.37 -25.45
CA GLU D 158 -21.59 7.14 -25.16
C GLU D 158 -21.67 6.71 -23.69
N SER D 159 -21.69 5.40 -23.47
CA SER D 159 -21.69 4.86 -22.12
C SER D 159 -20.72 3.69 -21.96
N VAL D 160 -20.02 3.70 -20.83
CA VAL D 160 -18.97 2.73 -20.53
C VAL D 160 -19.37 1.93 -19.29
N THR D 161 -19.12 0.64 -19.32
CA THR D 161 -19.34 -0.19 -18.14
C THR D 161 -18.27 0.06 -17.11
N GLU D 162 -18.59 -0.25 -15.85
CA GLU D 162 -17.61 -0.32 -14.77
C GLU D 162 -16.66 -1.48 -15.10
N GLN D 163 -15.49 -1.49 -14.48
CA GLN D 163 -14.51 -2.55 -14.73
C GLN D 163 -15.09 -3.94 -14.46
N ASP D 164 -14.79 -4.88 -15.34
CA ASP D 164 -15.29 -6.26 -15.24
C ASP D 164 -14.64 -7.01 -14.09
N SER D 165 -15.40 -7.89 -13.45
CA SER D 165 -14.91 -8.60 -12.26
C SER D 165 -13.92 -9.74 -12.54
N LYS D 166 -14.01 -10.36 -13.71
CA LYS D 166 -13.07 -11.42 -14.09
C LYS D 166 -11.97 -10.92 -15.03
N ASP D 167 -12.39 -10.25 -16.11
CA ASP D 167 -11.49 -9.67 -17.11
C ASP D 167 -10.64 -8.50 -16.62
N SER D 168 -11.28 -7.57 -15.91
CA SER D 168 -10.76 -6.24 -15.63
C SER D 168 -10.84 -5.34 -16.87
N THR D 169 -11.70 -5.71 -17.82
CA THR D 169 -11.82 -4.97 -19.07
C THR D 169 -13.03 -4.06 -19.04
N TYR D 170 -13.00 -3.03 -19.88
CA TYR D 170 -14.14 -2.14 -20.06
C TYR D 170 -14.85 -2.48 -21.36
N SER D 171 -16.12 -2.10 -21.43
CA SER D 171 -16.89 -2.16 -22.68
C SER D 171 -17.59 -0.83 -22.85
N LEU D 172 -17.78 -0.44 -24.10
CA LEU D 172 -18.26 0.90 -24.43
C LEU D 172 -19.27 0.81 -25.56
N SER D 173 -20.38 1.54 -25.40
CA SER D 173 -21.30 1.72 -26.51
C SER D 173 -21.28 3.17 -26.93
N SER D 174 -21.43 3.40 -28.23
CA SER D 174 -21.66 4.73 -28.75
C SER D 174 -22.91 4.67 -29.62
N THR D 175 -23.89 5.52 -29.32
CA THR D 175 -25.17 5.47 -30.02
C THR D 175 -25.40 6.75 -30.82
N LEU D 176 -25.62 6.57 -32.12
CA LEU D 176 -25.87 7.69 -33.02
C LEU D 176 -27.36 7.76 -33.33
N THR D 177 -28.01 8.77 -32.78
CA THR D 177 -29.47 8.92 -32.90
C THR D 177 -29.80 10.01 -33.92
N LEU D 178 -30.66 9.65 -34.88
CA LEU D 178 -31.10 10.58 -35.92
C LEU D 178 -32.58 10.41 -36.25
N SER D 179 -33.16 11.46 -36.82
CA SER D 179 -34.54 11.42 -37.32
C SER D 179 -34.65 10.56 -38.59
N LYS D 180 -35.77 9.85 -38.73
CA LYS D 180 -36.01 8.93 -39.84
C LYS D 180 -35.75 9.55 -41.22
N ALA D 181 -36.13 10.82 -41.38
CA ALA D 181 -35.89 11.55 -42.62
C ALA D 181 -34.41 11.88 -42.79
N ASP D 182 -33.75 12.21 -41.69
CA ASP D 182 -32.32 12.55 -41.70
C ASP D 182 -31.46 11.32 -41.99
N TYR D 183 -31.91 10.16 -41.52
CA TYR D 183 -31.23 8.89 -41.77
C TYR D 183 -31.23 8.52 -43.25
N GLU D 184 -32.37 8.74 -43.91
CA GLU D 184 -32.54 8.33 -45.30
C GLU D 184 -31.86 9.27 -46.31
N LYS D 185 -31.39 10.41 -45.83
CA LYS D 185 -30.67 11.39 -46.66
C LYS D 185 -29.28 10.89 -47.09
N HIS D 186 -28.82 9.80 -46.47
CA HIS D 186 -27.44 9.31 -46.65
C HIS D 186 -27.35 7.79 -46.78
N LYS D 187 -26.20 7.31 -47.25
CA LYS D 187 -26.00 5.87 -47.49
C LYS D 187 -25.00 5.22 -46.52
N VAL D 188 -23.87 5.89 -46.31
CA VAL D 188 -22.74 5.29 -45.60
C VAL D 188 -22.65 5.80 -44.16
N TYR D 189 -22.61 4.86 -43.22
CA TYR D 189 -22.51 5.17 -41.79
C TYR D 189 -21.31 4.49 -41.18
N ALA D 190 -20.39 5.30 -40.67
CA ALA D 190 -19.09 4.80 -40.23
C ALA D 190 -18.80 5.04 -38.75
N CYS D 191 -18.25 4.02 -38.10
CA CYS D 191 -17.80 4.09 -36.74
C CYS D 191 -16.28 4.08 -36.71
N GLU D 192 -15.67 5.21 -36.34
CA GLU D 192 -14.22 5.35 -36.31
C GLU D 192 -13.69 5.25 -34.87
N VAL D 193 -12.84 4.26 -34.64
CA VAL D 193 -12.38 3.91 -33.30
C VAL D 193 -10.88 4.06 -33.12
N THR D 194 -10.48 4.73 -32.05
CA THR D 194 -9.09 4.92 -31.70
C THR D 194 -8.88 4.32 -30.32
N HIS D 195 -7.92 3.41 -30.21
CA HIS D 195 -7.58 2.77 -28.94
C HIS D 195 -6.13 2.31 -28.99
N GLN D 196 -5.50 2.30 -27.82
CA GLN D 196 -4.09 1.95 -27.69
C GLN D 196 -3.71 0.61 -28.32
N GLY D 197 -4.53 -0.42 -28.09
CA GLY D 197 -4.26 -1.76 -28.59
C GLY D 197 -4.63 -1.96 -30.05
N LEU D 198 -5.03 -0.88 -30.71
CA LEU D 198 -5.34 -0.90 -32.14
C LEU D 198 -4.28 -0.16 -32.94
N SER D 199 -4.19 -0.50 -34.22
CA SER D 199 -3.38 0.26 -35.17
C SER D 199 -4.23 1.45 -35.65
N SER D 200 -4.59 2.31 -34.70
CA SER D 200 -5.65 3.32 -34.86
C SER D 200 -5.41 4.30 -36.02
N PRO D 201 -6.49 4.90 -36.56
CA PRO D 201 -7.90 4.70 -36.22
C PRO D 201 -8.64 3.73 -37.14
N VAL D 202 -9.10 2.62 -36.58
CA VAL D 202 -9.85 1.61 -37.33
C VAL D 202 -11.28 2.10 -37.56
N THR D 203 -11.81 1.85 -38.75
CA THR D 203 -13.17 2.25 -39.09
C THR D 203 -14.06 1.03 -39.40
N LYS D 204 -15.24 0.98 -38.78
CA LYS D 204 -16.23 -0.05 -39.04
C LYS D 204 -17.49 0.60 -39.59
N SER D 205 -17.89 0.21 -40.80
CA SER D 205 -19.02 0.85 -41.47
C SER D 205 -20.02 -0.12 -42.08
N PHE D 206 -21.18 0.41 -42.47
CA PHE D 206 -22.18 -0.32 -43.23
C PHE D 206 -22.89 0.63 -44.20
N ASN D 207 -23.38 0.08 -45.32
CA ASN D 207 -24.21 0.83 -46.25
C ASN D 207 -25.69 0.64 -45.95
N ARG D 208 -26.48 1.69 -46.19
CA ARG D 208 -27.91 1.68 -45.91
C ARG D 208 -28.71 0.68 -46.76
N GLY D 209 -28.25 0.43 -47.99
CA GLY D 209 -28.85 -0.59 -48.85
C GLY D 209 -28.50 -2.00 -48.42
N GLN E 1 7.06 -55.00 1.35
CA GLN E 1 8.45 -55.54 1.36
C GLN E 1 9.17 -55.29 2.69
N LEU E 2 9.09 -54.06 3.18
CA LEU E 2 9.68 -53.70 4.48
C LEU E 2 8.63 -53.11 5.41
N GLN E 3 8.16 -53.93 6.35
CA GLN E 3 7.10 -53.54 7.28
C GLN E 3 7.62 -53.27 8.69
N GLN E 4 7.55 -52.01 9.09
CA GLN E 4 8.05 -51.60 10.40
C GLN E 4 6.95 -51.62 11.46
N SER E 5 7.35 -51.86 12.70
CA SER E 5 6.43 -51.91 13.84
C SER E 5 5.74 -50.56 14.08
N GLY E 6 4.65 -50.58 14.85
CA GLY E 6 3.83 -49.41 15.09
C GLY E 6 4.44 -48.38 16.02
N THR E 7 3.72 -47.27 16.20
CA THR E 7 4.19 -46.12 16.97
C THR E 7 4.40 -46.44 18.45
N VAL E 8 5.63 -46.26 18.92
CA VAL E 8 6.00 -46.53 20.30
C VAL E 8 6.07 -45.27 21.17
N LEU E 9 5.74 -45.43 22.45
CA LEU E 9 5.87 -44.41 23.48
C LEU E 9 6.81 -44.90 24.58
N ALA E 10 7.57 -44.00 25.18
CA ALA E 10 8.58 -44.38 26.17
C ALA E 10 8.92 -43.26 27.14
N ARG E 11 9.42 -43.63 28.32
CA ARG E 11 9.79 -42.66 29.35
C ARG E 11 11.31 -42.52 29.43
N PRO E 12 11.81 -41.34 29.83
CA PRO E 12 13.26 -41.09 29.86
C PRO E 12 14.03 -42.13 30.69
N GLY E 13 15.09 -42.70 30.09
CA GLY E 13 15.91 -43.71 30.76
C GLY E 13 15.60 -45.13 30.35
N ALA E 14 14.41 -45.33 29.77
CA ALA E 14 13.94 -46.67 29.40
C ALA E 14 14.60 -47.25 28.14
N SER E 15 14.08 -48.38 27.68
CA SER E 15 14.56 -49.04 26.48
C SER E 15 13.40 -49.45 25.58
N VAL E 16 13.61 -49.37 24.27
CA VAL E 16 12.58 -49.72 23.29
C VAL E 16 13.19 -50.54 22.15
N LYS E 17 12.51 -51.62 21.81
CA LYS E 17 12.93 -52.50 20.72
C LYS E 17 11.90 -52.42 19.61
N MET E 18 12.31 -51.89 18.46
CA MET E 18 11.43 -51.81 17.29
C MET E 18 11.91 -52.73 16.17
N SER E 19 10.99 -53.17 15.34
CA SER E 19 11.29 -54.18 14.32
C SER E 19 11.02 -53.72 12.90
N CYS E 20 11.60 -54.46 11.96
CA CYS E 20 11.44 -54.23 10.53
C CYS E 20 11.31 -55.61 9.88
N LYS E 21 10.09 -55.96 9.49
CA LYS E 21 9.78 -57.26 8.92
C LYS E 21 9.94 -57.25 7.41
N ALA E 22 10.87 -58.05 6.91
CA ALA E 22 11.12 -58.11 5.46
C ALA E 22 10.34 -59.22 4.76
N SER E 23 10.09 -59.01 3.47
CA SER E 23 9.40 -60.00 2.62
C SER E 23 9.58 -59.67 1.14
N GLY E 24 9.56 -60.71 0.31
CA GLY E 24 9.65 -60.55 -1.15
C GLY E 24 11.05 -60.69 -1.71
N TYR E 25 12.03 -60.96 -0.83
CA TYR E 25 13.42 -61.13 -1.23
C TYR E 25 14.21 -61.96 -0.21
N SER E 26 15.42 -62.37 -0.59
CA SER E 26 16.29 -63.13 0.31
C SER E 26 16.85 -62.24 1.41
N PHE E 27 16.36 -62.46 2.62
CA PHE E 27 16.66 -61.60 3.77
C PHE E 27 18.14 -61.62 4.17
N THR E 28 18.79 -62.76 4.00
CA THR E 28 20.18 -62.94 4.42
C THR E 28 21.20 -62.32 3.46
N ARG E 29 20.79 -62.09 2.21
CA ARG E 29 21.70 -61.66 1.15
C ARG E 29 21.98 -60.17 1.11
N TYR E 30 21.15 -59.37 1.78
CA TYR E 30 21.22 -57.92 1.69
C TYR E 30 21.60 -57.27 3.01
N TRP E 31 22.20 -56.09 2.94
CA TRP E 31 22.44 -55.26 4.12
C TRP E 31 21.18 -54.48 4.48
N MET E 32 21.03 -54.15 5.76
CA MET E 32 19.85 -53.47 6.26
C MET E 32 20.27 -52.27 7.12
N HIS E 33 20.04 -51.07 6.59
CA HIS E 33 20.40 -49.83 7.26
C HIS E 33 19.26 -49.27 8.12
N TRP E 34 19.61 -48.52 9.15
CA TRP E 34 18.64 -47.82 9.98
C TRP E 34 18.97 -46.33 9.99
N ILE E 35 17.96 -45.50 9.74
CA ILE E 35 18.16 -44.06 9.59
C ILE E 35 17.22 -43.28 10.50
N LYS E 36 17.79 -42.28 11.16
CA LYS E 36 17.07 -41.46 12.12
C LYS E 36 16.70 -40.11 11.50
N GLN E 37 15.48 -39.66 11.77
CA GLN E 37 15.03 -38.34 11.32
C GLN E 37 14.21 -37.68 12.41
N ARG E 38 14.85 -36.74 13.11
CA ARG E 38 14.19 -35.98 14.16
C ARG E 38 13.26 -34.91 13.61
N PRO E 39 12.08 -34.73 14.22
CA PRO E 39 11.06 -33.81 13.73
C PRO E 39 11.66 -32.48 13.27
N GLY E 40 11.57 -32.20 11.98
CA GLY E 40 12.11 -30.99 11.39
C GLY E 40 13.52 -31.16 10.84
N GLN E 41 14.35 -31.91 11.55
CA GLN E 41 15.76 -32.08 11.19
C GLN E 41 16.01 -33.05 10.02
N GLY E 42 17.29 -33.35 9.77
CA GLY E 42 17.70 -34.15 8.63
C GLY E 42 17.78 -35.63 8.93
N LEU E 43 18.55 -36.34 8.10
CA LEU E 43 18.69 -37.79 8.22
C LEU E 43 20.04 -38.16 8.80
N GLU E 44 20.01 -38.94 9.89
CA GLU E 44 21.24 -39.49 10.46
C GLU E 44 21.28 -40.98 10.22
N TRP E 45 22.43 -41.48 9.79
CA TRP E 45 22.65 -42.89 9.66
C TRP E 45 22.94 -43.44 11.05
N ILE E 46 22.29 -44.55 11.40
CA ILE E 46 22.53 -45.18 12.70
C ILE E 46 23.54 -46.30 12.54
N GLY E 47 23.27 -47.21 11.61
CA GLY E 47 24.11 -48.38 11.41
C GLY E 47 23.52 -49.37 10.42
N ALA E 48 24.14 -50.54 10.32
CA ALA E 48 23.72 -51.54 9.34
C ALA E 48 23.94 -52.96 9.86
N ILE E 49 23.13 -53.89 9.38
CA ILE E 49 23.25 -55.29 9.78
C ILE E 49 23.13 -56.22 8.57
N TYR E 50 24.04 -57.19 8.48
CA TYR E 50 23.98 -58.23 7.46
C TYR E 50 23.53 -59.52 8.12
N PRO E 51 22.28 -59.95 7.86
CA PRO E 51 21.68 -61.06 8.60
C PRO E 51 22.25 -62.45 8.26
N GLY E 52 23.02 -62.55 7.18
CA GLY E 52 23.66 -63.81 6.78
C GLY E 52 24.63 -64.31 7.84
N ASN E 53 25.52 -63.40 8.25
CA ASN E 53 26.35 -63.56 9.44
C ASN E 53 26.29 -62.25 10.19
N SER E 54 25.62 -62.24 11.34
CA SER E 54 25.28 -61.02 12.09
C SER E 54 26.36 -59.92 12.16
N ASP E 55 26.75 -59.40 11.00
CA ASP E 55 27.82 -58.41 10.87
C ASP E 55 27.26 -56.99 10.97
N THR E 56 27.68 -56.25 12.00
CA THR E 56 27.13 -54.92 12.23
C THR E 56 28.18 -53.81 12.17
N SER E 57 27.76 -52.67 11.64
CA SER E 57 28.57 -51.44 11.62
C SER E 57 27.74 -50.31 12.21
N TYR E 58 28.36 -49.46 13.02
CA TYR E 58 27.65 -48.40 13.72
C TYR E 58 28.22 -47.01 13.46
N ASN E 59 27.36 -46.00 13.57
CA ASN E 59 27.77 -44.62 13.59
C ASN E 59 28.40 -44.35 14.94
N GLN E 60 29.55 -43.66 14.93
CA GLN E 60 30.26 -43.25 16.15
C GLN E 60 29.31 -42.77 17.26
N LYS E 61 28.31 -41.97 16.89
CA LYS E 61 27.40 -41.32 17.85
C LYS E 61 26.35 -42.25 18.48
N PHE E 62 26.21 -43.46 17.95
CA PHE E 62 25.12 -44.35 18.37
C PHE E 62 25.55 -45.69 18.97
N GLU E 63 26.86 -45.89 19.09
CA GLU E 63 27.41 -47.14 19.61
C GLU E 63 26.87 -47.50 21.01
N GLY E 64 26.81 -46.52 21.90
CA GLY E 64 26.27 -46.72 23.24
C GLY E 64 24.74 -46.85 23.26
N LYS E 65 24.08 -46.24 22.28
CA LYS E 65 22.62 -46.09 22.28
C LYS E 65 21.87 -47.21 21.57
N ALA E 66 22.38 -47.67 20.44
CA ALA E 66 21.66 -48.60 19.58
C ALA E 66 22.31 -49.97 19.46
N LYS E 67 21.49 -51.01 19.46
CA LYS E 67 21.94 -52.36 19.19
C LYS E 67 21.07 -53.02 18.13
N LEU E 68 21.71 -53.49 17.05
CA LEU E 68 21.00 -54.07 15.92
C LEU E 68 21.09 -55.59 15.91
N THR E 69 19.95 -56.25 16.05
CA THR E 69 19.86 -57.70 15.98
C THR E 69 18.96 -58.13 14.82
N ALA E 70 18.97 -59.42 14.50
CA ALA E 70 18.13 -59.94 13.43
C ALA E 70 17.80 -61.42 13.61
N VAL E 71 16.54 -61.77 13.35
CA VAL E 71 16.11 -63.17 13.33
C VAL E 71 15.83 -63.57 11.88
N THR E 72 16.66 -64.46 11.35
CA THR E 72 16.58 -64.87 9.96
C THR E 72 15.37 -65.78 9.69
N SER E 73 14.98 -66.55 10.71
CA SER E 73 13.84 -67.47 10.58
C SER E 73 12.51 -66.72 10.45
N ALA E 74 12.44 -65.51 11.02
CA ALA E 74 11.26 -64.67 10.95
C ALA E 74 11.37 -63.60 9.87
N SER E 75 12.54 -63.51 9.23
CA SER E 75 12.88 -62.47 8.23
C SER E 75 12.73 -61.06 8.78
N THR E 76 13.06 -60.87 10.06
CA THR E 76 12.81 -59.61 10.76
C THR E 76 14.10 -59.02 11.30
N ALA E 77 14.25 -57.70 11.15
CA ALA E 77 15.40 -56.97 11.67
C ALA E 77 14.97 -56.11 12.85
N TYR E 78 15.77 -56.12 13.91
CA TYR E 78 15.45 -55.39 15.14
C TYR E 78 16.48 -54.32 15.46
N MET E 79 16.08 -53.36 16.28
CA MET E 79 16.95 -52.29 16.74
C MET E 79 16.54 -51.87 18.14
N GLU E 80 17.41 -52.11 19.11
CA GLU E 80 17.16 -51.69 20.49
C GLU E 80 17.74 -50.32 20.75
N LEU E 81 16.96 -49.47 21.40
CA LEU E 81 17.41 -48.17 21.83
C LEU E 81 17.43 -48.10 23.34
N SER E 82 18.59 -47.72 23.88
CA SER E 82 18.84 -47.81 25.32
C SER E 82 18.86 -46.44 26.00
N SER E 83 18.63 -46.44 27.31
CA SER E 83 18.65 -45.23 28.15
C SER E 83 18.20 -43.97 27.39
N LEU E 84 16.91 -43.93 27.07
CA LEU E 84 16.34 -42.94 26.15
C LEU E 84 16.24 -41.52 26.73
N THR E 85 16.59 -40.55 25.89
CA THR E 85 16.38 -39.13 26.20
C THR E 85 15.33 -38.57 25.23
N HIS E 86 14.92 -37.33 25.44
CA HIS E 86 13.96 -36.67 24.56
C HIS E 86 14.51 -36.50 23.14
N GLU E 87 15.84 -36.47 23.02
CA GLU E 87 16.50 -36.30 21.73
C GLU E 87 16.47 -37.58 20.89
N ASP E 88 15.88 -38.64 21.45
CA ASP E 88 15.67 -39.88 20.71
C ASP E 88 14.31 -39.90 20.01
N SER E 89 13.40 -39.04 20.47
CA SER E 89 12.10 -38.83 19.83
C SER E 89 12.29 -38.45 18.37
N ALA E 90 12.03 -39.42 17.49
CA ALA E 90 12.27 -39.27 16.06
C ALA E 90 11.48 -40.30 15.28
N VAL E 91 11.59 -40.26 13.96
CA VAL E 91 11.08 -41.31 13.09
C VAL E 91 12.27 -42.16 12.66
N TYR E 92 12.11 -43.48 12.73
CA TYR E 92 13.19 -44.40 12.38
C TYR E 92 12.81 -45.23 11.16
N TYR E 93 13.70 -45.24 10.16
CA TYR E 93 13.48 -45.94 8.91
C TYR E 93 14.47 -47.08 8.79
N CYS E 94 13.98 -48.27 8.47
CA CYS E 94 14.86 -49.34 8.03
C CYS E 94 14.89 -49.29 6.50
N SER E 95 16.02 -49.64 5.91
CA SER E 95 16.20 -49.57 4.45
C SER E 95 17.12 -50.64 3.89
N ARG E 96 16.73 -51.23 2.76
CA ARG E 96 17.54 -52.24 2.10
C ARG E 96 18.59 -51.57 1.23
N ASP E 97 19.79 -52.14 1.21
CA ASP E 97 20.89 -51.58 0.45
C ASP E 97 21.08 -52.33 -0.86
N TYR E 98 20.92 -51.61 -1.97
CA TYR E 98 21.07 -52.16 -3.31
C TYR E 98 22.48 -51.93 -3.85
N GLY E 99 23.35 -51.40 -2.99
CA GLY E 99 24.74 -51.13 -3.36
C GLY E 99 24.88 -49.75 -3.95
N TYR E 100 24.27 -49.54 -5.12
CA TYR E 100 24.21 -48.24 -5.77
C TYR E 100 23.53 -47.21 -4.86
N TYR E 101 22.43 -47.63 -4.23
CA TYR E 101 21.64 -46.79 -3.34
C TYR E 101 20.76 -47.61 -2.39
N PHE E 102 19.97 -46.93 -1.58
CA PHE E 102 18.97 -47.57 -0.75
C PHE E 102 17.63 -47.63 -1.52
N ASP E 103 17.33 -48.79 -2.09
CA ASP E 103 16.19 -48.93 -3.02
C ASP E 103 14.81 -49.05 -2.37
N PHE E 104 14.74 -49.66 -1.20
CA PHE E 104 13.47 -49.81 -0.49
C PHE E 104 13.58 -49.37 0.95
N TRP E 105 12.57 -48.64 1.41
CA TRP E 105 12.53 -48.14 2.77
C TRP E 105 11.26 -48.63 3.46
N GLY E 106 11.27 -48.59 4.79
CA GLY E 106 10.05 -48.86 5.54
C GLY E 106 9.16 -47.64 5.51
N GLN E 107 7.99 -47.75 6.12
CA GLN E 107 7.08 -46.62 6.24
C GLN E 107 7.48 -45.77 7.46
N GLY E 108 8.37 -46.30 8.28
CA GLY E 108 8.88 -45.58 9.44
C GLY E 108 8.19 -45.90 10.75
N THR E 109 8.96 -45.81 11.83
CA THR E 109 8.44 -45.98 13.18
C THR E 109 8.68 -44.69 13.96
N THR E 110 7.62 -44.16 14.56
CA THR E 110 7.72 -42.92 15.34
C THR E 110 7.89 -43.22 16.83
N LEU E 111 9.02 -42.80 17.37
CA LEU E 111 9.28 -42.89 18.80
C LEU E 111 9.02 -41.52 19.44
N THR E 112 8.35 -41.52 20.59
CA THR E 112 8.22 -40.31 21.39
C THR E 112 8.60 -40.66 22.82
N VAL E 113 9.56 -39.91 23.37
CA VAL E 113 10.08 -40.17 24.70
C VAL E 113 9.80 -38.97 25.59
N SER E 114 8.89 -39.15 26.55
CA SER E 114 8.65 -38.14 27.57
C SER E 114 8.02 -38.74 28.82
N SER E 115 8.13 -38.00 29.93
CA SER E 115 7.54 -38.42 31.20
C SER E 115 6.08 -37.96 31.34
N ALA E 116 5.47 -37.58 30.22
CA ALA E 116 4.05 -37.21 30.18
C ALA E 116 3.20 -38.44 29.90
N SER E 117 1.95 -38.42 30.35
CA SER E 117 1.04 -39.53 30.11
C SER E 117 -0.06 -39.15 29.12
N THR E 118 -0.61 -40.17 28.45
CA THR E 118 -1.66 -39.99 27.45
C THR E 118 -2.82 -39.17 27.99
N LYS E 119 -2.89 -37.92 27.53
CA LYS E 119 -3.97 -37.02 27.90
C LYS E 119 -4.76 -36.66 26.64
N GLY E 120 -6.07 -36.48 26.80
CA GLY E 120 -6.94 -36.08 25.71
C GLY E 120 -7.04 -34.57 25.65
N PRO E 121 -7.13 -34.01 24.43
CA PRO E 121 -7.14 -32.56 24.24
C PRO E 121 -8.37 -31.89 24.86
N SER E 122 -8.17 -30.67 25.34
CA SER E 122 -9.27 -29.75 25.60
C SER E 122 -9.38 -28.87 24.37
N VAL E 123 -10.60 -28.72 23.86
CA VAL E 123 -10.84 -28.01 22.60
C VAL E 123 -11.66 -26.75 22.84
N PHE E 124 -11.03 -25.60 22.58
CA PHE E 124 -11.64 -24.29 22.82
C PHE E 124 -12.00 -23.59 21.52
N PRO E 125 -13.13 -22.86 21.49
CA PRO E 125 -13.50 -22.19 20.24
C PRO E 125 -12.72 -20.90 20.02
N LEU E 126 -12.31 -20.68 18.78
CA LEU E 126 -11.76 -19.39 18.37
C LEU E 126 -12.87 -18.61 17.67
N ALA E 127 -13.56 -17.81 18.49
CA ALA E 127 -14.77 -17.10 18.11
C ALA E 127 -14.52 -16.01 17.06
N PRO E 128 -15.38 -15.96 16.02
CA PRO E 128 -15.33 -14.88 15.04
C PRO E 128 -15.86 -13.59 15.64
N SER E 129 -15.18 -12.49 15.35
CA SER E 129 -15.59 -11.16 15.78
C SER E 129 -15.18 -10.12 14.75
N SER E 130 -15.68 -8.90 14.92
CA SER E 130 -15.17 -7.76 14.16
C SER E 130 -13.78 -7.44 14.73
N LYS E 131 -12.85 -8.35 14.45
CA LYS E 131 -11.53 -8.35 15.05
C LYS E 131 -10.78 -9.54 14.43
N SER E 132 -11.55 -10.43 13.82
CA SER E 132 -11.00 -11.51 13.01
C SER E 132 -11.67 -11.53 11.64
N THR E 133 -11.82 -10.35 11.05
CA THR E 133 -12.34 -10.20 9.70
C THR E 133 -11.39 -9.34 8.87
N SER E 134 -11.49 -9.47 7.55
CA SER E 134 -10.82 -8.56 6.61
C SER E 134 -11.78 -8.14 5.50
N GLY E 135 -12.89 -7.53 5.92
CA GLY E 135 -13.94 -7.12 4.99
C GLY E 135 -14.65 -8.32 4.41
N GLY E 136 -14.11 -8.85 3.32
CA GLY E 136 -14.70 -9.98 2.62
C GLY E 136 -14.71 -11.27 3.43
N THR E 137 -13.52 -11.70 3.86
CA THR E 137 -13.35 -12.97 4.56
C THR E 137 -13.27 -12.80 6.08
N ALA E 138 -13.79 -13.79 6.81
CA ALA E 138 -13.69 -13.85 8.26
C ALA E 138 -12.93 -15.10 8.67
N ALA E 139 -12.26 -15.05 9.82
CA ALA E 139 -11.48 -16.19 10.29
C ALA E 139 -12.01 -16.75 11.62
N LEU E 140 -12.14 -18.07 11.66
CA LEU E 140 -12.58 -18.78 12.85
C LEU E 140 -11.80 -20.10 12.96
N GLY E 141 -11.79 -20.68 14.15
CA GLY E 141 -11.04 -21.92 14.36
C GLY E 141 -11.24 -22.61 15.69
N CYS E 142 -10.43 -23.64 15.91
CA CYS E 142 -10.45 -24.38 17.17
C CYS E 142 -9.06 -24.43 17.78
N LEU E 143 -8.99 -24.19 19.08
CA LEU E 143 -7.75 -24.31 19.83
C LEU E 143 -7.71 -25.66 20.52
N VAL E 144 -6.95 -26.58 19.93
CA VAL E 144 -6.76 -27.94 20.48
C VAL E 144 -5.56 -27.93 21.42
N LYS E 145 -5.84 -27.92 22.72
CA LYS E 145 -4.80 -27.68 23.72
C LYS E 145 -4.56 -28.83 24.70
N ASP E 146 -3.29 -28.97 25.11
CA ASP E 146 -2.88 -29.87 26.20
C ASP E 146 -3.18 -31.35 25.95
N TYR E 147 -2.49 -31.95 24.98
CA TYR E 147 -2.69 -33.37 24.68
C TYR E 147 -1.38 -34.13 24.47
N PHE E 148 -1.44 -35.43 24.75
CA PHE E 148 -0.33 -36.33 24.52
C PHE E 148 -0.83 -37.74 24.24
N PRO E 149 -0.21 -38.45 23.28
CA PRO E 149 0.83 -37.95 22.38
C PRO E 149 0.23 -37.38 21.10
N GLU E 150 1.02 -37.37 20.03
CA GLU E 150 0.52 -37.09 18.69
C GLU E 150 0.04 -38.37 18.02
N PRO E 151 -0.74 -38.26 16.94
CA PRO E 151 -1.26 -37.03 16.37
C PRO E 151 -2.66 -36.74 16.86
N VAL E 152 -3.18 -35.58 16.48
CA VAL E 152 -4.59 -35.28 16.61
C VAL E 152 -5.17 -35.20 15.20
N THR E 153 -6.49 -35.25 15.07
CA THR E 153 -7.13 -35.10 13.78
C THR E 153 -8.23 -34.05 13.85
N VAL E 154 -8.12 -33.05 12.97
CA VAL E 154 -9.13 -32.00 12.91
C VAL E 154 -9.77 -31.94 11.52
N SER E 155 -11.10 -31.87 11.51
CA SER E 155 -11.86 -31.63 10.29
C SER E 155 -13.07 -30.76 10.61
N TRP E 156 -13.58 -30.08 9.58
CA TRP E 156 -14.67 -29.13 9.75
C TRP E 156 -15.93 -29.63 9.06
N ASN E 157 -17.07 -29.46 9.73
CA ASN E 157 -18.38 -29.89 9.22
C ASN E 157 -18.35 -31.32 8.69
N SER E 158 -17.96 -32.25 9.58
CA SER E 158 -17.83 -33.68 9.26
C SER E 158 -17.01 -34.00 8.01
N GLY E 159 -16.25 -33.01 7.53
CA GLY E 159 -15.38 -33.19 6.37
C GLY E 159 -15.85 -32.50 5.10
N ALA E 160 -16.99 -31.81 5.18
CA ALA E 160 -17.58 -31.13 4.04
C ALA E 160 -16.83 -29.84 3.68
N LEU E 161 -16.24 -29.22 4.70
CA LEU E 161 -15.45 -28.00 4.53
C LEU E 161 -13.95 -28.33 4.48
N THR E 162 -13.33 -28.02 3.34
CA THR E 162 -11.91 -28.29 3.12
C THR E 162 -11.19 -27.01 2.70
N SER E 163 -11.83 -26.26 1.81
CA SER E 163 -11.26 -25.05 1.22
C SER E 163 -11.05 -23.97 2.28
N GLY E 164 -9.83 -23.43 2.32
CA GLY E 164 -9.48 -22.35 3.23
C GLY E 164 -9.20 -22.78 4.65
N VAL E 165 -8.99 -24.08 4.86
CA VAL E 165 -8.68 -24.63 6.18
C VAL E 165 -7.18 -24.77 6.35
N HIS E 166 -6.68 -24.28 7.48
CA HIS E 166 -5.30 -24.48 7.87
C HIS E 166 -5.22 -25.10 9.25
N THR E 167 -4.60 -26.27 9.33
CA THR E 167 -4.31 -26.91 10.60
C THR E 167 -2.80 -26.85 10.83
N PHE E 168 -2.39 -26.12 11.85
CA PHE E 168 -0.98 -25.87 12.08
C PHE E 168 -0.29 -27.06 12.71
N PRO E 169 1.01 -27.24 12.42
CA PRO E 169 1.79 -28.30 13.07
C PRO E 169 1.71 -28.17 14.58
N ALA E 170 1.64 -29.31 15.27
CA ALA E 170 1.57 -29.31 16.72
C ALA E 170 2.82 -28.68 17.31
N VAL E 171 2.64 -27.96 18.43
CA VAL E 171 3.76 -27.35 19.14
C VAL E 171 3.88 -27.94 20.55
N LEU E 172 5.02 -28.56 20.82
CA LEU E 172 5.28 -29.17 22.12
C LEU E 172 5.58 -28.11 23.18
N GLN E 173 4.67 -27.97 24.13
CA GLN E 173 4.86 -27.03 25.25
C GLN E 173 5.83 -27.60 26.29
N SER E 174 6.34 -26.73 27.15
CA SER E 174 7.33 -27.11 28.17
C SER E 174 6.77 -28.05 29.24
N SER E 175 5.44 -28.04 29.38
CA SER E 175 4.72 -28.96 30.26
C SER E 175 4.73 -30.41 29.76
N GLY E 176 5.29 -30.62 28.57
CA GLY E 176 5.35 -31.95 27.96
C GLY E 176 4.12 -32.28 27.11
N LEU E 177 3.20 -31.33 27.02
CA LEU E 177 1.97 -31.52 26.24
C LEU E 177 1.99 -30.75 24.91
N TYR E 178 1.26 -31.27 23.93
CA TYR E 178 1.17 -30.62 22.62
C TYR E 178 -0.04 -29.70 22.53
N SER E 179 0.02 -28.76 21.59
CA SER E 179 -1.09 -27.84 21.32
C SER E 179 -1.00 -27.27 19.90
N LEU E 180 -2.15 -27.19 19.24
CA LEU E 180 -2.24 -26.64 17.89
C LEU E 180 -3.59 -26.00 17.65
N SER E 181 -3.67 -25.17 16.62
CA SER E 181 -4.93 -24.57 16.20
C SER E 181 -5.29 -25.02 14.79
N SER E 182 -6.58 -25.21 14.58
CA SER E 182 -7.12 -25.39 13.24
C SER E 182 -7.96 -24.16 12.95
N VAL E 183 -7.73 -23.57 11.79
CA VAL E 183 -8.36 -22.31 11.43
C VAL E 183 -8.89 -22.35 10.00
N VAL E 184 -9.99 -21.65 9.75
CA VAL E 184 -10.60 -21.61 8.42
C VAL E 184 -11.11 -20.19 8.07
N THR E 185 -10.86 -19.78 6.83
CA THR E 185 -11.35 -18.48 6.34
C THR E 185 -12.60 -18.64 5.45
N VAL E 186 -13.65 -17.91 5.79
CA VAL E 186 -14.92 -17.96 5.07
C VAL E 186 -15.39 -16.55 4.63
N PRO E 187 -16.34 -16.45 3.68
CA PRO E 187 -16.96 -15.13 3.46
C PRO E 187 -17.74 -14.67 4.69
N SER E 188 -17.69 -13.36 4.94
CA SER E 188 -18.28 -12.77 6.16
C SER E 188 -19.80 -12.91 6.23
N SER E 189 -20.44 -12.87 5.07
CA SER E 189 -21.90 -12.94 4.98
C SER E 189 -22.44 -14.34 5.28
N SER E 190 -21.66 -15.36 4.89
CA SER E 190 -22.03 -16.77 5.09
C SER E 190 -21.99 -17.19 6.56
N LEU E 191 -21.46 -16.30 7.40
CA LEU E 191 -21.39 -16.52 8.85
C LEU E 191 -22.79 -16.53 9.48
N GLY E 192 -23.75 -15.90 8.82
CA GLY E 192 -25.14 -15.87 9.30
C GLY E 192 -25.83 -17.22 9.25
N THR E 193 -25.75 -17.88 8.09
CA THR E 193 -26.44 -19.16 7.87
C THR E 193 -25.61 -20.37 8.32
N GLN E 194 -24.53 -20.64 7.58
CA GLN E 194 -23.68 -21.82 7.79
C GLN E 194 -23.23 -21.97 9.23
N THR E 195 -23.51 -23.13 9.82
CA THR E 195 -23.03 -23.47 11.16
C THR E 195 -21.62 -24.06 11.01
N TYR E 196 -20.76 -23.78 11.99
CA TYR E 196 -19.39 -24.27 11.95
C TYR E 196 -19.03 -25.10 13.18
N ILE E 197 -18.80 -26.38 12.95
CA ILE E 197 -18.34 -27.31 13.99
C ILE E 197 -17.02 -27.95 13.59
N CYS E 198 -16.07 -27.95 14.52
CA CYS E 198 -14.81 -28.65 14.28
C CYS E 198 -14.83 -30.00 14.97
N ASN E 199 -14.29 -31.00 14.29
CA ASN E 199 -14.22 -32.35 14.80
C ASN E 199 -12.80 -32.66 15.23
N VAL E 200 -12.61 -32.82 16.54
CA VAL E 200 -11.30 -33.13 17.08
C VAL E 200 -11.24 -34.58 17.53
N ASN E 201 -10.38 -35.35 16.87
CA ASN E 201 -10.24 -36.76 17.13
C ASN E 201 -8.84 -37.12 17.62
N HIS E 202 -8.78 -37.75 18.79
CA HIS E 202 -7.52 -38.17 19.39
C HIS E 202 -7.52 -39.67 19.72
N LYS E 203 -7.12 -40.47 18.73
CA LYS E 203 -7.06 -41.92 18.84
C LYS E 203 -6.45 -42.48 20.13
N PRO E 204 -5.22 -42.02 20.50
CA PRO E 204 -4.55 -42.58 21.67
C PRO E 204 -5.32 -42.52 22.99
N SER E 205 -6.25 -41.57 23.13
CA SER E 205 -6.97 -41.38 24.39
C SER E 205 -8.44 -41.77 24.31
N ASN E 206 -8.84 -42.31 23.16
CA ASN E 206 -10.24 -42.62 22.88
C ASN E 206 -11.14 -41.39 23.06
N THR E 207 -10.61 -40.24 22.63
CA THR E 207 -11.29 -38.96 22.77
C THR E 207 -11.87 -38.52 21.43
N LYS E 208 -13.07 -37.95 21.50
CA LYS E 208 -13.71 -37.30 20.37
C LYS E 208 -14.62 -36.22 20.94
N VAL E 209 -14.53 -35.03 20.36
CA VAL E 209 -15.30 -33.88 20.83
C VAL E 209 -15.62 -32.95 19.68
N ASP E 210 -16.90 -32.64 19.51
CA ASP E 210 -17.36 -31.69 18.50
C ASP E 210 -17.70 -30.38 19.17
N LYS E 211 -17.13 -29.29 18.65
CA LYS E 211 -17.37 -27.96 19.21
C LYS E 211 -17.98 -27.04 18.16
N ARG E 212 -19.03 -26.32 18.56
CA ARG E 212 -19.67 -25.31 17.73
C ARG E 212 -18.96 -23.96 17.92
N VAL E 213 -18.52 -23.38 16.81
CA VAL E 213 -17.85 -22.08 16.86
C VAL E 213 -18.91 -20.97 16.80
N GLU E 214 -19.25 -20.46 17.98
CA GLU E 214 -20.30 -19.47 18.14
C GLU E 214 -19.74 -18.05 17.95
N PRO E 215 -20.28 -17.31 16.96
CA PRO E 215 -19.92 -15.90 16.75
C PRO E 215 -20.19 -15.02 17.98
N GLN F 1 35.14 -41.14 8.55
CA GLN F 1 34.40 -40.12 9.33
C GLN F 1 33.85 -38.99 8.45
N ILE F 2 33.85 -39.23 7.13
CA ILE F 2 33.43 -38.26 6.10
C ILE F 2 32.17 -37.49 6.50
N VAL F 3 32.20 -36.17 6.32
CA VAL F 3 31.06 -35.31 6.66
C VAL F 3 30.58 -34.53 5.44
N SER F 4 29.29 -34.66 5.13
CA SER F 4 28.67 -33.89 4.06
C SER F 4 27.91 -32.68 4.62
N THR F 5 28.03 -31.57 3.90
CA THR F 5 27.35 -30.32 4.23
C THR F 5 26.73 -29.75 2.96
N GLN F 6 25.49 -29.29 3.07
CA GLN F 6 24.74 -28.85 1.90
C GLN F 6 24.40 -27.36 1.92
N SER F 7 24.52 -26.74 0.75
CA SER F 7 24.30 -25.31 0.57
C SER F 7 23.40 -25.10 -0.65
N PRO F 8 22.26 -24.38 -0.48
CA PRO F 8 21.72 -23.75 0.73
C PRO F 8 20.93 -24.73 1.61
N ALA F 9 20.37 -24.23 2.71
CA ALA F 9 19.52 -25.02 3.59
C ALA F 9 18.05 -24.90 3.18
N ILE F 10 17.62 -23.66 2.95
CA ILE F 10 16.33 -23.37 2.33
C ILE F 10 16.61 -22.65 1.01
N MET F 11 15.67 -22.76 0.07
CA MET F 11 15.90 -22.31 -1.30
C MET F 11 14.57 -22.20 -2.04
N SER F 12 14.41 -21.13 -2.80
CA SER F 12 13.19 -20.89 -3.57
C SER F 12 13.46 -20.71 -5.06
N ALA F 13 12.52 -21.20 -5.88
CA ALA F 13 12.63 -21.11 -7.33
C ALA F 13 11.27 -20.97 -7.97
N SER F 14 11.19 -20.14 -9.00
CA SER F 14 9.95 -19.95 -9.76
C SER F 14 9.84 -21.02 -10.83
N PRO F 15 8.61 -21.46 -11.13
CA PRO F 15 8.42 -22.39 -12.24
C PRO F 15 9.18 -21.91 -13.48
N GLY F 16 10.05 -22.75 -14.02
CA GLY F 16 10.89 -22.38 -15.17
C GLY F 16 12.34 -22.10 -14.81
N GLU F 17 12.56 -21.48 -13.65
CA GLU F 17 13.91 -21.11 -13.21
C GLU F 17 14.83 -22.31 -13.12
N LYS F 18 16.07 -22.12 -13.55
CA LYS F 18 17.13 -23.09 -13.32
C LYS F 18 17.52 -23.02 -11.83
N VAL F 19 17.73 -24.18 -11.22
CA VAL F 19 18.20 -24.23 -9.83
C VAL F 19 19.44 -25.11 -9.73
N THR F 20 20.28 -24.82 -8.73
CA THR F 20 21.47 -25.62 -8.46
C THR F 20 21.70 -25.69 -6.95
N MET F 21 22.05 -26.87 -6.45
CA MET F 21 22.36 -27.03 -5.03
C MET F 21 23.66 -27.81 -4.86
N THR F 22 24.45 -27.39 -3.88
CA THR F 22 25.80 -27.90 -3.71
C THR F 22 25.92 -28.77 -2.46
N CYS F 23 26.68 -29.84 -2.57
CA CYS F 23 27.03 -30.69 -1.45
C CYS F 23 28.55 -30.71 -1.35
N SER F 24 29.06 -30.40 -0.16
CA SER F 24 30.50 -30.35 0.05
C SER F 24 30.95 -31.37 1.09
N ALA F 25 31.94 -32.17 0.71
CA ALA F 25 32.48 -33.21 1.57
C ALA F 25 33.76 -32.76 2.28
N SER F 26 34.01 -33.32 3.46
CA SER F 26 35.23 -33.06 4.22
C SER F 26 36.45 -33.74 3.61
N SER F 27 36.21 -34.88 2.95
CA SER F 27 37.28 -35.66 2.33
C SER F 27 36.98 -35.89 0.85
N SER F 28 37.94 -36.47 0.14
CA SER F 28 37.73 -36.84 -1.26
C SER F 28 36.78 -38.04 -1.35
N ARG F 29 35.91 -38.00 -2.35
CA ARG F 29 34.90 -39.03 -2.54
C ARG F 29 34.76 -39.37 -4.03
N SER F 30 34.49 -40.64 -4.32
CA SER F 30 34.40 -41.12 -5.71
C SER F 30 33.07 -40.78 -6.39
N TYR F 31 31.97 -41.00 -5.67
CA TYR F 31 30.63 -40.76 -6.19
C TYR F 31 29.74 -40.05 -5.17
N MET F 32 28.70 -39.39 -5.65
CA MET F 32 27.70 -38.79 -4.77
C MET F 32 26.31 -39.33 -5.07
N GLN F 33 25.54 -39.57 -4.02
CA GLN F 33 24.14 -39.97 -4.13
C GLN F 33 23.22 -38.85 -3.66
N TRP F 34 22.05 -38.75 -4.27
CA TRP F 34 21.04 -37.81 -3.82
C TRP F 34 19.70 -38.54 -3.61
N TYR F 35 19.02 -38.16 -2.54
CA TYR F 35 17.72 -38.75 -2.20
C TYR F 35 16.69 -37.64 -2.04
N GLN F 36 15.51 -37.83 -2.62
CA GLN F 36 14.43 -36.87 -2.50
C GLN F 36 13.52 -37.26 -1.35
N GLN F 37 12.98 -36.28 -0.64
CA GLN F 37 11.97 -36.54 0.39
C GLN F 37 10.89 -35.48 0.41
N LYS F 38 9.64 -35.95 0.47
CA LYS F 38 8.48 -35.07 0.66
C LYS F 38 7.81 -35.45 1.96
N PRO F 39 7.29 -34.45 2.70
CA PRO F 39 6.65 -34.69 4.00
C PRO F 39 5.59 -35.78 3.96
N GLY F 40 5.65 -36.69 4.93
CA GLY F 40 4.73 -37.82 5.00
C GLY F 40 5.28 -39.09 4.36
N THR F 41 6.22 -38.93 3.44
CA THR F 41 6.85 -40.08 2.77
C THR F 41 8.29 -40.26 3.25
N SER F 42 8.83 -41.45 3.00
CA SER F 42 10.22 -41.76 3.28
C SER F 42 11.09 -41.19 2.15
N PRO F 43 12.41 -41.12 2.36
CA PRO F 43 13.31 -40.73 1.27
C PRO F 43 13.21 -41.66 0.08
N LYS F 44 13.66 -41.19 -1.08
CA LYS F 44 13.47 -41.88 -2.35
C LYS F 44 14.70 -41.67 -3.20
N ARG F 45 15.38 -42.77 -3.56
CA ARG F 45 16.61 -42.69 -4.38
C ARG F 45 16.34 -41.84 -5.62
N TRP F 46 17.31 -41.01 -5.98
CA TRP F 46 17.09 -39.99 -7.00
C TRP F 46 18.23 -39.88 -7.99
N ILE F 47 19.45 -39.73 -7.47
CA ILE F 47 20.66 -39.70 -8.27
C ILE F 47 21.71 -40.58 -7.59
N TYR F 48 22.42 -41.37 -8.38
CA TYR F 48 23.49 -42.22 -7.88
C TYR F 48 24.70 -42.16 -8.80
N ASP F 49 25.84 -42.66 -8.33
CA ASP F 49 27.12 -42.54 -9.01
C ASP F 49 27.31 -41.16 -9.63
N THR F 50 27.12 -40.12 -8.82
CA THR F 50 27.31 -38.70 -9.19
C THR F 50 26.34 -38.16 -10.25
N SER F 51 26.23 -38.83 -11.39
CA SER F 51 25.50 -38.26 -12.54
C SER F 51 24.34 -39.10 -13.08
N LYS F 52 24.27 -40.36 -12.67
CA LYS F 52 23.23 -41.28 -13.13
C LYS F 52 21.86 -41.02 -12.48
N LEU F 53 20.82 -40.92 -13.30
CA LEU F 53 19.47 -40.79 -12.80
C LEU F 53 18.83 -42.14 -12.54
N ALA F 54 18.14 -42.26 -11.40
CA ALA F 54 17.35 -43.45 -11.08
C ALA F 54 16.13 -43.56 -11.99
N SER F 55 15.46 -44.71 -11.93
CA SER F 55 14.20 -44.90 -12.67
C SER F 55 13.16 -43.86 -12.28
N GLY F 56 12.45 -43.35 -13.29
CA GLY F 56 11.33 -42.45 -13.06
C GLY F 56 11.70 -41.02 -12.69
N VAL F 57 12.99 -40.77 -12.51
CA VAL F 57 13.51 -39.42 -12.27
C VAL F 57 13.47 -38.62 -13.58
N PRO F 58 12.86 -37.42 -13.57
CA PRO F 58 12.73 -36.61 -14.79
C PRO F 58 14.08 -36.25 -15.42
N ALA F 59 14.05 -36.00 -16.72
CA ALA F 59 15.26 -35.66 -17.49
C ALA F 59 15.84 -34.30 -17.12
N ARG F 60 15.01 -33.43 -16.56
CA ARG F 60 15.43 -32.08 -16.21
C ARG F 60 16.39 -32.04 -15.02
N PHE F 61 16.43 -33.14 -14.27
CA PHE F 61 17.41 -33.31 -13.19
C PHE F 61 18.73 -33.82 -13.75
N SER F 62 19.83 -33.33 -13.16
CA SER F 62 21.17 -33.84 -13.45
C SER F 62 22.08 -33.67 -12.24
N GLY F 63 23.19 -34.42 -12.25
CA GLY F 63 24.16 -34.34 -11.18
C GLY F 63 25.60 -34.34 -11.71
N SER F 64 26.45 -33.56 -11.07
CA SER F 64 27.89 -33.56 -11.38
C SER F 64 28.75 -33.25 -10.14
N GLY F 65 30.06 -33.15 -10.36
CA GLY F 65 31.01 -32.90 -9.28
C GLY F 65 32.09 -33.95 -9.20
N SER F 66 33.09 -33.73 -8.36
CA SER F 66 34.19 -34.67 -8.16
C SER F 66 34.97 -34.34 -6.89
N GLY F 67 35.69 -35.34 -6.38
CA GLY F 67 36.53 -35.19 -5.20
C GLY F 67 35.77 -34.78 -3.96
N THR F 68 35.59 -33.48 -3.79
CA THR F 68 35.08 -32.91 -2.55
C THR F 68 33.83 -32.05 -2.77
N SER F 69 33.65 -31.55 -3.99
CA SER F 69 32.49 -30.72 -4.31
C SER F 69 31.63 -31.36 -5.38
N TYR F 70 30.32 -31.41 -5.09
CA TYR F 70 29.33 -32.06 -5.95
C TYR F 70 28.08 -31.21 -6.00
N SER F 71 27.23 -31.45 -7.01
CA SER F 71 26.03 -30.66 -7.19
C SER F 71 24.89 -31.40 -7.89
N LEU F 72 23.66 -31.05 -7.50
CA LEU F 72 22.45 -31.48 -8.19
C LEU F 72 21.82 -30.26 -8.85
N THR F 73 21.42 -30.40 -10.10
CA THR F 73 20.89 -29.29 -10.88
C THR F 73 19.48 -29.63 -11.40
N ILE F 74 18.62 -28.62 -11.50
CA ILE F 74 17.35 -28.74 -12.23
C ILE F 74 17.32 -27.65 -13.30
N SER F 75 17.17 -28.07 -14.56
CA SER F 75 17.17 -27.13 -15.67
C SER F 75 15.92 -26.24 -15.69
N SER F 76 14.76 -26.82 -15.32
CA SER F 76 13.50 -26.07 -15.29
C SER F 76 12.64 -26.48 -14.10
N MET F 77 12.37 -25.52 -13.21
CA MET F 77 11.62 -25.77 -11.99
C MET F 77 10.17 -26.12 -12.29
N GLU F 78 9.69 -27.18 -11.65
CA GLU F 78 8.30 -27.60 -11.76
C GLU F 78 7.73 -27.89 -10.38
N ALA F 79 6.44 -27.59 -10.20
CA ALA F 79 5.78 -27.69 -8.90
C ALA F 79 6.11 -28.96 -8.12
N GLU F 80 6.23 -30.08 -8.82
CA GLU F 80 6.47 -31.38 -8.18
C GLU F 80 7.92 -31.59 -7.72
N ASP F 81 8.79 -30.62 -7.98
CA ASP F 81 10.17 -30.67 -7.50
C ASP F 81 10.32 -30.13 -6.08
N ALA F 82 9.25 -29.52 -5.57
CA ALA F 82 9.21 -29.02 -4.19
C ALA F 82 9.36 -30.16 -3.18
N ALA F 83 10.61 -30.40 -2.77
CA ALA F 83 10.96 -31.44 -1.83
C ALA F 83 12.22 -31.02 -1.07
N THR F 84 12.63 -31.85 -0.10
CA THR F 84 13.94 -31.67 0.50
C THR F 84 14.86 -32.76 -0.05
N TYR F 85 16.01 -32.34 -0.55
CA TYR F 85 16.95 -33.26 -1.17
C TYR F 85 18.14 -33.43 -0.22
N TYR F 86 18.56 -34.69 -0.05
CA TYR F 86 19.67 -35.01 0.84
C TYR F 86 20.78 -35.69 0.04
N CYS F 87 22.01 -35.22 0.20
CA CYS F 87 23.14 -35.91 -0.42
C CYS F 87 23.62 -37.03 0.51
N HIS F 88 24.22 -38.05 -0.09
CA HIS F 88 24.62 -39.25 0.64
C HIS F 88 25.83 -39.90 -0.04
N GLN F 89 26.66 -40.59 0.73
CA GLN F 89 27.86 -41.25 0.18
C GLN F 89 28.07 -42.63 0.79
N ARG F 90 28.65 -43.53 0.01
CA ARG F 90 28.71 -44.95 0.38
C ARG F 90 30.07 -45.44 0.93
N SER F 91 30.73 -44.61 1.74
CA SER F 91 31.95 -45.01 2.44
C SER F 91 31.76 -44.96 3.94
N SER F 92 31.02 -43.96 4.41
CA SER F 92 30.62 -43.86 5.81
C SER F 92 29.10 -43.93 5.94
N TYR F 93 28.40 -43.79 4.81
CA TYR F 93 26.95 -43.83 4.75
C TYR F 93 26.29 -42.65 5.45
N THR F 94 27.08 -41.60 5.64
CA THR F 94 26.63 -40.38 6.30
C THR F 94 25.76 -39.56 5.34
N PHE F 95 24.97 -38.64 5.90
CA PHE F 95 24.10 -37.80 5.09
C PHE F 95 24.47 -36.32 5.19
N GLY F 96 24.18 -35.59 4.13
CA GLY F 96 24.27 -34.14 4.17
C GLY F 96 23.12 -33.58 4.98
N GLY F 97 23.14 -32.28 5.23
CA GLY F 97 22.11 -31.61 6.02
C GLY F 97 20.76 -31.50 5.32
N GLY F 98 20.78 -31.49 4.00
CA GLY F 98 19.55 -31.40 3.21
C GLY F 98 19.15 -30.01 2.79
N THR F 99 19.03 -29.81 1.47
CA THR F 99 18.52 -28.56 0.91
C THR F 99 17.04 -28.70 0.70
N LYS F 100 16.27 -27.81 1.32
CA LYS F 100 14.84 -27.75 1.08
C LYS F 100 14.55 -26.82 -0.10
N LEU F 101 13.88 -27.38 -1.11
CA LEU F 101 13.50 -26.63 -2.30
C LEU F 101 12.01 -26.27 -2.28
N GLU F 102 11.73 -24.97 -2.33
CA GLU F 102 10.37 -24.45 -2.29
C GLU F 102 10.03 -23.65 -3.54
N ILE F 103 8.77 -23.24 -3.67
CA ILE F 103 8.27 -22.54 -4.85
C ILE F 103 8.28 -21.01 -4.67
N LYS F 104 9.10 -20.32 -5.46
CA LYS F 104 9.09 -18.86 -5.46
C LYS F 104 7.84 -18.34 -6.14
N ARG F 105 7.24 -17.34 -5.50
CA ARG F 105 5.94 -16.83 -5.88
C ARG F 105 6.05 -15.30 -5.91
N THR F 106 4.96 -14.66 -6.33
CA THR F 106 4.82 -13.22 -6.19
C THR F 106 4.59 -12.94 -4.71
N VAL F 107 4.93 -11.73 -4.26
CA VAL F 107 4.77 -11.32 -2.86
C VAL F 107 3.29 -11.18 -2.49
N ALA F 108 2.92 -11.71 -1.33
CA ALA F 108 1.53 -11.62 -0.84
C ALA F 108 1.50 -11.23 0.63
N ALA F 109 0.71 -10.21 0.93
CA ALA F 109 0.61 -9.66 2.29
C ALA F 109 -0.36 -10.45 3.15
N PRO F 110 0.05 -10.76 4.41
CA PRO F 110 -0.78 -11.53 5.32
C PRO F 110 -2.02 -10.78 5.77
N SER F 111 -3.11 -11.52 5.99
CA SER F 111 -4.26 -10.99 6.70
C SER F 111 -4.02 -11.25 8.17
N VAL F 112 -4.30 -10.27 9.00
CA VAL F 112 -4.00 -10.39 10.43
C VAL F 112 -5.28 -10.49 11.22
N PHE F 113 -5.41 -11.58 11.98
CA PHE F 113 -6.57 -11.82 12.83
C PHE F 113 -6.09 -12.06 14.24
N ILE F 114 -6.86 -11.61 15.23
CA ILE F 114 -6.55 -11.89 16.62
C ILE F 114 -7.78 -12.43 17.35
N PHE F 115 -7.57 -13.47 18.15
CA PHE F 115 -8.64 -14.09 18.92
C PHE F 115 -8.38 -13.94 20.42
N PRO F 116 -9.32 -13.31 21.15
CA PRO F 116 -9.26 -13.24 22.61
C PRO F 116 -9.52 -14.62 23.23
N PRO F 117 -9.02 -14.86 24.46
CA PRO F 117 -9.22 -16.12 25.16
C PRO F 117 -10.70 -16.45 25.33
N SER F 118 -11.05 -17.71 25.05
CA SER F 118 -12.42 -18.19 25.20
C SER F 118 -12.83 -18.27 26.66
N ASP F 119 -14.13 -18.22 26.90
CA ASP F 119 -14.68 -18.23 28.26
C ASP F 119 -14.45 -19.57 28.97
N GLU F 120 -14.59 -20.67 28.23
CA GLU F 120 -14.35 -22.00 28.76
C GLU F 120 -12.93 -22.10 29.28
N GLN F 121 -11.99 -21.60 28.49
CA GLN F 121 -10.58 -21.61 28.86
C GLN F 121 -10.33 -20.81 30.13
N LEU F 122 -10.98 -19.65 30.23
CA LEU F 122 -10.88 -18.81 31.42
C LEU F 122 -11.26 -19.56 32.69
N LYS F 123 -12.33 -20.34 32.61
CA LYS F 123 -12.80 -21.16 33.72
C LYS F 123 -11.75 -22.16 34.21
N SER F 124 -11.07 -22.81 33.25
CA SER F 124 -10.03 -23.80 33.57
C SER F 124 -8.86 -23.18 34.33
N GLY F 125 -8.54 -21.93 34.01
CA GLY F 125 -7.49 -21.21 34.71
C GLY F 125 -6.40 -20.61 33.83
N THR F 126 -6.40 -20.97 32.55
CA THR F 126 -5.42 -20.46 31.60
C THR F 126 -6.08 -19.64 30.50
N ALA F 127 -5.28 -18.80 29.84
CA ALA F 127 -5.76 -17.96 28.76
C ALA F 127 -4.77 -17.96 27.62
N SER F 128 -5.25 -18.29 26.43
CA SER F 128 -4.41 -18.30 25.24
C SER F 128 -4.89 -17.31 24.22
N VAL F 129 -4.00 -16.41 23.83
CA VAL F 129 -4.32 -15.37 22.86
C VAL F 129 -3.69 -15.74 21.53
N VAL F 130 -4.54 -15.99 20.54
CA VAL F 130 -4.09 -16.49 19.24
C VAL F 130 -4.09 -15.39 18.18
N CYS F 131 -2.91 -15.11 17.63
CA CYS F 131 -2.76 -14.22 16.48
C CYS F 131 -2.56 -15.08 15.22
N LEU F 132 -3.30 -14.76 14.16
CA LEU F 132 -3.24 -15.51 12.92
C LEU F 132 -2.74 -14.62 11.79
N LEU F 133 -1.72 -15.10 11.07
CA LEU F 133 -1.23 -14.45 9.86
C LEU F 133 -1.51 -15.36 8.69
N ASN F 134 -2.49 -14.99 7.86
CA ASN F 134 -3.01 -15.89 6.83
C ASN F 134 -2.61 -15.57 5.39
N ASN F 135 -2.14 -16.60 4.69
CA ASN F 135 -1.83 -16.56 3.25
C ASN F 135 -0.90 -15.44 2.80
N PHE F 136 0.38 -15.59 3.09
CA PHE F 136 1.39 -14.61 2.72
C PHE F 136 2.57 -15.26 2.03
N TYR F 137 3.33 -14.46 1.27
CA TYR F 137 4.62 -14.89 0.73
C TYR F 137 5.59 -13.71 0.79
N PRO F 138 6.86 -13.98 1.18
CA PRO F 138 7.48 -15.24 1.56
C PRO F 138 7.26 -15.61 3.04
N ARG F 139 7.94 -16.66 3.50
CA ARG F 139 7.78 -17.20 4.85
C ARG F 139 8.20 -16.21 5.92
N GLU F 140 9.29 -15.49 5.66
CA GLU F 140 9.89 -14.54 6.60
C GLU F 140 8.86 -13.53 7.12
N ALA F 141 8.64 -13.57 8.43
CA ALA F 141 7.74 -12.65 9.13
C ALA F 141 8.12 -12.58 10.60
N LYS F 142 7.94 -11.41 11.20
CA LYS F 142 8.18 -11.24 12.63
C LYS F 142 6.87 -10.93 13.34
N VAL F 143 6.63 -11.59 14.46
CA VAL F 143 5.44 -11.37 15.27
C VAL F 143 5.82 -11.17 16.72
N GLN F 144 5.59 -9.97 17.23
CA GLN F 144 5.86 -9.66 18.63
C GLN F 144 4.58 -9.41 19.42
N TRP F 145 4.63 -9.75 20.71
CA TRP F 145 3.51 -9.51 21.60
C TRP F 145 3.81 -8.33 22.54
N LYS F 146 2.83 -7.45 22.66
CA LYS F 146 2.91 -6.26 23.52
C LYS F 146 1.73 -6.26 24.47
N VAL F 147 1.99 -6.47 25.75
CA VAL F 147 0.96 -6.40 26.78
C VAL F 147 1.10 -5.10 27.55
N ASP F 148 0.04 -4.28 27.52
CA ASP F 148 0.05 -2.91 28.06
C ASP F 148 1.28 -2.13 27.58
N ASN F 149 1.67 -2.40 26.33
CA ASN F 149 2.85 -1.79 25.69
C ASN F 149 4.19 -2.26 26.25
N ALA F 150 4.18 -3.41 26.92
CA ALA F 150 5.41 -4.05 27.37
C ALA F 150 5.68 -5.29 26.50
N LEU F 151 6.83 -5.26 25.80
CA LEU F 151 7.23 -6.34 24.91
C LEU F 151 7.41 -7.65 25.67
N GLN F 152 6.82 -8.73 25.16
CA GLN F 152 6.85 -10.04 25.80
C GLN F 152 7.97 -10.92 25.29
N SER F 153 8.38 -11.88 26.12
CA SER F 153 9.45 -12.83 25.76
C SER F 153 9.28 -14.18 26.46
N GLY F 154 9.49 -15.26 25.69
CA GLY F 154 9.52 -16.62 26.24
C GLY F 154 8.19 -17.25 26.58
N ASN F 155 7.13 -16.44 26.60
CA ASN F 155 5.78 -16.92 26.95
C ASN F 155 4.88 -17.19 25.74
N SER F 156 5.48 -17.16 24.55
CA SER F 156 4.73 -17.39 23.32
C SER F 156 5.53 -18.21 22.30
N GLN F 157 4.86 -19.18 21.70
CA GLN F 157 5.45 -19.94 20.60
C GLN F 157 4.60 -19.82 19.35
N GLU F 158 5.20 -20.09 18.20
CA GLU F 158 4.51 -19.97 16.92
C GLU F 158 4.58 -21.24 16.05
N SER F 159 3.65 -21.34 15.10
CA SER F 159 3.55 -22.49 14.22
C SER F 159 3.34 -22.05 12.78
N VAL F 160 3.96 -22.75 11.84
CA VAL F 160 3.89 -22.39 10.42
C VAL F 160 3.53 -23.58 9.53
N THR F 161 2.54 -23.38 8.67
CA THR F 161 2.18 -24.38 7.67
C THR F 161 3.26 -24.51 6.60
N GLU F 162 3.27 -25.67 5.94
CA GLU F 162 4.06 -25.84 4.73
C GLU F 162 3.40 -25.04 3.61
N GLN F 163 4.12 -24.89 2.51
CA GLN F 163 3.64 -24.14 1.37
C GLN F 163 2.33 -24.76 0.85
N ASP F 164 1.34 -23.91 0.61
CA ASP F 164 0.07 -24.35 0.06
C ASP F 164 0.24 -24.92 -1.36
N SER F 165 -0.52 -25.97 -1.67
CA SER F 165 -0.37 -26.68 -2.95
C SER F 165 -0.98 -25.92 -4.14
N LYS F 166 -1.93 -25.04 -3.87
CA LYS F 166 -2.62 -24.31 -4.94
C LYS F 166 -1.99 -22.93 -5.18
N ASP F 167 -2.00 -22.07 -4.15
CA ASP F 167 -1.52 -20.69 -4.30
C ASP F 167 -0.10 -20.40 -3.77
N SER F 168 0.58 -21.43 -3.25
CA SER F 168 1.99 -21.35 -2.82
C SER F 168 2.28 -20.42 -1.63
N THR F 169 1.27 -20.14 -0.80
CA THR F 169 1.44 -19.21 0.32
C THR F 169 1.65 -19.90 1.66
N TYR F 170 1.97 -19.11 2.69
CA TYR F 170 2.20 -19.60 4.05
C TYR F 170 1.12 -19.11 5.02
N SER F 171 0.98 -19.78 6.15
CA SER F 171 0.09 -19.35 7.22
C SER F 171 0.80 -19.53 8.57
N LEU F 172 0.50 -18.65 9.51
CA LEU F 172 1.23 -18.58 10.77
C LEU F 172 0.29 -18.27 11.94
N SER F 173 0.51 -18.93 13.06
CA SER F 173 -0.20 -18.55 14.28
C SER F 173 0.81 -18.26 15.40
N SER F 174 0.55 -17.21 16.15
CA SER F 174 1.31 -16.95 17.36
C SER F 174 0.35 -17.03 18.52
N THR F 175 0.71 -17.82 19.52
CA THR F 175 -0.14 -18.05 20.69
C THR F 175 0.53 -17.49 21.93
N LEU F 176 -0.15 -16.56 22.59
CA LEU F 176 0.32 -16.05 23.87
C LEU F 176 -0.41 -16.82 24.95
N THR F 177 0.35 -17.55 25.76
CA THR F 177 -0.25 -18.38 26.80
C THR F 177 0.08 -17.82 28.19
N LEU F 178 -0.97 -17.57 28.96
CA LEU F 178 -0.87 -17.04 30.31
C LEU F 178 -1.94 -17.63 31.23
N SER F 179 -1.79 -17.36 32.53
CA SER F 179 -2.77 -17.77 33.54
C SER F 179 -3.84 -16.70 33.69
N LYS F 180 -5.00 -17.08 34.24
CA LYS F 180 -6.09 -16.14 34.47
C LYS F 180 -5.65 -14.91 35.28
N ALA F 181 -4.89 -15.15 36.34
CA ALA F 181 -4.38 -14.08 37.20
C ALA F 181 -3.55 -13.05 36.42
N ASP F 182 -2.66 -13.55 35.57
CA ASP F 182 -1.80 -12.71 34.73
C ASP F 182 -2.59 -12.01 33.63
N TYR F 183 -3.55 -12.72 33.05
CA TYR F 183 -4.40 -12.17 32.00
C TYR F 183 -5.29 -11.04 32.52
N GLU F 184 -5.73 -11.17 33.77
CA GLU F 184 -6.64 -10.19 34.37
C GLU F 184 -5.95 -8.92 34.86
N LYS F 185 -4.63 -8.98 35.03
CA LYS F 185 -3.86 -7.83 35.52
C LYS F 185 -3.62 -6.73 34.48
N HIS F 186 -4.01 -7.00 33.23
CA HIS F 186 -3.80 -6.06 32.12
C HIS F 186 -5.06 -5.94 31.26
N LYS F 187 -5.08 -4.94 30.38
CA LYS F 187 -6.23 -4.75 29.49
C LYS F 187 -5.90 -4.71 27.99
N VAL F 188 -4.74 -4.20 27.63
CA VAL F 188 -4.38 -4.05 26.21
C VAL F 188 -3.50 -5.20 25.73
N TYR F 189 -4.05 -5.98 24.79
CA TYR F 189 -3.31 -7.10 24.19
C TYR F 189 -3.11 -6.88 22.70
N ALA F 190 -1.84 -6.93 22.30
CA ALA F 190 -1.43 -6.49 20.97
C ALA F 190 -0.53 -7.50 20.30
N CYS F 191 -0.82 -7.74 19.02
CA CYS F 191 0.00 -8.56 18.16
C CYS F 191 0.69 -7.62 17.18
N GLU F 192 2.01 -7.68 17.11
CA GLU F 192 2.78 -6.76 16.26
C GLU F 192 3.47 -7.47 15.10
N VAL F 193 2.98 -7.23 13.90
CA VAL F 193 3.37 -7.99 12.73
C VAL F 193 4.30 -7.20 11.79
N THR F 194 5.43 -7.83 11.47
CA THR F 194 6.38 -7.26 10.51
C THR F 194 6.50 -8.22 9.34
N HIS F 195 6.19 -7.74 8.15
CA HIS F 195 6.28 -8.56 6.94
C HIS F 195 6.57 -7.69 5.72
N GLN F 196 7.34 -8.24 4.80
CA GLN F 196 7.68 -7.60 3.52
C GLN F 196 6.48 -6.99 2.79
N GLY F 197 5.33 -7.67 2.85
CA GLY F 197 4.10 -7.22 2.20
C GLY F 197 3.28 -6.18 2.95
N LEU F 198 3.72 -5.83 4.16
CA LEU F 198 3.04 -4.86 5.00
C LEU F 198 3.86 -3.57 5.15
N SER F 199 3.20 -2.49 5.57
CA SER F 199 3.91 -1.31 6.08
C SER F 199 4.19 -1.55 7.54
N SER F 200 5.27 -2.29 7.78
CA SER F 200 5.61 -2.80 9.10
C SER F 200 6.12 -1.72 10.05
N PRO F 201 5.92 -1.90 11.37
CA PRO F 201 5.08 -2.93 11.95
C PRO F 201 3.61 -2.53 11.93
N VAL F 202 2.73 -3.52 11.90
CA VAL F 202 1.28 -3.28 11.95
C VAL F 202 0.75 -3.96 13.21
N THR F 203 -0.13 -3.27 13.93
CA THR F 203 -0.66 -3.78 15.18
C THR F 203 -2.15 -4.14 15.09
N LYS F 204 -2.47 -5.37 15.44
CA LYS F 204 -3.87 -5.78 15.65
C LYS F 204 -4.01 -6.04 17.14
N SER F 205 -4.92 -5.31 17.78
CA SER F 205 -5.04 -5.33 19.23
C SER F 205 -6.48 -5.45 19.70
N PHE F 206 -6.64 -5.79 20.97
CA PHE F 206 -7.95 -5.73 21.63
C PHE F 206 -7.82 -5.32 23.10
N ASN F 207 -8.93 -4.85 23.67
CA ASN F 207 -9.02 -4.55 25.09
C ASN F 207 -9.83 -5.59 25.84
N ARG F 208 -9.24 -6.12 26.92
CA ARG F 208 -9.94 -7.08 27.79
C ARG F 208 -11.14 -6.44 28.47
N GLU G 1 17.84 -57.07 -10.02
CA GLU G 1 19.06 -57.32 -10.83
C GLU G 1 20.13 -58.10 -10.07
N LEU G 2 19.96 -58.26 -8.76
CA LEU G 2 20.91 -59.01 -7.94
C LEU G 2 20.51 -60.48 -7.81
N CYS G 3 21.47 -61.37 -8.07
CA CYS G 3 21.26 -62.81 -8.01
C CYS G 3 21.14 -63.25 -6.54
N ASP G 4 19.93 -63.63 -6.15
CA ASP G 4 19.59 -63.90 -4.74
C ASP G 4 20.09 -65.24 -4.21
N ASP G 5 20.52 -66.12 -5.10
CA ASP G 5 21.17 -67.38 -4.69
C ASP G 5 22.54 -67.53 -5.34
N ASP G 6 23.45 -68.22 -4.65
CA ASP G 6 24.77 -68.51 -5.19
C ASP G 6 24.78 -69.81 -6.01
N PRO G 7 25.71 -69.91 -6.99
CA PRO G 7 25.81 -71.05 -7.91
C PRO G 7 25.92 -72.42 -7.21
N PRO G 8 25.49 -73.50 -7.89
CA PRO G 8 25.51 -74.84 -7.32
C PRO G 8 26.93 -75.37 -7.05
N GLU G 9 27.07 -76.10 -5.95
CA GLU G 9 28.33 -76.77 -5.60
C GLU G 9 28.44 -78.10 -6.35
N ILE G 10 29.64 -78.38 -6.86
CA ILE G 10 29.92 -79.66 -7.50
C ILE G 10 31.12 -80.32 -6.79
N PRO G 11 30.96 -81.59 -6.35
CA PRO G 11 31.93 -82.36 -5.57
C PRO G 11 33.41 -82.08 -5.85
N HIS G 12 33.77 -81.85 -7.11
CA HIS G 12 35.17 -81.64 -7.47
C HIS G 12 35.51 -80.27 -8.06
N ALA G 13 34.48 -79.46 -8.32
CA ALA G 13 34.64 -78.20 -9.04
C ALA G 13 34.84 -76.96 -8.17
N THR G 14 35.74 -76.07 -8.63
CA THR G 14 35.93 -74.74 -8.05
C THR G 14 35.59 -73.70 -9.12
N PHE G 15 34.59 -72.88 -8.83
CA PHE G 15 34.07 -71.92 -9.79
C PHE G 15 34.58 -70.50 -9.56
N LYS G 16 34.65 -69.73 -10.65
CA LYS G 16 34.99 -68.31 -10.60
C LYS G 16 34.61 -67.61 -11.90
N ALA G 17 34.38 -66.30 -11.81
CA ALA G 17 34.21 -65.47 -12.99
C ALA G 17 35.50 -64.68 -13.20
N MET G 18 35.97 -64.62 -14.44
CA MET G 18 37.15 -63.84 -14.79
C MET G 18 36.81 -62.35 -14.89
N ALA G 19 35.52 -62.05 -15.10
CA ALA G 19 35.02 -60.68 -15.15
C ALA G 19 33.75 -60.53 -14.30
N TYR G 20 33.73 -59.50 -13.46
CA TYR G 20 32.58 -59.21 -12.59
C TYR G 20 31.78 -58.02 -13.11
N LYS G 21 30.48 -58.22 -13.31
CA LYS G 21 29.61 -57.19 -13.88
C LYS G 21 29.38 -56.03 -12.93
N GLU G 22 29.07 -54.86 -13.51
CA GLU G 22 28.76 -53.67 -12.73
C GLU G 22 27.53 -53.91 -11.87
N GLY G 23 27.69 -53.72 -10.57
CA GLY G 23 26.63 -53.93 -9.61
C GLY G 23 26.94 -55.04 -8.63
N THR G 24 28.00 -55.79 -8.90
CA THR G 24 28.44 -56.87 -8.01
C THR G 24 29.01 -56.34 -6.71
N MET G 25 28.69 -57.00 -5.61
CA MET G 25 29.14 -56.58 -4.29
C MET G 25 29.98 -57.65 -3.63
N LEU G 26 31.01 -57.23 -2.91
CA LEU G 26 31.84 -58.12 -2.13
C LEU G 26 31.92 -57.63 -0.69
N ASN G 27 31.42 -58.46 0.23
CA ASN G 27 31.45 -58.13 1.64
C ASN G 27 32.86 -58.10 2.21
N CYS G 28 33.16 -57.08 3.01
CA CYS G 28 34.45 -56.97 3.67
C CYS G 28 34.45 -57.82 4.94
N GLU G 29 34.77 -59.11 4.78
CA GLU G 29 34.81 -60.04 5.89
C GLU G 29 36.24 -60.40 6.27
N CYS G 30 36.56 -60.23 7.56
CA CYS G 30 37.89 -60.48 8.08
C CYS G 30 37.94 -61.82 8.81
N LYS G 31 39.13 -62.42 8.85
CA LYS G 31 39.36 -63.67 9.56
C LYS G 31 39.34 -63.43 11.07
N ARG G 32 39.30 -64.52 11.85
CA ARG G 32 39.18 -64.46 13.31
C ARG G 32 40.06 -63.40 13.98
N GLY G 33 41.25 -63.18 13.44
CA GLY G 33 42.24 -62.25 13.99
C GLY G 33 41.75 -60.82 14.16
N PHE G 34 41.08 -60.29 13.14
CA PHE G 34 40.65 -58.90 13.15
C PHE G 34 39.15 -58.74 12.86
N ARG G 35 38.59 -57.60 13.27
CA ARG G 35 37.28 -57.17 12.83
C ARG G 35 37.48 -55.97 11.93
N ARG G 36 36.42 -55.53 11.24
CA ARG G 36 36.50 -54.36 10.36
C ARG G 36 36.88 -53.10 11.16
N ILE G 37 37.53 -52.16 10.50
CA ILE G 37 37.91 -50.90 11.13
C ILE G 37 36.67 -50.06 11.45
N LYS G 38 36.68 -49.44 12.62
CA LYS G 38 35.59 -48.56 13.06
C LYS G 38 35.33 -47.46 12.03
N SER G 39 34.07 -47.33 11.63
CA SER G 39 33.61 -46.43 10.55
C SER G 39 34.29 -46.69 9.20
N GLY G 40 34.71 -47.94 8.98
CA GLY G 40 35.31 -48.36 7.70
C GLY G 40 34.24 -48.62 6.65
N SER G 41 34.48 -49.61 5.81
CA SER G 41 33.48 -50.02 4.80
C SER G 41 32.92 -51.39 5.16
N LEU G 42 31.94 -51.85 4.38
CA LEU G 42 31.31 -53.14 4.63
C LEU G 42 31.11 -54.00 3.37
N TYR G 43 31.08 -53.34 2.22
CA TYR G 43 31.16 -54.04 0.93
C TYR G 43 31.95 -53.25 -0.10
N MET G 44 32.42 -53.94 -1.13
CA MET G 44 33.02 -53.30 -2.30
C MET G 44 32.04 -53.40 -3.47
N LEU G 45 31.87 -52.30 -4.20
CA LEU G 45 30.87 -52.22 -5.24
C LEU G 45 31.52 -51.92 -6.58
N CYS G 46 31.31 -52.81 -7.54
CA CYS G 46 31.81 -52.62 -8.90
C CYS G 46 30.86 -51.68 -9.65
N THR G 47 31.40 -50.54 -10.06
CA THR G 47 30.63 -49.53 -10.79
C THR G 47 31.55 -48.70 -11.68
N GLY G 48 31.13 -47.50 -12.06
CA GLY G 48 31.95 -46.61 -12.86
C GLY G 48 31.20 -45.87 -13.95
N ASN G 49 31.83 -44.85 -14.50
CA ASN G 49 31.24 -44.01 -15.54
C ASN G 49 31.18 -44.70 -16.92
N SER G 50 30.90 -43.91 -17.96
CA SER G 50 30.70 -44.43 -19.32
C SER G 50 31.98 -44.95 -20.00
N SER G 51 33.14 -44.62 -19.45
CA SER G 51 34.41 -45.04 -20.05
C SER G 51 35.16 -46.09 -19.22
N HIS G 52 35.36 -45.81 -17.93
CA HIS G 52 36.14 -46.68 -17.05
C HIS G 52 35.26 -47.42 -16.06
N SER G 53 35.69 -48.62 -15.67
CA SER G 53 34.96 -49.44 -14.70
C SER G 53 35.92 -49.96 -13.62
N SER G 54 35.55 -49.77 -12.36
CA SER G 54 36.36 -50.18 -11.20
C SER G 54 35.54 -50.39 -9.92
N TRP G 55 36.21 -50.85 -8.87
CA TRP G 55 35.56 -51.05 -7.57
C TRP G 55 35.60 -49.77 -6.74
N ASP G 56 34.61 -49.59 -5.88
CA ASP G 56 34.45 -48.32 -5.16
C ASP G 56 35.31 -48.24 -3.89
N ASN G 57 34.91 -48.96 -2.85
CA ASN G 57 35.58 -48.86 -1.56
C ASN G 57 36.73 -49.86 -1.39
N GLN G 58 37.38 -49.82 -0.23
CA GLN G 58 38.46 -50.76 0.08
C GLN G 58 38.30 -51.34 1.49
N CYS G 59 38.42 -52.66 1.59
CA CYS G 59 38.30 -53.37 2.86
C CYS G 59 39.60 -53.32 3.67
N GLN G 60 39.47 -53.28 4.99
CA GLN G 60 40.61 -53.26 5.90
C GLN G 60 40.35 -54.15 7.12
N CYS G 61 41.38 -54.87 7.56
CA CYS G 61 41.28 -55.76 8.72
C CYS G 61 42.42 -55.51 9.71
N PRO G 101 35.69 -52.84 -20.61
CA PRO G 101 34.72 -53.55 -21.47
C PRO G 101 33.28 -53.28 -21.06
N GLY G 102 33.01 -53.38 -19.76
CA GLY G 102 31.68 -53.22 -19.16
C GLY G 102 31.65 -53.90 -17.81
N HIS G 103 32.74 -54.61 -17.49
CA HIS G 103 32.87 -55.41 -16.27
C HIS G 103 34.14 -54.99 -15.52
N CYS G 104 34.19 -55.30 -14.23
CA CYS G 104 35.39 -55.09 -13.41
C CYS G 104 36.29 -56.33 -13.44
N ARG G 105 37.51 -56.18 -12.94
CA ARG G 105 38.46 -57.29 -12.83
C ARG G 105 38.51 -57.80 -11.38
N GLU G 106 39.38 -58.78 -11.12
CA GLU G 106 39.53 -59.36 -9.80
C GLU G 106 40.10 -58.34 -8.80
N PRO G 107 39.47 -58.25 -7.61
CA PRO G 107 39.95 -57.36 -6.54
C PRO G 107 41.22 -57.90 -5.87
N PRO G 108 42.07 -57.00 -5.36
CA PRO G 108 43.32 -57.42 -4.71
C PRO G 108 43.09 -57.82 -3.25
N PRO G 109 43.76 -58.90 -2.79
CA PRO G 109 43.59 -59.42 -1.43
C PRO G 109 44.04 -58.44 -0.34
N TRP G 110 43.64 -58.71 0.90
CA TRP G 110 44.01 -57.88 2.05
C TRP G 110 44.22 -58.72 3.32
N GLU G 111 43.33 -59.70 3.53
CA GLU G 111 43.34 -60.64 4.66
C GLU G 111 41.90 -61.13 4.90
N ASN G 112 41.38 -61.91 3.97
CA ASN G 112 40.03 -62.45 4.08
C ASN G 112 39.98 -63.94 3.79
N GLU G 113 38.84 -64.56 4.09
CA GLU G 113 38.66 -65.98 3.86
C GLU G 113 38.94 -66.35 2.41
N ALA G 114 39.54 -67.51 2.21
CA ALA G 114 39.88 -67.98 0.86
C ALA G 114 38.76 -68.84 0.28
N THR G 115 37.58 -68.75 0.88
CA THR G 115 36.44 -69.52 0.43
C THR G 115 35.67 -68.79 -0.68
N GLU G 116 36.36 -68.51 -1.79
CA GLU G 116 35.74 -67.82 -2.91
C GLU G 116 35.03 -66.56 -2.45
N ARG G 117 35.16 -66.23 -1.17
CA ARG G 117 34.51 -65.04 -0.59
C ARG G 117 32.99 -65.03 -0.74
N ILE G 118 32.34 -64.04 -0.15
CA ILE G 118 30.88 -63.91 -0.26
C ILE G 118 30.51 -62.78 -1.24
N TYR G 119 30.32 -63.17 -2.50
CA TYR G 119 29.93 -62.25 -3.56
C TYR G 119 28.41 -62.12 -3.63
N HIS G 120 27.94 -60.96 -4.10
CA HIS G 120 26.53 -60.80 -4.48
C HIS G 120 26.50 -60.45 -5.96
N PHE G 121 26.27 -61.48 -6.79
CA PHE G 121 26.34 -61.33 -8.24
C PHE G 121 25.12 -60.61 -8.81
N VAL G 122 25.22 -60.23 -10.09
CA VAL G 122 24.08 -59.65 -10.80
C VAL G 122 23.58 -60.59 -11.90
N VAL G 123 22.38 -60.32 -12.42
CA VAL G 123 21.78 -61.16 -13.46
C VAL G 123 22.58 -61.08 -14.74
N GLY G 124 22.93 -62.24 -15.27
CA GLY G 124 23.69 -62.34 -16.52
C GLY G 124 25.15 -62.68 -16.29
N GLN G 125 25.49 -62.95 -15.04
CA GLN G 125 26.87 -63.30 -14.66
C GLN G 125 27.19 -64.74 -15.01
N MET G 126 28.33 -64.94 -15.67
CA MET G 126 28.83 -66.28 -15.97
C MET G 126 29.85 -66.72 -14.93
N VAL G 127 29.86 -68.02 -14.63
CA VAL G 127 30.87 -68.61 -13.74
C VAL G 127 31.48 -69.87 -14.36
N TYR G 128 32.80 -69.99 -14.26
CA TYR G 128 33.53 -71.11 -14.87
C TYR G 128 34.07 -72.07 -13.81
N TYR G 129 33.91 -73.37 -14.08
CA TYR G 129 34.33 -74.41 -13.15
C TYR G 129 35.68 -75.01 -13.53
N GLN G 130 36.49 -75.29 -12.51
CA GLN G 130 37.78 -75.98 -12.67
C GLN G 130 37.93 -77.06 -11.61
N CYS G 131 37.99 -78.32 -12.05
CA CYS G 131 38.12 -79.45 -11.12
C CYS G 131 39.49 -79.47 -10.43
N VAL G 132 39.46 -79.62 -9.10
CA VAL G 132 40.67 -79.53 -8.26
C VAL G 132 41.62 -80.70 -8.52
N GLN G 133 42.87 -80.33 -8.81
CA GLN G 133 43.94 -81.26 -9.12
C GLN G 133 43.56 -82.17 -10.26
N GLY G 134 43.50 -81.71 -11.43
CA GLY G 134 42.79 -82.25 -12.61
C GLY G 134 42.52 -83.76 -12.50
N TYR G 135 41.25 -84.07 -12.29
CA TYR G 135 40.85 -85.42 -11.92
C TYR G 135 40.06 -86.15 -13.01
N ARG G 136 38.97 -85.65 -13.44
CA ARG G 136 38.09 -86.39 -14.30
C ARG G 136 37.31 -85.45 -15.16
N ALA G 137 37.64 -85.33 -16.43
CA ALA G 137 36.68 -84.55 -17.20
C ALA G 137 35.80 -85.47 -18.05
N LEU G 138 35.11 -86.39 -17.37
CA LEU G 138 34.24 -87.37 -18.02
C LEU G 138 33.12 -86.70 -18.81
N HIS G 139 32.83 -87.23 -20.01
CA HIS G 139 31.83 -86.66 -20.92
C HIS G 139 32.04 -85.14 -21.03
N ARG G 140 33.27 -84.74 -21.37
CA ARG G 140 33.69 -83.34 -21.30
C ARG G 140 32.86 -82.41 -22.19
N GLY G 141 32.79 -81.14 -21.80
CA GLY G 141 32.09 -80.10 -22.55
C GLY G 141 32.41 -78.71 -22.05
N PRO G 142 31.52 -77.73 -22.29
CA PRO G 142 31.68 -76.39 -21.73
C PRO G 142 31.35 -76.37 -20.23
N ALA G 143 32.24 -75.74 -19.45
CA ALA G 143 32.07 -75.65 -18.00
C ALA G 143 31.68 -74.22 -17.56
N GLU G 144 30.38 -73.95 -17.57
CA GLU G 144 29.86 -72.61 -17.25
C GLU G 144 28.45 -72.65 -16.65
N SER G 145 28.05 -71.53 -16.04
CA SER G 145 26.71 -71.35 -15.51
C SER G 145 26.33 -69.87 -15.46
N VAL G 146 25.11 -69.56 -15.89
CA VAL G 146 24.63 -68.17 -15.99
C VAL G 146 23.51 -67.91 -14.98
N CYS G 147 23.57 -66.77 -14.30
CA CYS G 147 22.45 -66.31 -13.48
C CYS G 147 21.39 -65.68 -14.37
N LYS G 148 20.18 -66.23 -14.31
CA LYS G 148 19.09 -65.82 -15.19
C LYS G 148 17.80 -65.47 -14.45
N MET G 149 17.06 -64.51 -15.03
CA MET G 149 15.77 -64.11 -14.50
C MET G 149 14.68 -65.00 -15.10
N THR G 150 14.36 -66.07 -14.39
CA THR G 150 13.28 -66.98 -14.80
C THR G 150 12.08 -66.90 -13.86
N HIS G 151 11.03 -66.21 -14.32
CA HIS G 151 9.77 -66.01 -13.58
C HIS G 151 9.93 -65.23 -12.27
N GLY G 152 10.77 -64.20 -12.30
CA GLY G 152 11.01 -63.36 -11.12
C GLY G 152 12.12 -63.87 -10.21
N LYS G 153 12.31 -65.19 -10.21
CA LYS G 153 13.35 -65.83 -9.41
C LYS G 153 14.67 -65.87 -10.18
N THR G 154 15.75 -65.50 -9.51
CA THR G 154 17.09 -65.56 -10.07
C THR G 154 17.70 -66.92 -9.76
N ARG G 155 18.20 -67.60 -10.80
CA ARG G 155 18.81 -68.92 -10.62
C ARG G 155 19.91 -69.21 -11.65
N TRP G 156 20.72 -70.23 -11.37
CA TRP G 156 21.85 -70.62 -12.21
C TRP G 156 21.53 -71.82 -13.12
N THR G 157 22.38 -72.05 -14.12
CA THR G 157 22.08 -72.97 -15.22
C THR G 157 22.76 -74.35 -15.10
N GLN G 158 23.93 -74.39 -14.49
CA GLN G 158 24.71 -75.63 -14.26
C GLN G 158 25.47 -76.06 -15.51
N GLU H 1 -19.75 1.49 21.83
CA GLU H 1 -19.10 1.68 23.16
C GLU H 1 -19.72 2.84 23.93
N LEU H 2 -20.47 3.69 23.25
CA LEU H 2 -21.06 4.88 23.87
C LEU H 2 -22.21 4.55 24.82
N CYS H 3 -22.05 4.93 26.09
CA CYS H 3 -23.07 4.74 27.13
C CYS H 3 -24.28 5.59 26.75
N ASP H 4 -25.37 4.91 26.39
CA ASP H 4 -26.44 5.51 25.59
C ASP H 4 -27.50 6.30 26.35
N ASP H 5 -27.59 6.08 27.66
CA ASP H 5 -28.51 6.88 28.48
C ASP H 5 -27.87 7.49 29.73
N ASP H 6 -28.49 8.56 30.22
CA ASP H 6 -27.99 9.38 31.33
C ASP H 6 -27.73 8.59 32.62
N PRO H 7 -26.76 9.05 33.43
CA PRO H 7 -26.50 8.49 34.75
C PRO H 7 -27.66 8.77 35.72
N PRO H 8 -27.76 7.99 36.82
CA PRO H 8 -28.85 8.18 37.78
C PRO H 8 -28.63 9.40 38.67
N GLU H 9 -29.71 9.90 39.28
CA GLU H 9 -29.64 11.05 40.16
C GLU H 9 -30.26 10.79 41.53
N ILE H 10 -29.40 10.49 42.50
CA ILE H 10 -29.81 10.32 43.90
C ILE H 10 -30.15 11.70 44.47
N PRO H 11 -31.35 11.83 45.09
CA PRO H 11 -31.87 13.08 45.67
C PRO H 11 -30.77 14.04 46.17
N HIS H 12 -30.61 15.14 45.44
CA HIS H 12 -29.61 16.18 45.73
C HIS H 12 -28.18 15.68 45.94
N ALA H 13 -27.66 15.04 44.89
CA ALA H 13 -26.26 14.65 44.82
C ALA H 13 -25.74 14.92 43.42
N THR H 14 -24.79 15.85 43.32
CA THR H 14 -24.17 16.19 42.03
C THR H 14 -23.02 15.23 41.71
N PHE H 15 -23.02 14.73 40.48
CA PHE H 15 -22.01 13.78 40.03
C PHE H 15 -21.05 14.38 39.02
N LYS H 16 -19.76 14.03 39.16
CA LYS H 16 -18.72 14.42 38.24
C LYS H 16 -17.66 13.33 38.13
N ALA H 17 -17.03 13.23 36.95
CA ALA H 17 -15.92 12.33 36.73
C ALA H 17 -14.61 13.11 36.75
N MET H 18 -13.58 12.51 37.33
CA MET H 18 -12.27 13.15 37.43
C MET H 18 -11.57 13.18 36.07
N ALA H 19 -11.56 12.06 35.37
CA ALA H 19 -10.94 11.94 34.04
C ALA H 19 -11.87 11.21 33.06
N TYR H 20 -11.92 11.71 31.82
CA TYR H 20 -12.85 11.19 30.80
C TYR H 20 -12.16 10.25 29.80
N LYS H 21 -12.66 9.02 29.72
CA LYS H 21 -12.18 8.03 28.75
C LYS H 21 -12.23 8.55 27.30
N GLU H 22 -11.34 8.02 26.46
CA GLU H 22 -11.30 8.37 25.05
C GLU H 22 -12.57 7.91 24.34
N GLY H 23 -13.20 8.83 23.60
CA GLY H 23 -14.45 8.56 22.91
C GLY H 23 -15.59 9.40 23.43
N THR H 24 -15.37 10.01 24.59
CA THR H 24 -16.34 10.88 25.24
C THR H 24 -16.66 12.09 24.35
N MET H 25 -17.93 12.47 24.30
CA MET H 25 -18.37 13.57 23.45
C MET H 25 -19.12 14.64 24.21
N LEU H 26 -18.62 15.87 24.16
CA LEU H 26 -19.27 17.01 24.79
C LEU H 26 -19.88 17.94 23.76
N ASN H 27 -21.20 18.06 23.80
CA ASN H 27 -21.95 18.91 22.89
C ASN H 27 -21.74 20.39 23.16
N CYS H 28 -21.63 21.19 22.09
CA CYS H 28 -21.49 22.63 22.23
C CYS H 28 -22.87 23.26 22.42
N GLU H 29 -23.21 23.52 23.68
CA GLU H 29 -24.52 24.07 24.06
C GLU H 29 -24.44 25.54 24.47
N CYS H 30 -25.39 26.33 23.99
CA CYS H 30 -25.49 27.75 24.33
C CYS H 30 -26.82 28.05 25.03
N LYS H 31 -26.82 29.09 25.86
CA LYS H 31 -28.08 29.64 26.36
C LYS H 31 -28.63 30.62 25.34
N ARG H 32 -29.97 30.75 25.33
CA ARG H 32 -30.69 31.47 24.29
C ARG H 32 -30.14 32.87 23.96
N GLY H 33 -30.24 33.24 22.68
CA GLY H 33 -29.73 34.52 22.20
C GLY H 33 -28.23 34.47 21.97
N ILE H 37 -20.92 29.64 17.70
CA ILE H 37 -22.02 28.91 17.08
C ILE H 37 -22.17 29.29 15.61
N LYS H 38 -23.04 28.58 14.89
CA LYS H 38 -23.24 28.71 13.43
C LYS H 38 -21.95 28.48 12.63
N SER H 39 -21.95 27.38 11.86
CA SER H 39 -20.76 26.87 11.14
C SER H 39 -19.60 26.49 12.08
N GLY H 40 -19.86 26.54 13.39
CA GLY H 40 -18.91 26.09 14.41
C GLY H 40 -19.21 24.65 14.82
N SER H 41 -18.18 23.95 15.29
CA SER H 41 -18.25 22.50 15.53
C SER H 41 -19.39 22.05 16.45
N LEU H 42 -19.89 20.84 16.21
CA LEU H 42 -21.08 20.31 16.87
C LEU H 42 -20.80 19.73 18.25
N TYR H 43 -19.58 19.26 18.46
CA TYR H 43 -19.19 18.66 19.73
C TYR H 43 -17.69 18.69 19.95
N MET H 44 -17.25 18.15 21.09
CA MET H 44 -15.84 17.96 21.36
C MET H 44 -15.61 16.48 21.62
N LEU H 45 -14.66 15.90 20.91
CA LEU H 45 -14.35 14.49 21.06
C LEU H 45 -13.03 14.32 21.78
N CYS H 46 -13.00 13.42 22.76
CA CYS H 46 -11.76 13.06 23.41
C CYS H 46 -11.13 11.89 22.65
N THR H 47 -10.00 12.16 21.98
CA THR H 47 -9.24 11.14 21.26
C THR H 47 -7.75 11.48 21.26
N GLY H 48 -6.96 10.78 20.44
CA GLY H 48 -5.54 11.10 20.31
C GLY H 48 -4.66 9.97 19.85
N ASN H 49 -3.39 10.30 19.60
CA ASN H 49 -2.36 9.35 19.17
C ASN H 49 -2.10 8.26 20.22
N SER H 50 -1.07 7.44 19.99
CA SER H 50 -0.62 6.50 21.02
C SER H 50 0.08 7.27 22.15
N SER H 51 -0.49 7.18 23.35
CA SER H 51 -0.03 7.90 24.54
C SER H 51 0.11 9.42 24.35
N HIS H 52 -1.04 10.10 24.43
CA HIS H 52 -1.14 11.57 24.38
C HIS H 52 -2.57 11.92 23.97
N SER H 53 -3.45 12.03 24.97
CA SER H 53 -4.88 12.27 24.74
C SER H 53 -5.24 13.75 24.80
N SER H 54 -6.29 14.14 24.08
CA SER H 54 -6.70 15.54 23.94
C SER H 54 -8.13 15.67 23.39
N TRP H 55 -8.75 16.82 23.65
CA TRP H 55 -10.06 17.12 23.09
C TRP H 55 -9.93 17.74 21.71
N ASP H 56 -10.69 17.24 20.74
CA ASP H 56 -10.48 17.57 19.33
C ASP H 56 -10.88 19.01 18.95
N ASN H 57 -12.16 19.30 18.99
CA ASN H 57 -12.64 20.62 18.56
C ASN H 57 -12.79 21.62 19.71
N GLN H 58 -13.30 22.80 19.40
CA GLN H 58 -13.49 23.85 20.40
C GLN H 58 -14.85 24.52 20.23
N CYS H 59 -15.62 24.58 21.31
CA CYS H 59 -16.98 25.13 21.28
C CYS H 59 -17.02 26.66 21.35
N GLN H 60 -18.03 27.24 20.73
CA GLN H 60 -18.21 28.69 20.68
C GLN H 60 -19.70 29.07 20.67
N CYS H 61 -20.03 30.21 21.27
CA CYS H 61 -21.40 30.72 21.27
C CYS H 61 -21.44 32.22 20.98
N THR H 62 -22.46 32.63 20.22
CA THR H 62 -22.70 34.05 19.91
C THR H 62 -24.20 34.34 19.97
N SER H 63 -24.58 35.59 19.68
CA SER H 63 -25.98 36.02 19.71
C SER H 63 -26.81 35.36 18.61
N HIS H 103 -5.46 6.20 28.02
CA HIS H 103 -5.45 7.31 28.96
C HIS H 103 -6.70 8.19 28.77
N CYS H 104 -6.88 9.15 29.66
CA CYS H 104 -8.09 9.98 29.70
C CYS H 104 -7.77 11.48 29.61
N ARG H 105 -8.76 12.34 29.84
CA ARG H 105 -8.55 13.81 29.79
C ARG H 105 -9.52 14.65 30.67
N GLU H 106 -9.39 15.98 30.58
CA GLU H 106 -10.24 16.94 31.30
C GLU H 106 -10.58 18.18 30.44
N PRO H 107 -11.77 18.78 30.65
CA PRO H 107 -12.23 19.89 29.80
C PRO H 107 -12.22 21.28 30.45
N PRO H 108 -11.97 22.34 29.64
CA PRO H 108 -12.05 23.74 30.10
C PRO H 108 -13.38 24.42 29.73
N PRO H 109 -13.79 25.46 30.49
CA PRO H 109 -15.03 26.17 30.17
C PRO H 109 -14.88 27.18 29.04
N TRP H 110 -15.85 27.19 28.11
CA TRP H 110 -15.88 28.16 27.02
C TRP H 110 -16.89 29.28 27.32
N GLU H 111 -16.83 30.35 26.52
CA GLU H 111 -17.58 31.59 26.79
C GLU H 111 -19.00 31.41 27.35
N ASN H 112 -19.95 31.01 26.50
CA ASN H 112 -21.34 30.84 26.93
C ASN H 112 -21.76 29.38 26.91
N GLU H 113 -22.32 28.92 28.04
CA GLU H 113 -22.78 27.55 28.15
C GLU H 113 -24.10 27.51 28.90
N ALA H 114 -24.61 26.30 29.10
CA ALA H 114 -25.60 26.03 30.13
C ALA H 114 -24.98 24.97 31.04
N THR H 115 -24.82 25.31 32.31
CA THR H 115 -24.29 24.35 33.29
C THR H 115 -25.18 23.10 33.34
N GLU H 116 -24.63 21.99 33.82
CA GLU H 116 -25.23 20.67 33.65
C GLU H 116 -24.92 20.23 32.23
N ARG H 117 -23.69 19.75 32.03
CA ARG H 117 -23.18 19.43 30.69
C ARG H 117 -23.73 18.15 30.10
N ILE H 118 -23.93 18.15 28.79
CA ILE H 118 -24.47 17.02 28.04
C ILE H 118 -23.33 16.14 27.49
N TYR H 119 -22.66 15.43 28.40
CA TYR H 119 -21.63 14.48 28.01
C TYR H 119 -22.26 13.23 27.42
N HIS H 120 -21.58 12.62 26.45
CA HIS H 120 -21.97 11.34 25.92
C HIS H 120 -20.89 10.34 26.32
N PHE H 121 -21.04 9.78 27.52
CA PHE H 121 -20.03 8.90 28.11
C PHE H 121 -19.85 7.60 27.32
N VAL H 122 -18.70 6.96 27.53
CA VAL H 122 -18.37 5.67 26.92
C VAL H 122 -18.32 4.61 28.03
N VAL H 123 -18.56 3.35 27.67
CA VAL H 123 -18.55 2.25 28.64
C VAL H 123 -17.23 2.14 29.40
N GLY H 124 -17.33 1.88 30.70
CA GLY H 124 -16.15 1.77 31.57
C GLY H 124 -15.86 3.04 32.33
N GLN H 125 -16.58 4.11 32.01
CA GLN H 125 -16.40 5.40 32.67
C GLN H 125 -16.92 5.37 34.11
N MET H 126 -16.14 5.96 35.03
CA MET H 126 -16.51 6.01 36.43
C MET H 126 -16.84 7.43 36.88
N VAL H 127 -17.94 7.55 37.62
CA VAL H 127 -18.43 8.84 38.11
C VAL H 127 -18.41 8.84 39.65
N TYR H 128 -18.00 9.95 40.24
CA TYR H 128 -17.95 10.09 41.68
C TYR H 128 -18.95 11.14 42.19
N TYR H 129 -19.65 10.79 43.27
CA TYR H 129 -20.69 11.64 43.84
C TYR H 129 -20.20 12.47 45.02
N GLN H 130 -20.87 13.60 45.25
CA GLN H 130 -20.55 14.50 46.37
C GLN H 130 -21.80 15.26 46.84
N CYS H 131 -21.83 15.61 48.13
CA CYS H 131 -22.91 16.39 48.73
C CYS H 131 -22.52 17.87 48.77
N VAL H 132 -23.44 18.75 48.41
CA VAL H 132 -23.17 20.19 48.34
C VAL H 132 -24.03 20.97 49.34
N GLN H 133 -23.38 21.76 50.18
CA GLN H 133 -24.02 22.63 51.19
C GLN H 133 -25.01 21.89 52.10
N GLY H 134 -24.62 21.70 53.36
CA GLY H 134 -25.38 20.86 54.28
C GLY H 134 -25.19 19.42 53.86
N TYR H 135 -23.97 18.93 54.07
CA TYR H 135 -23.53 17.62 53.60
C TYR H 135 -24.35 16.48 54.21
N ARG H 136 -25.28 15.94 53.43
CA ARG H 136 -26.15 14.86 53.89
C ARG H 136 -25.55 13.48 53.61
N ALA H 137 -24.29 13.31 53.99
CA ALA H 137 -23.58 12.05 53.83
C ALA H 137 -23.68 11.22 55.11
N LEU H 138 -24.61 10.26 55.10
CA LEU H 138 -24.92 9.47 56.30
C LEU H 138 -23.92 8.34 56.56
N HIS H 139 -23.74 7.46 55.57
CA HIS H 139 -22.86 6.29 55.71
C HIS H 139 -21.40 6.58 55.33
N ARG H 140 -21.21 7.57 54.47
CA ARG H 140 -19.87 8.03 54.04
C ARG H 140 -18.98 6.94 53.46
N GLY H 141 -19.57 6.06 52.65
CA GLY H 141 -18.82 5.04 51.92
C GLY H 141 -18.45 5.53 50.53
N PRO H 142 -17.42 4.94 49.91
CA PRO H 142 -17.00 5.33 48.55
C PRO H 142 -18.10 5.06 47.51
N ALA H 143 -19.02 6.01 47.37
CA ALA H 143 -20.14 5.89 46.45
C ALA H 143 -19.78 6.43 45.05
N GLU H 144 -19.73 5.51 44.08
CA GLU H 144 -19.30 5.83 42.72
C GLU H 144 -20.09 5.03 41.70
N SER H 145 -20.55 5.70 40.64
CA SER H 145 -21.35 5.04 39.61
C SER H 145 -20.52 4.58 38.41
N VAL H 146 -20.79 3.37 37.95
CA VAL H 146 -20.05 2.77 36.83
C VAL H 146 -21.00 2.44 35.68
N CYS H 147 -20.60 2.79 34.46
CA CYS H 147 -21.33 2.38 33.26
C CYS H 147 -20.75 1.06 32.73
N LYS H 148 -21.58 0.02 32.75
CA LYS H 148 -21.16 -1.30 32.29
C LYS H 148 -22.05 -1.79 31.15
N MET H 149 -21.68 -2.92 30.55
CA MET H 149 -22.44 -3.49 29.45
C MET H 149 -23.25 -4.71 29.92
N THR H 150 -23.99 -4.54 31.00
CA THR H 150 -24.81 -5.61 31.54
C THR H 150 -24.87 -6.79 30.59
N HIS H 151 -25.99 -6.90 29.86
CA HIS H 151 -26.18 -7.98 28.91
C HIS H 151 -25.81 -7.54 27.50
N GLY H 152 -26.70 -6.80 26.86
CA GLY H 152 -26.46 -6.32 25.51
C GLY H 152 -26.66 -4.81 25.39
N LYS H 153 -26.93 -4.17 26.51
CA LYS H 153 -27.14 -2.72 26.53
C LYS H 153 -26.43 -2.04 27.72
N THR H 154 -26.53 -0.72 27.80
CA THR H 154 -25.82 0.07 28.81
C THR H 154 -26.67 0.35 30.05
N ARG H 155 -26.01 0.37 31.21
CA ARG H 155 -26.66 0.67 32.50
C ARG H 155 -25.65 1.23 33.51
N TRP H 156 -26.13 1.88 34.56
CA TRP H 156 -25.19 2.49 35.49
C TRP H 156 -24.98 1.73 36.81
N THR H 157 -25.03 2.42 37.95
CA THR H 157 -24.67 1.76 39.19
C THR H 157 -25.05 2.53 40.45
N GLN H 158 -24.59 2.08 41.61
CA GLN H 158 -24.90 2.76 42.88
C GLN H 158 -25.22 4.23 42.64
N GLU I 1 2.39 42.62 -24.76
CA GLU I 1 2.12 43.39 -26.01
C GLU I 1 1.04 44.44 -25.81
N LEU I 2 1.14 45.19 -24.71
CA LEU I 2 0.15 46.21 -24.34
C LEU I 2 0.65 47.60 -24.69
N CYS I 3 -0.23 48.40 -25.32
CA CYS I 3 0.12 49.78 -25.68
C CYS I 3 0.26 50.67 -24.46
N ASP I 4 1.50 51.12 -24.24
CA ASP I 4 1.84 51.97 -23.10
C ASP I 4 1.55 53.43 -23.42
N ASP I 5 0.86 53.64 -24.55
CA ASP I 5 0.56 54.97 -25.04
C ASP I 5 -0.95 55.17 -25.12
N ASP I 6 -1.40 56.38 -24.78
CA ASP I 6 -2.81 56.77 -24.92
C ASP I 6 -3.12 57.29 -26.32
N PRO I 7 -4.34 57.05 -26.82
CA PRO I 7 -4.79 57.57 -28.11
C PRO I 7 -4.75 59.10 -28.14
N PRO I 8 -4.47 59.69 -29.32
CA PRO I 8 -4.36 61.14 -29.47
C PRO I 8 -5.70 61.85 -29.24
N GLU I 9 -5.67 62.94 -28.47
CA GLU I 9 -6.85 63.75 -28.20
C GLU I 9 -7.02 64.83 -29.26
N ILE I 10 -7.89 64.54 -30.23
CA ILE I 10 -8.16 65.45 -31.35
C ILE I 10 -9.37 66.33 -31.03
N PRO I 11 -9.25 67.66 -31.27
CA PRO I 11 -10.35 68.60 -31.03
C PRO I 11 -11.61 68.25 -31.83
N HIS I 12 -12.77 68.37 -31.17
CA HIS I 12 -14.09 68.07 -31.75
C HIS I 12 -14.24 66.61 -32.18
N ALA I 13 -13.57 65.70 -31.49
CA ALA I 13 -13.58 64.28 -31.85
C ALA I 13 -13.77 63.35 -30.66
N THR I 14 -14.49 62.25 -30.89
CA THR I 14 -14.66 61.18 -29.89
C THR I 14 -14.15 59.86 -30.46
N PHE I 15 -13.22 59.24 -29.74
CA PHE I 15 -12.62 57.99 -30.17
C PHE I 15 -13.18 56.77 -29.42
N LYS I 16 -13.64 55.80 -30.20
CA LYS I 16 -14.16 54.54 -29.67
C LYS I 16 -13.73 53.37 -30.55
N ALA I 17 -13.35 52.27 -29.92
CA ALA I 17 -13.10 51.02 -30.62
C ALA I 17 -14.41 50.27 -30.76
N MET I 18 -14.60 49.62 -31.90
CA MET I 18 -15.80 48.80 -32.09
C MET I 18 -15.60 47.43 -31.45
N ALA I 19 -14.46 46.81 -31.73
CA ALA I 19 -14.12 45.50 -31.15
C ALA I 19 -12.77 45.53 -30.44
N TYR I 20 -12.77 45.08 -29.20
CA TYR I 20 -11.56 45.06 -28.36
C TYR I 20 -10.79 43.76 -28.52
N LYS I 21 -9.49 43.89 -28.77
CA LYS I 21 -8.63 42.74 -29.07
C LYS I 21 -8.32 41.92 -27.82
N GLU I 22 -8.15 40.61 -28.02
CA GLU I 22 -7.92 39.64 -26.94
C GLU I 22 -6.63 39.97 -26.17
N GLY I 23 -6.79 40.41 -24.93
CA GLY I 23 -5.68 40.81 -24.07
C GLY I 23 -5.84 42.18 -23.44
N THR I 24 -6.92 42.87 -23.82
CA THR I 24 -7.21 44.22 -23.36
C THR I 24 -7.60 44.24 -21.88
N MET I 25 -7.13 45.26 -21.17
CA MET I 25 -7.47 45.46 -19.76
C MET I 25 -8.27 46.74 -19.54
N LEU I 26 -9.43 46.59 -18.91
CA LEU I 26 -10.22 47.75 -18.50
C LEU I 26 -10.23 47.85 -16.99
N ASN I 27 -9.60 48.90 -16.47
CA ASN I 27 -9.61 49.19 -15.04
C ASN I 27 -11.00 49.54 -14.53
N CYS I 28 -11.27 49.14 -13.29
CA CYS I 28 -12.60 49.36 -12.69
C CYS I 28 -12.55 50.41 -11.60
N GLU I 29 -12.99 51.62 -11.95
CA GLU I 29 -12.92 52.78 -11.07
C GLU I 29 -14.27 53.49 -10.94
N CYS I 30 -14.43 54.20 -9.82
CA CYS I 30 -15.63 55.01 -9.56
C CYS I 30 -15.29 56.29 -8.79
N ARG I 36 -14.69 52.13 -2.11
CA ARG I 36 -15.20 51.83 -3.45
C ARG I 36 -14.71 50.46 -3.94
N ILE I 37 -15.65 49.57 -4.24
CA ILE I 37 -15.40 48.18 -4.64
C ILE I 37 -14.26 47.55 -3.84
N LYS I 38 -14.56 47.14 -2.62
CA LYS I 38 -13.57 46.52 -1.74
C LYS I 38 -13.38 45.05 -2.09
N SER I 39 -13.97 44.18 -1.27
CA SER I 39 -13.87 42.74 -1.49
C SER I 39 -12.75 42.40 -2.47
N GLY I 40 -13.05 42.51 -3.76
CA GLY I 40 -12.07 42.22 -4.80
C GLY I 40 -12.55 42.67 -6.17
N SER I 41 -11.72 42.41 -7.18
CA SER I 41 -12.05 42.78 -8.55
C SER I 41 -11.40 44.11 -8.93
N LEU I 42 -10.27 44.03 -9.64
CA LEU I 42 -9.55 45.22 -10.07
C LEU I 42 -9.95 45.64 -11.48
N TYR I 43 -9.45 44.89 -12.47
CA TYR I 43 -9.76 45.18 -13.87
C TYR I 43 -10.42 43.99 -14.54
N MET I 44 -10.78 44.16 -15.81
CA MET I 44 -11.42 43.11 -16.58
C MET I 44 -10.54 42.74 -17.75
N LEU I 45 -10.28 41.45 -17.91
CA LEU I 45 -9.44 40.96 -19.00
C LEU I 45 -10.28 40.35 -20.10
N CYS I 46 -10.06 40.84 -21.32
CA CYS I 46 -10.65 40.23 -22.51
C CYS I 46 -9.77 39.04 -22.91
N THR I 47 -10.27 37.84 -22.66
CA THR I 47 -9.58 36.59 -22.98
C THR I 47 -10.57 35.44 -23.14
N GLY I 48 -10.12 34.34 -23.74
CA GLY I 48 -10.96 33.16 -23.93
C GLY I 48 -10.24 31.98 -24.55
N ASN I 49 -10.93 30.84 -24.63
CA ASN I 49 -10.35 29.64 -25.22
C ASN I 49 -10.28 29.67 -26.75
N SER I 50 -9.94 28.53 -27.34
CA SER I 50 -9.74 28.43 -28.79
C SER I 50 -10.95 28.84 -29.62
N SER I 51 -12.15 28.69 -29.05
CA SER I 51 -13.40 28.93 -29.78
C SER I 51 -14.19 30.16 -29.34
N HIS I 52 -13.82 30.75 -28.20
CA HIS I 52 -14.59 31.86 -27.64
C HIS I 52 -13.75 33.07 -27.22
N SER I 53 -14.45 34.16 -26.90
CA SER I 53 -13.85 35.37 -26.37
C SER I 53 -14.85 36.02 -25.41
N SER I 54 -14.35 36.51 -24.29
CA SER I 54 -15.19 37.07 -23.23
C SER I 54 -14.38 37.94 -22.26
N TRP I 55 -15.07 38.78 -21.50
CA TRP I 55 -14.43 39.50 -20.41
C TRP I 55 -14.45 38.65 -19.16
N ASP I 56 -13.32 38.58 -18.47
CA ASP I 56 -13.16 37.63 -17.37
C ASP I 56 -13.93 37.98 -16.11
N ASN I 57 -13.71 39.18 -15.57
CA ASN I 57 -14.29 39.55 -14.29
C ASN I 57 -15.48 40.52 -14.36
N GLN I 58 -16.16 40.70 -13.23
CA GLN I 58 -17.24 41.69 -13.09
C GLN I 58 -16.84 42.74 -12.05
N CYS I 59 -17.32 43.98 -12.22
CA CYS I 59 -16.90 45.09 -11.36
C CYS I 59 -18.04 45.82 -10.65
N GLN I 60 -17.96 45.85 -9.33
CA GLN I 60 -18.92 46.56 -8.47
C GLN I 60 -18.37 47.93 -8.08
N CYS I 61 -19.14 48.69 -7.29
CA CYS I 61 -18.70 49.99 -6.75
C CYS I 61 -19.56 50.46 -5.57
N THR I 62 -19.03 51.43 -4.81
CA THR I 62 -19.78 52.09 -3.73
C THR I 62 -19.32 53.55 -3.63
N SER I 63 -18.92 53.99 -2.44
CA SER I 63 -18.38 55.34 -2.21
C SER I 63 -17.54 55.39 -0.95
N PRO I 101 -15.51 35.97 -32.66
CA PRO I 101 -14.87 36.47 -33.87
C PRO I 101 -13.35 36.55 -33.75
N GLY I 102 -12.85 36.56 -32.52
CA GLY I 102 -11.43 36.77 -32.22
C GLY I 102 -11.25 37.92 -31.25
N HIS I 103 -12.28 38.75 -31.14
CA HIS I 103 -12.27 39.94 -30.30
C HIS I 103 -13.44 39.91 -29.32
N CYS I 104 -13.34 40.71 -28.27
CA CYS I 104 -14.46 40.89 -27.33
C CYS I 104 -15.33 42.08 -27.75
N ARG I 105 -16.59 42.03 -27.35
CA ARG I 105 -17.52 43.14 -27.55
C ARG I 105 -17.44 44.06 -26.32
N GLU I 106 -17.73 45.35 -26.51
CA GLU I 106 -17.67 46.33 -25.43
C GLU I 106 -18.53 45.92 -24.23
N PRO I 107 -17.94 45.93 -23.02
CA PRO I 107 -18.65 45.53 -21.80
C PRO I 107 -19.74 46.52 -21.38
N PRO I 108 -20.89 46.01 -20.90
CA PRO I 108 -22.00 46.86 -20.47
C PRO I 108 -21.66 47.67 -19.20
N PRO I 109 -22.05 48.96 -19.17
CA PRO I 109 -21.74 49.86 -18.06
C PRO I 109 -22.21 49.34 -16.70
N TRP I 110 -21.36 49.47 -15.69
CA TRP I 110 -21.69 49.07 -14.33
C TRP I 110 -22.17 50.26 -13.50
N GLU I 111 -22.54 49.99 -12.25
CA GLU I 111 -23.27 50.93 -11.39
C GLU I 111 -22.66 52.34 -11.27
N ASN I 112 -21.34 52.43 -11.16
CA ASN I 112 -20.68 53.74 -11.12
C ASN I 112 -19.34 53.78 -11.85
N GLU I 113 -19.31 54.53 -12.96
CA GLU I 113 -18.10 54.67 -13.77
C GLU I 113 -18.01 56.06 -14.38
N ALA I 114 -16.89 56.73 -14.15
CA ALA I 114 -16.71 58.12 -14.57
C ALA I 114 -15.97 58.28 -15.90
N THR I 115 -16.21 59.41 -16.57
CA THR I 115 -15.47 59.86 -17.76
C THR I 115 -15.47 58.82 -18.91
N GLU I 116 -14.56 59.02 -19.86
CA GLU I 116 -14.24 58.00 -20.85
C GLU I 116 -13.42 56.94 -20.10
N ARG I 117 -13.66 55.67 -20.42
CA ARG I 117 -12.99 54.56 -19.74
C ARG I 117 -11.48 54.55 -20.02
N ILE I 118 -10.69 54.34 -18.97
CA ILE I 118 -9.23 54.23 -19.11
C ILE I 118 -8.86 52.77 -19.42
N TYR I 119 -8.80 52.46 -20.71
CA TYR I 119 -8.45 51.13 -21.18
C TYR I 119 -6.94 50.96 -21.21
N HIS I 120 -6.50 49.71 -21.32
CA HIS I 120 -5.14 49.37 -21.64
C HIS I 120 -5.19 48.48 -22.87
N PHE I 121 -5.01 49.09 -24.03
CA PHE I 121 -5.14 48.39 -25.31
C PHE I 121 -3.93 47.50 -25.60
N VAL I 122 -4.07 46.60 -26.56
CA VAL I 122 -2.95 45.76 -27.00
C VAL I 122 -2.46 46.22 -28.37
N VAL I 123 -1.23 45.85 -28.72
CA VAL I 123 -0.64 46.23 -30.00
C VAL I 123 -1.50 45.69 -31.16
N GLY I 124 -1.81 46.57 -32.10
CA GLY I 124 -2.65 46.23 -33.25
C GLY I 124 -4.11 46.61 -33.12
N GLN I 125 -4.47 47.24 -31.99
CA GLN I 125 -5.84 47.66 -31.75
C GLN I 125 -6.13 48.97 -32.48
N MET I 126 -7.33 49.07 -33.04
CA MET I 126 -7.71 50.22 -33.86
C MET I 126 -9.03 50.84 -33.39
N VAL I 127 -8.99 52.14 -33.08
CA VAL I 127 -10.18 52.90 -32.70
C VAL I 127 -10.60 53.88 -33.79
N TYR I 128 -11.85 54.32 -33.74
CA TYR I 128 -12.39 55.22 -34.76
C TYR I 128 -12.89 56.53 -34.17
N TYR I 129 -12.54 57.63 -34.83
CA TYR I 129 -12.99 58.96 -34.43
C TYR I 129 -14.30 59.30 -35.13
N GLN I 130 -15.17 60.01 -34.40
CA GLN I 130 -16.43 60.50 -34.95
C GLN I 130 -16.63 61.99 -34.61
N CYS I 131 -17.08 62.76 -35.61
CA CYS I 131 -17.37 64.17 -35.42
C CYS I 131 -18.81 64.37 -34.92
N VAL I 132 -18.94 64.91 -33.70
CA VAL I 132 -20.24 65.18 -33.11
C VAL I 132 -20.52 66.68 -33.13
N GLN I 133 -21.43 67.10 -34.01
CA GLN I 133 -21.86 68.50 -34.18
C GLN I 133 -20.80 69.45 -34.76
N GLY I 134 -19.53 69.11 -34.60
CA GLY I 134 -18.44 69.81 -35.27
C GLY I 134 -18.32 69.28 -36.70
N TYR I 135 -18.53 70.15 -37.68
CA TYR I 135 -18.58 69.74 -39.07
C TYR I 135 -17.27 69.96 -39.84
N ARG I 136 -16.55 68.85 -40.08
CA ARG I 136 -15.40 68.84 -40.96
C ARG I 136 -15.20 67.43 -41.54
N ALA I 137 -15.17 67.33 -42.87
CA ALA I 137 -15.06 66.04 -43.54
C ALA I 137 -14.34 66.15 -44.89
N LEU I 138 -13.23 66.91 -44.91
CA LEU I 138 -12.39 67.01 -46.10
C LEU I 138 -11.66 65.69 -46.38
N HIS I 139 -11.40 64.95 -45.30
CA HIS I 139 -10.92 63.57 -45.39
C HIS I 139 -12.14 62.66 -45.55
N ARG I 140 -12.26 62.04 -46.72
CA ARG I 140 -13.41 61.18 -47.05
C ARG I 140 -13.35 59.83 -46.34
N GLY I 141 -12.28 59.07 -46.60
CA GLY I 141 -12.11 57.73 -46.01
C GLY I 141 -11.44 57.79 -44.65
N PRO I 142 -12.19 57.43 -43.59
CA PRO I 142 -11.69 57.55 -42.22
C PRO I 142 -10.90 56.32 -41.76
N ALA I 143 -9.60 56.50 -41.52
CA ALA I 143 -8.72 55.44 -41.04
C ALA I 143 -7.51 56.00 -40.29
N GLU I 144 -7.59 56.00 -38.96
CA GLU I 144 -6.50 56.48 -38.11
C GLU I 144 -6.50 55.74 -36.76
N SER I 145 -5.46 56.02 -35.97
CA SER I 145 -5.28 55.48 -34.61
C SER I 145 -5.18 53.95 -34.51
N VAL I 146 -3.97 53.44 -34.77
CA VAL I 146 -3.66 52.01 -34.64
C VAL I 146 -2.36 51.87 -33.83
N CYS I 147 -2.29 50.83 -33.00
CA CYS I 147 -1.08 50.57 -32.23
C CYS I 147 -0.04 49.80 -33.05
N LYS I 148 1.18 50.31 -33.06
CA LYS I 148 2.29 49.68 -33.76
C LYS I 148 3.56 49.67 -32.91
N MET I 149 4.32 48.58 -33.01
CA MET I 149 5.61 48.47 -32.35
C MET I 149 6.71 49.04 -33.24
N THR I 150 6.94 50.35 -33.10
CA THR I 150 7.97 51.04 -33.88
C THR I 150 9.33 50.87 -33.21
N HIS I 151 10.10 49.92 -33.75
CA HIS I 151 11.46 49.57 -33.29
C HIS I 151 11.70 49.49 -31.77
N GLY I 152 10.67 49.11 -31.02
CA GLY I 152 10.82 48.92 -29.57
C GLY I 152 9.80 49.63 -28.70
N LYS I 153 9.28 50.77 -29.19
CA LYS I 153 8.29 51.53 -28.44
C LYS I 153 6.95 51.59 -29.16
N THR I 154 5.86 51.54 -28.39
CA THR I 154 4.51 51.60 -28.92
C THR I 154 4.05 53.03 -29.19
N ARG I 155 3.28 53.21 -30.27
CA ARG I 155 2.78 54.54 -30.65
C ARG I 155 1.42 54.48 -31.34
N TRP I 156 0.72 55.62 -31.36
CA TRP I 156 -0.56 55.75 -32.04
C TRP I 156 -0.42 56.59 -33.32
#